data_8X2D
#
_entry.id   8X2D
#
_cell.length_a   80.680
_cell.length_b   107.034
_cell.length_c   134.326
_cell.angle_alpha   90.000
_cell.angle_beta   100.470
_cell.angle_gamma   90.000
#
_symmetry.space_group_name_H-M   'P 1 21 1'
#
loop_
_entity.id
_entity.type
_entity.pdbx_description
1 polymer Hemagglutinin
2 branched 'N-acetyl-alpha-neuraminic acid-(2-6)-beta-D-galactopyranose-(1-4)-2-acetamido-2-deoxy-beta-D-glucopyranose-(1-3)-beta-D-galactopyranose'
3 branched 2-acetamido-2-deoxy-beta-D-glucopyranose-(1-4)-2-acetamido-2-deoxy-beta-D-glucopyranose
4 branched 'N-acetyl-alpha-neuraminic acid-(2-6)-beta-D-galactopyranose-(1-4)-2-acetamido-2-deoxy-beta-D-glucopyranose'
5 non-polymer 2-acetamido-2-deoxy-beta-D-glucopyranose
6 water water
#
_entity_poly.entity_id   1
_entity_poly.type   'polypeptide(L)'
_entity_poly.pdbx_seq_one_letter_code
;DQICIGYHANNSTEQVDTIMEKNVTVTHAQDILEKTHNGKLCDLNGVKPLILKDCSVAGWLLGNPMCDEFIRVPEWSYIV
ERANPVNDLCYPGSLNDYEELKHLLSRINHFEKILIIPKSSWPNHETSLGVSAACPYQGAPSFFRNVVWLIKKNDAYPTI
KISYNNTNREDLLILWGIHHSNNAEEQINLYKNPTTYISVGTSTLNQRLVPKIATRSQVNGQRGRMDFFWTILKPDDAIH
FESNGNFIAPEYAYKIVKKGDSTIMKSGVEYGNCNTKCQTPVGAINSSMPFHNIHPLTIGECPKYVKSNKLVLATGLRNS
PLREKRRKRGLFGAIAGFIEGGWQGMVDGWYGYHHSNEQGSGYAADKESTQKAIDGVTNKVNSIIDKMNTQFEAVGREFN
NLERRIENLNKKMEDGFLDVWTYNAELLVLMENERTLDFHDSNVKNLYDKVRLQLRDNAKELGNGCFEFYHKCDNECMES
VRNGTYDYPQYSEEARLKREEISGVK
;
_entity_poly.pdbx_strand_id   A,B,C
#
# COMPACT_ATOMS: atom_id res chain seq x y z
N ASP A 1 -8.64 64.89 -3.77
CA ASP A 1 -9.62 63.78 -3.63
C ASP A 1 -8.96 62.46 -4.07
N GLN A 2 -9.23 61.34 -3.39
CA GLN A 2 -8.49 60.08 -3.71
C GLN A 2 -9.25 58.82 -3.30
N ILE A 3 -9.07 57.74 -4.05
CA ILE A 3 -9.64 56.40 -3.68
C ILE A 3 -8.49 55.41 -3.77
N CYS A 4 -8.38 54.52 -2.80
CA CYS A 4 -7.32 53.51 -2.78
C CYS A 4 -7.91 52.12 -2.77
N ILE A 5 -7.16 51.19 -3.34
CA ILE A 5 -7.39 49.75 -3.18
C ILE A 5 -6.43 49.21 -2.14
N GLY A 6 -6.91 48.26 -1.33
CA GLY A 6 -6.03 47.63 -0.38
C GLY A 6 -6.71 46.42 0.22
N TYR A 7 -6.04 45.82 1.20
CA TYR A 7 -6.45 44.52 1.67
C TYR A 7 -6.33 44.46 3.18
N HIS A 8 -6.89 43.40 3.76
CA HIS A 8 -7.09 43.29 5.19
C HIS A 8 -5.78 43.01 5.92
N ALA A 9 -5.70 43.50 7.15
CA ALA A 9 -4.58 43.23 8.05
C ALA A 9 -5.13 43.09 9.46
N ASN A 10 -4.49 42.24 10.26
CA ASN A 10 -4.93 42.07 11.63
C ASN A 10 -3.73 41.69 12.48
N ASN A 11 -4.00 41.31 13.73
CA ASN A 11 -2.96 41.01 14.69
C ASN A 11 -2.64 39.51 14.75
N SER A 12 -2.92 38.77 13.67
CA SER A 12 -2.76 37.34 13.71
C SER A 12 -1.28 36.97 13.73
N THR A 13 -0.95 35.97 14.53
CA THR A 13 0.37 35.37 14.51
C THR A 13 0.35 33.98 13.92
N GLU A 14 -0.82 33.51 13.47
CA GLU A 14 -0.91 32.19 12.86
C GLU A 14 -0.02 32.13 11.62
N GLN A 15 0.68 31.02 11.47
CA GLN A 15 1.64 30.82 10.41
C GLN A 15 1.26 29.59 9.60
N VAL A 16 1.40 29.66 8.28
CA VAL A 16 1.29 28.50 7.40
C VAL A 16 2.60 28.35 6.62
N ASP A 17 2.71 27.20 5.97
CA ASP A 17 3.87 26.81 5.19
C ASP A 17 3.48 26.61 3.74
N THR A 18 4.40 26.94 2.84
CA THR A 18 4.24 26.72 1.41
C THR A 18 5.48 26.00 0.89
N ILE A 19 5.47 25.66 -0.40
CA ILE A 19 6.61 24.96 -0.97
C ILE A 19 7.82 25.88 -1.04
N MET A 20 7.61 27.13 -1.47
CA MET A 20 8.71 28.05 -1.62
C MET A 20 9.04 28.82 -0.34
N GLU A 21 8.13 28.88 0.64
CA GLU A 21 8.35 29.67 1.85
C GLU A 21 7.65 29.02 3.04
N LYS A 22 8.33 28.98 4.17
CA LYS A 22 7.76 28.46 5.41
C LYS A 22 7.45 29.60 6.37
N ASN A 23 6.60 29.29 7.36
CA ASN A 23 6.29 30.23 8.45
C ASN A 23 5.77 31.56 7.90
N VAL A 24 4.83 31.48 6.96
CA VAL A 24 4.19 32.67 6.41
C VAL A 24 3.04 33.06 7.32
N THR A 25 3.11 34.27 7.86
CA THR A 25 2.06 34.76 8.74
C THR A 25 0.85 35.17 7.91
N VAL A 26 -0.28 34.53 8.19
CA VAL A 26 -1.50 34.76 7.41
C VAL A 26 -2.56 35.37 8.32
N THR A 27 -3.54 36.04 7.72
CA THR A 27 -4.54 36.75 8.52
C THR A 27 -5.50 35.77 9.20
N HIS A 28 -5.91 34.73 8.48
CA HIS A 28 -6.80 33.69 8.99
C HIS A 28 -6.27 32.33 8.55
N ALA A 29 -6.52 31.33 9.38
CA ALA A 29 -5.96 30.01 9.14
C ALA A 29 -6.85 28.99 9.82
N GLN A 30 -6.86 27.76 9.30
CA GLN A 30 -7.64 26.71 9.91
C GLN A 30 -6.77 25.50 10.21
N ASP A 31 -6.61 25.21 11.50
CA ASP A 31 -6.00 23.96 11.92
C ASP A 31 -6.85 22.77 11.50
N ILE A 32 -6.20 21.74 10.95
CA ILE A 32 -6.91 20.53 10.63
C ILE A 32 -6.37 19.31 11.38
N LEU A 33 -5.45 19.51 12.33
CA LEU A 33 -4.77 18.40 12.98
C LEU A 33 -5.13 18.37 14.46
N GLU A 34 -5.65 17.23 14.93
CA GLU A 34 -5.89 17.06 16.36
C GLU A 34 -4.64 16.49 17.00
N LYS A 35 -4.22 17.10 18.11
CA LYS A 35 -2.97 16.74 18.76
C LYS A 35 -3.13 16.46 20.25
N THR A 36 -4.36 16.39 20.77
CA THR A 36 -4.58 16.25 22.21
C THR A 36 -5.51 15.09 22.52
N HIS A 37 -5.32 14.51 23.70
CA HIS A 37 -6.15 13.43 24.17
C HIS A 37 -6.24 13.49 25.69
N ASN A 38 -7.30 12.90 26.24
CA ASN A 38 -7.49 12.92 27.70
C ASN A 38 -6.64 11.89 28.45
N GLY A 39 -5.82 11.06 27.80
CA GLY A 39 -4.98 10.15 28.57
C GLY A 39 -5.69 9.10 29.41
N LYS A 40 -6.90 8.72 29.00
CA LYS A 40 -7.78 7.83 29.76
C LYS A 40 -8.44 6.86 28.78
N LEU A 41 -8.96 5.76 29.32
CA LEU A 41 -9.79 4.82 28.57
C LEU A 41 -11.25 5.08 28.94
N CYS A 42 -12.12 5.06 27.94
CA CYS A 42 -13.48 5.52 28.13
C CYS A 42 -14.47 4.54 27.50
N ASP A 43 -15.72 4.66 27.94
CA ASP A 43 -16.82 4.04 27.24
C ASP A 43 -16.88 4.54 25.80
N LEU A 44 -17.39 3.69 24.92
CA LEU A 44 -17.62 4.05 23.51
C LEU A 44 -19.12 4.14 23.27
N ASN A 45 -19.63 5.37 23.15
CA ASN A 45 -21.07 5.64 22.97
C ASN A 45 -21.88 4.97 24.06
N GLY A 46 -21.43 5.11 25.31
CA GLY A 46 -22.15 4.63 26.46
C GLY A 46 -21.91 3.20 26.83
N VAL A 47 -21.08 2.47 26.08
CA VAL A 47 -20.80 1.07 26.34
C VAL A 47 -19.38 0.94 26.90
N LYS A 48 -19.27 0.38 28.12
CA LYS A 48 -17.99 0.31 28.79
C LYS A 48 -17.14 -0.82 28.21
N PRO A 49 -15.83 -0.63 28.06
CA PRO A 49 -15.00 -1.70 27.49
C PRO A 49 -14.84 -2.85 28.49
N LEU A 50 -14.50 -4.01 27.95
CA LEU A 50 -14.09 -5.11 28.81
C LEU A 50 -12.62 -4.93 29.13
N ILE A 51 -12.31 -4.59 30.37
CA ILE A 51 -10.94 -4.35 30.81
C ILE A 51 -10.49 -5.64 31.51
N LEU A 52 -9.61 -6.39 30.88
CA LEU A 52 -9.23 -7.68 31.43
C LEU A 52 -8.22 -7.54 32.54
N LYS A 53 -7.83 -6.33 32.90
CA LYS A 53 -6.81 -6.07 33.91
C LYS A 53 -5.56 -6.87 33.62
N ASP A 54 -5.19 -7.78 34.51
CA ASP A 54 -3.96 -8.56 34.32
C ASP A 54 -4.23 -9.97 33.75
N CYS A 55 -5.40 -10.19 33.18
CA CYS A 55 -5.76 -11.48 32.59
C CYS A 55 -5.65 -11.41 31.08
N SER A 56 -5.12 -12.46 30.49
CA SER A 56 -5.04 -12.53 29.03
C SER A 56 -6.37 -13.02 28.48
N VAL A 57 -6.55 -12.93 27.16
CA VAL A 57 -7.77 -13.48 26.58
C VAL A 57 -7.88 -14.98 26.89
N ALA A 58 -6.75 -15.70 26.88
CA ALA A 58 -6.78 -17.14 27.15
C ALA A 58 -7.19 -17.44 28.59
N GLY A 59 -6.64 -16.67 29.55
CA GLY A 59 -6.99 -16.83 30.94
C GLY A 59 -8.45 -16.56 31.22
N TRP A 60 -9.03 -15.58 30.51
CA TRP A 60 -10.45 -15.26 30.67
C TRP A 60 -11.31 -16.40 30.15
N LEU A 61 -11.05 -16.86 28.91
CA LEU A 61 -11.94 -17.82 28.27
C LEU A 61 -11.82 -19.21 28.86
N LEU A 62 -10.60 -19.63 29.22
CA LEU A 62 -10.40 -20.91 29.91
C LEU A 62 -10.87 -20.86 31.37
N GLY A 63 -10.86 -19.67 31.99
CA GLY A 63 -11.33 -19.49 33.35
C GLY A 63 -10.24 -19.74 34.36
N ASN A 64 -9.04 -19.21 34.11
CA ASN A 64 -8.00 -19.18 35.11
C ASN A 64 -8.57 -18.69 36.43
N PRO A 65 -8.41 -19.44 37.53
CA PRO A 65 -9.05 -19.05 38.81
C PRO A 65 -8.70 -17.66 39.26
N MET A 66 -7.63 -17.07 38.75
CA MET A 66 -7.23 -15.72 39.13
C MET A 66 -7.96 -14.64 38.30
N CYS A 67 -8.89 -15.06 37.47
CA CYS A 67 -9.64 -14.19 36.59
C CYS A 67 -11.15 -14.25 36.90
N ASP A 68 -11.53 -14.75 38.09
CA ASP A 68 -12.94 -15.01 38.38
C ASP A 68 -13.79 -13.78 38.17
N GLU A 69 -13.22 -12.58 38.35
CA GLU A 69 -13.93 -11.33 38.07
C GLU A 69 -14.65 -11.32 36.73
N PHE A 70 -14.13 -12.05 35.75
CA PHE A 70 -14.69 -12.09 34.40
C PHE A 70 -15.52 -13.35 34.15
N ILE A 71 -16.19 -13.87 35.18
CA ILE A 71 -16.98 -15.09 35.01
C ILE A 71 -18.24 -14.77 34.19
N ARG A 72 -18.79 -13.57 34.36
CA ARG A 72 -20.00 -13.13 33.64
C ARG A 72 -19.79 -11.66 33.27
N VAL A 73 -19.32 -11.42 32.06
CA VAL A 73 -18.99 -10.07 31.60
C VAL A 73 -20.18 -9.54 30.82
N PRO A 74 -20.62 -8.31 31.08
CA PRO A 74 -21.65 -7.71 30.24
C PRO A 74 -21.07 -7.33 28.88
N GLU A 75 -21.99 -7.03 27.96
CA GLU A 75 -21.67 -6.57 26.63
C GLU A 75 -20.67 -5.42 26.66
N TRP A 76 -19.66 -5.49 25.79
CA TRP A 76 -18.54 -4.54 25.73
C TRP A 76 -18.44 -3.86 24.37
N SER A 77 -17.72 -2.74 24.36
CA SER A 77 -17.46 -2.03 23.11
C SER A 77 -16.12 -2.41 22.51
N TYR A 78 -15.08 -2.50 23.33
CA TYR A 78 -13.77 -2.96 22.93
C TYR A 78 -13.16 -3.66 24.14
N ILE A 79 -12.13 -4.47 23.90
CA ILE A 79 -11.49 -5.23 24.95
C ILE A 79 -10.11 -4.63 25.19
N VAL A 80 -9.72 -4.52 26.45
CA VAL A 80 -8.44 -3.96 26.84
C VAL A 80 -7.60 -5.03 27.54
N GLU A 81 -6.44 -5.31 26.98
CA GLU A 81 -5.53 -6.33 27.48
C GLU A 81 -4.19 -5.66 27.71
N ARG A 82 -3.55 -5.96 28.82
CA ARG A 82 -2.18 -5.47 28.94
C ARG A 82 -1.28 -6.20 27.95
N ALA A 83 -0.13 -5.58 27.67
CA ALA A 83 0.78 -6.12 26.65
C ALA A 83 1.37 -7.45 27.09
N ASN A 84 1.62 -7.64 28.38
CA ASN A 84 2.09 -8.91 28.94
C ASN A 84 1.27 -9.29 30.17
N PRO A 85 0.06 -9.81 29.96
CA PRO A 85 -0.79 -10.17 31.10
C PRO A 85 -0.16 -11.25 31.96
N VAL A 86 -0.33 -11.14 33.28
CA VAL A 86 0.28 -12.03 34.27
C VAL A 86 -0.53 -13.31 34.45
N ASN A 87 -1.85 -13.24 34.30
CA ASN A 87 -2.71 -14.41 34.50
C ASN A 87 -3.10 -14.90 33.13
N ASP A 88 -2.24 -15.73 32.56
CA ASP A 88 -2.51 -16.30 31.27
C ASP A 88 -2.83 -17.79 31.43
N LEU A 89 -1.87 -18.68 31.24
CA LEU A 89 -2.12 -20.12 31.31
C LEU A 89 -1.47 -20.60 32.62
N CYS A 90 -2.26 -20.69 33.68
CA CYS A 90 -1.65 -20.93 34.98
C CYS A 90 -1.00 -22.32 34.99
N TYR A 91 -1.70 -23.32 34.44
CA TYR A 91 -1.05 -24.57 34.04
C TYR A 91 -0.37 -24.38 32.68
N PRO A 92 0.94 -24.56 32.58
CA PRO A 92 1.64 -24.20 31.33
C PRO A 92 1.19 -25.08 30.15
N GLY A 93 1.35 -24.55 28.96
CA GLY A 93 0.98 -25.30 27.76
C GLY A 93 0.72 -24.34 26.63
N SER A 94 -0.38 -24.53 25.91
CA SER A 94 -0.73 -23.63 24.81
C SER A 94 -2.23 -23.59 24.62
N LEU A 95 -2.69 -22.54 23.91
CA LEU A 95 -4.02 -22.51 23.30
C LEU A 95 -3.80 -22.45 21.79
N ASN A 96 -4.26 -23.47 21.07
CA ASN A 96 -4.02 -23.60 19.63
C ASN A 96 -4.78 -22.52 18.85
N ASP A 97 -4.17 -22.05 17.75
CA ASP A 97 -4.76 -21.03 16.90
C ASP A 97 -5.25 -19.84 17.74
N TYR A 98 -4.38 -19.38 18.64
CA TYR A 98 -4.77 -18.31 19.56
C TYR A 98 -4.98 -16.98 18.82
N GLU A 99 -4.06 -16.64 17.92
CA GLU A 99 -4.20 -15.40 17.16
C GLU A 99 -5.45 -15.40 16.28
N GLU A 100 -5.90 -16.55 15.79
CA GLU A 100 -7.12 -16.59 15.00
C GLU A 100 -8.36 -16.49 15.89
N LEU A 101 -8.29 -17.04 17.09
CA LEU A 101 -9.37 -16.85 18.06
C LEU A 101 -9.52 -15.39 18.46
N LYS A 102 -8.40 -14.70 18.67
CA LYS A 102 -8.44 -13.27 18.95
C LYS A 102 -9.02 -12.49 17.77
N HIS A 103 -8.83 -12.97 16.54
CA HIS A 103 -9.39 -12.25 15.39
C HIS A 103 -10.90 -12.42 15.32
N LEU A 104 -11.41 -13.61 15.68
CA LEU A 104 -12.86 -13.79 15.79
C LEU A 104 -13.42 -12.90 16.88
N LEU A 105 -12.75 -12.87 18.03
CA LEU A 105 -13.17 -12.12 19.20
C LEU A 105 -13.24 -10.62 18.95
N SER A 106 -12.45 -10.14 17.99
CA SER A 106 -12.38 -8.68 17.72
C SER A 106 -13.62 -8.27 16.91
N ARG A 107 -14.48 -9.23 16.60
CA ARG A 107 -15.74 -8.93 15.88
C ARG A 107 -16.91 -9.37 16.74
N ILE A 108 -16.66 -9.51 18.05
CA ILE A 108 -17.71 -10.01 18.98
C ILE A 108 -17.90 -8.99 20.10
N ASN A 109 -19.15 -8.66 20.39
CA ASN A 109 -19.47 -7.69 21.43
C ASN A 109 -20.04 -8.30 22.70
N HIS A 110 -20.49 -9.56 22.66
CA HIS A 110 -21.07 -10.18 23.84
C HIS A 110 -21.08 -11.68 23.69
N PHE A 111 -20.62 -12.36 24.74
CA PHE A 111 -20.73 -13.79 24.98
C PHE A 111 -21.81 -14.03 26.03
N GLU A 112 -22.57 -15.10 25.86
CA GLU A 112 -23.39 -15.68 26.93
C GLU A 112 -22.85 -17.07 27.27
N LYS A 113 -22.27 -17.22 28.45
CA LYS A 113 -21.70 -18.50 28.87
C LYS A 113 -22.80 -19.47 29.29
N ILE A 114 -22.73 -20.71 28.82
CA ILE A 114 -23.75 -21.68 29.19
C ILE A 114 -23.07 -22.97 29.63
N LEU A 115 -23.75 -23.68 30.54
CA LEU A 115 -23.32 -25.00 30.98
C LEU A 115 -23.76 -26.04 29.96
N ILE A 116 -22.80 -26.67 29.28
CA ILE A 116 -23.08 -27.60 28.19
C ILE A 116 -22.87 -29.05 28.60
N ILE A 117 -21.87 -29.35 29.44
CA ILE A 117 -21.66 -30.69 30.01
C ILE A 117 -21.45 -30.61 31.52
N PRO A 118 -22.44 -30.95 32.34
CA PRO A 118 -22.27 -30.89 33.80
C PRO A 118 -21.51 -32.12 34.33
N LYS A 119 -21.01 -31.98 35.57
CA LYS A 119 -20.18 -33.03 36.16
C LYS A 119 -20.95 -34.32 36.40
N SER A 120 -22.27 -34.23 36.52
CA SER A 120 -23.10 -35.43 36.59
C SER A 120 -22.99 -36.28 35.34
N SER A 121 -22.55 -35.71 34.22
CA SER A 121 -22.35 -36.47 33.00
C SER A 121 -21.17 -37.43 33.11
N TRP A 122 -20.44 -37.38 34.22
CA TRP A 122 -19.25 -38.21 34.44
C TRP A 122 -19.44 -39.11 35.65
N PRO A 123 -20.34 -40.09 35.58
CA PRO A 123 -20.55 -41.00 36.74
C PRO A 123 -19.37 -41.88 37.05
N ASN A 124 -18.63 -42.35 36.05
CA ASN A 124 -17.55 -43.30 36.21
C ASN A 124 -16.17 -42.66 36.10
N HIS A 125 -16.09 -41.33 36.24
CA HIS A 125 -14.81 -40.68 36.27
C HIS A 125 -14.75 -39.77 37.49
N GLU A 126 -13.53 -39.52 37.96
CA GLU A 126 -13.34 -38.58 39.08
C GLU A 126 -13.29 -37.16 38.55
N THR A 127 -14.12 -36.28 39.11
CA THR A 127 -14.26 -34.90 38.65
C THR A 127 -13.78 -33.86 39.66
N SER A 128 -13.34 -34.25 40.86
CA SER A 128 -12.93 -33.30 41.90
C SER A 128 -11.43 -33.23 42.15
N LEU A 129 -10.63 -34.03 41.45
CA LEU A 129 -9.21 -34.13 41.76
C LEU A 129 -8.33 -33.46 40.73
N GLY A 130 -8.92 -32.95 39.64
CA GLY A 130 -8.15 -32.36 38.56
C GLY A 130 -7.80 -30.94 38.93
N VAL A 131 -6.86 -30.79 39.86
CA VAL A 131 -6.42 -29.48 40.34
C VAL A 131 -4.89 -29.47 40.37
N SER A 132 -4.33 -28.25 40.42
CA SER A 132 -2.87 -28.07 40.47
C SER A 132 -2.51 -26.82 41.27
N ALA A 133 -1.35 -26.89 41.92
CA ALA A 133 -0.80 -25.73 42.62
C ALA A 133 -0.30 -24.66 41.64
N ALA A 134 -0.19 -25.02 40.37
CA ALA A 134 0.05 -24.05 39.31
C ALA A 134 -1.14 -23.12 39.08
N CYS A 135 -2.34 -23.52 39.51
CA CYS A 135 -3.57 -22.74 39.39
C CYS A 135 -4.16 -22.57 40.78
N PRO A 136 -3.46 -21.85 41.65
CA PRO A 136 -3.95 -21.65 43.01
C PRO A 136 -5.28 -20.93 43.05
N TYR A 137 -6.03 -21.18 44.11
CA TYR A 137 -7.19 -20.36 44.47
C TYR A 137 -7.32 -20.38 45.99
N GLN A 138 -7.21 -19.22 46.61
CA GLN A 138 -7.42 -19.12 48.04
C GLN A 138 -6.49 -20.09 48.75
N GLY A 139 -5.22 -20.07 48.35
CA GLY A 139 -4.20 -20.82 49.05
C GLY A 139 -4.22 -22.31 48.83
N ALA A 140 -4.95 -22.79 47.82
CA ALA A 140 -5.11 -24.21 47.57
C ALA A 140 -5.07 -24.50 46.09
N PRO A 141 -4.69 -25.73 45.71
CA PRO A 141 -4.76 -26.10 44.30
C PRO A 141 -6.17 -26.00 43.74
N SER A 142 -6.24 -25.54 42.50
CA SER A 142 -7.48 -25.39 41.74
C SER A 142 -7.15 -25.58 40.26
N PHE A 143 -8.07 -25.16 39.39
CA PHE A 143 -7.89 -25.42 37.97
C PHE A 143 -8.75 -24.43 37.19
N PHE A 144 -8.47 -24.33 35.88
CA PHE A 144 -9.34 -23.61 34.95
C PHE A 144 -10.80 -23.98 35.20
N ARG A 145 -11.67 -22.97 35.19
CA ARG A 145 -13.04 -23.17 35.64
C ARG A 145 -14.01 -23.61 34.56
N ASN A 146 -13.66 -23.55 33.28
CA ASN A 146 -14.66 -23.81 32.25
C ASN A 146 -14.50 -25.17 31.66
N VAL A 147 -13.55 -25.92 32.19
CA VAL A 147 -13.02 -27.12 31.59
C VAL A 147 -12.67 -28.03 32.77
N VAL A 148 -12.82 -29.34 32.60
CA VAL A 148 -12.70 -30.31 33.70
C VAL A 148 -11.56 -31.29 33.39
N TRP A 149 -10.57 -31.33 34.27
CA TRP A 149 -9.46 -32.29 34.20
C TRP A 149 -9.96 -33.60 34.83
N LEU A 150 -10.45 -34.51 33.99
CA LEU A 150 -11.03 -35.75 34.48
C LEU A 150 -9.92 -36.74 34.85
N ILE A 151 -10.22 -37.58 35.82
CA ILE A 151 -9.22 -38.47 36.41
C ILE A 151 -9.88 -39.84 36.62
N LYS A 152 -9.06 -40.88 36.69
CA LYS A 152 -9.58 -42.23 36.94
C LYS A 152 -10.36 -42.28 38.24
N LYS A 153 -11.32 -43.20 38.28
CA LYS A 153 -12.14 -43.44 39.46
C LYS A 153 -12.10 -44.93 39.77
N ASN A 154 -11.90 -45.29 41.03
CA ASN A 154 -11.79 -46.71 41.40
C ASN A 154 -10.71 -47.41 40.57
N ASP A 155 -9.62 -46.68 40.28
CA ASP A 155 -8.47 -47.23 39.55
C ASP A 155 -8.85 -47.65 38.12
N ALA A 156 -9.80 -46.93 37.54
CA ALA A 156 -10.25 -47.26 36.20
C ALA A 156 -10.67 -45.97 35.50
N TYR A 157 -10.44 -45.94 34.20
CA TYR A 157 -10.83 -44.85 33.31
C TYR A 157 -11.54 -45.47 32.10
N PRO A 158 -12.85 -45.61 32.19
CA PRO A 158 -13.60 -46.14 31.06
C PRO A 158 -13.54 -45.17 29.89
N THR A 159 -13.71 -45.72 28.70
CA THR A 159 -13.64 -44.91 27.50
C THR A 159 -14.85 -43.99 27.41
N ILE A 160 -14.57 -42.71 27.20
CA ILE A 160 -15.56 -41.65 27.17
C ILE A 160 -16.07 -41.49 25.74
N LYS A 161 -17.40 -41.53 25.59
CA LYS A 161 -18.06 -41.25 24.33
C LYS A 161 -19.24 -40.36 24.65
N ILE A 162 -19.16 -39.08 24.29
CA ILE A 162 -20.22 -38.13 24.57
C ILE A 162 -20.39 -37.23 23.35
N SER A 163 -21.64 -36.84 23.10
CA SER A 163 -21.96 -35.91 22.03
C SER A 163 -22.80 -34.77 22.57
N TYR A 164 -22.47 -33.54 22.15
CA TYR A 164 -23.29 -32.37 22.45
C TYR A 164 -23.80 -31.74 21.16
N ASN A 165 -25.11 -31.64 21.03
CA ASN A 165 -25.78 -31.00 19.91
C ASN A 165 -26.09 -29.56 20.27
N ASN A 166 -25.66 -28.61 19.44
CA ASN A 166 -25.96 -27.21 19.68
C ASN A 166 -27.42 -26.93 19.37
N THR A 167 -28.26 -26.93 20.41
CA THR A 167 -29.69 -26.65 20.25
C THR A 167 -30.00 -25.16 20.40
N ASN A 168 -29.02 -24.35 20.75
CA ASN A 168 -29.17 -22.91 20.68
C ASN A 168 -29.17 -22.48 19.22
N ARG A 169 -29.65 -21.27 18.98
CA ARG A 169 -29.72 -20.81 17.61
C ARG A 169 -28.58 -19.86 17.26
N GLU A 170 -27.46 -19.96 17.96
CA GLU A 170 -26.31 -19.10 17.71
C GLU A 170 -25.02 -19.92 17.77
N ASP A 171 -23.96 -19.37 17.18
CA ASP A 171 -22.66 -20.05 17.17
C ASP A 171 -22.17 -20.25 18.61
N LEU A 172 -21.52 -21.38 18.84
CA LEU A 172 -21.04 -21.77 20.15
C LEU A 172 -19.52 -21.99 20.12
N LEU A 173 -18.78 -21.20 20.86
CA LEU A 173 -17.35 -21.44 21.04
C LEU A 173 -17.14 -22.49 22.14
N ILE A 174 -16.46 -23.58 21.81
CA ILE A 174 -16.20 -24.69 22.74
C ILE A 174 -14.69 -24.87 22.87
N LEU A 175 -14.21 -25.07 24.11
CA LEU A 175 -12.80 -25.32 24.39
C LEU A 175 -12.63 -26.70 25.03
N TRP A 176 -11.46 -27.31 24.81
CA TRP A 176 -11.11 -28.57 25.45
C TRP A 176 -9.60 -28.69 25.42
N GLY A 177 -9.08 -29.80 25.95
CA GLY A 177 -7.63 -29.90 26.04
C GLY A 177 -7.14 -31.32 26.21
N ILE A 178 -5.81 -31.40 26.26
CA ILE A 178 -5.12 -32.65 26.48
C ILE A 178 -3.99 -32.37 27.44
N HIS A 179 -3.84 -33.23 28.44
CA HIS A 179 -2.74 -33.18 29.40
C HIS A 179 -1.64 -34.13 28.92
N HIS A 180 -0.45 -33.59 28.73
CA HIS A 180 0.74 -34.39 28.50
C HIS A 180 1.36 -34.72 29.86
N SER A 181 1.35 -36.00 30.23
CA SER A 181 1.91 -36.40 31.52
C SER A 181 3.43 -36.54 31.41
N ASN A 182 4.08 -36.81 32.53
CA ASN A 182 5.53 -36.69 32.58
C ASN A 182 6.29 -38.02 32.46
N ASN A 183 5.64 -39.14 32.79
CA ASN A 183 6.25 -40.47 32.72
C ASN A 183 5.14 -41.51 32.81
N ALA A 184 5.54 -42.77 32.59
CA ALA A 184 4.59 -43.89 32.59
C ALA A 184 3.93 -44.09 33.96
N GLU A 185 4.65 -43.84 35.06
CA GLU A 185 4.02 -43.99 36.36
C GLU A 185 2.93 -42.91 36.60
N GLU A 186 3.26 -41.64 36.33
CA GLU A 186 2.26 -40.58 36.45
C GLU A 186 1.06 -40.85 35.56
N GLN A 187 1.28 -41.36 34.34
CA GLN A 187 0.18 -41.68 33.43
C GLN A 187 -0.77 -42.70 34.08
N ILE A 188 -0.22 -43.79 34.63
CA ILE A 188 -1.06 -44.76 35.32
C ILE A 188 -1.69 -44.15 36.56
N ASN A 189 -0.91 -43.44 37.39
CA ASN A 189 -1.50 -42.85 38.60
C ASN A 189 -2.68 -41.94 38.26
N LEU A 190 -2.65 -41.26 37.11
CA LEU A 190 -3.72 -40.33 36.79
C LEU A 190 -4.86 -40.97 36.02
N TYR A 191 -4.55 -41.81 35.02
CA TYR A 191 -5.56 -42.33 34.11
C TYR A 191 -5.61 -43.84 33.98
N LYS A 192 -4.84 -44.58 34.78
CA LYS A 192 -4.81 -46.03 34.69
C LYS A 192 -4.32 -46.52 33.32
N ASN A 193 -4.90 -46.03 32.21
CA ASN A 193 -4.59 -46.60 30.89
C ASN A 193 -3.28 -46.01 30.34
N PRO A 194 -2.32 -46.85 29.89
CA PRO A 194 -1.00 -46.37 29.44
C PRO A 194 -0.98 -45.62 28.10
N THR A 195 -1.87 -46.01 27.20
CA THR A 195 -1.87 -45.62 25.78
C THR A 195 -3.21 -44.97 25.53
N THR A 196 -3.23 -43.64 25.41
CA THR A 196 -4.50 -42.92 25.38
C THR A 196 -4.56 -42.04 24.15
N TYR A 197 -5.77 -41.54 23.88
CA TYR A 197 -6.05 -40.70 22.74
C TYR A 197 -7.23 -39.79 23.09
N ILE A 198 -7.41 -38.72 22.31
CA ILE A 198 -8.65 -37.93 22.33
C ILE A 198 -9.07 -37.74 20.88
N SER A 199 -10.30 -38.12 20.57
CA SER A 199 -10.90 -37.85 19.26
C SER A 199 -12.00 -36.82 19.42
N VAL A 200 -12.04 -35.87 18.49
CA VAL A 200 -13.06 -34.82 18.47
C VAL A 200 -13.57 -34.70 17.04
N GLY A 201 -14.87 -34.68 16.88
CA GLY A 201 -15.37 -34.62 15.53
C GLY A 201 -16.65 -33.84 15.50
N THR A 202 -16.82 -33.00 14.48
CA THR A 202 -18.05 -32.25 14.24
C THR A 202 -18.50 -32.55 12.82
N SER A 203 -19.08 -31.55 12.13
CA SER A 203 -19.34 -31.71 10.71
C SER A 203 -18.11 -31.39 9.86
N THR A 204 -17.23 -30.54 10.37
CA THR A 204 -15.99 -30.11 9.71
C THR A 204 -14.74 -30.54 10.45
N LEU A 205 -14.82 -30.92 11.72
CA LEU A 205 -13.63 -31.19 12.51
C LEU A 205 -13.42 -32.69 12.61
N ASN A 206 -12.17 -33.12 12.41
CA ASN A 206 -11.82 -34.54 12.55
C ASN A 206 -10.43 -34.65 13.20
N GLN A 207 -10.38 -34.47 14.52
CA GLN A 207 -9.13 -34.33 15.27
C GLN A 207 -8.81 -35.56 16.12
N ARG A 208 -7.53 -35.96 16.15
CA ARG A 208 -7.06 -37.00 17.07
C ARG A 208 -5.81 -36.53 17.77
N LEU A 209 -5.85 -36.48 19.09
CA LEU A 209 -4.74 -36.04 19.92
C LEU A 209 -4.21 -37.23 20.71
N VAL A 210 -2.90 -37.25 20.92
CA VAL A 210 -2.24 -38.30 21.68
C VAL A 210 -1.23 -37.66 22.63
N PRO A 211 -1.25 -38.02 23.93
CA PRO A 211 -0.32 -37.42 24.88
C PRO A 211 1.11 -37.63 24.43
N LYS A 212 1.95 -36.67 24.76
CA LYS A 212 3.39 -36.77 24.49
C LYS A 212 4.02 -36.87 25.87
N ILE A 213 4.48 -38.06 26.23
CA ILE A 213 4.97 -38.35 27.57
C ILE A 213 6.49 -38.22 27.53
N ALA A 214 6.97 -37.02 27.84
CA ALA A 214 8.39 -36.71 27.72
C ALA A 214 8.85 -35.84 28.88
N THR A 215 10.16 -35.66 28.96
CA THR A 215 10.80 -34.79 29.93
C THR A 215 10.83 -33.36 29.43
N ARG A 216 10.32 -32.42 30.22
CA ARG A 216 10.30 -31.01 29.85
C ARG A 216 10.79 -30.17 31.03
N SER A 217 11.05 -28.89 30.77
CA SER A 217 11.47 -28.01 31.83
C SER A 217 10.29 -27.60 32.70
N GLN A 218 10.56 -27.36 33.97
CA GLN A 218 9.55 -26.88 34.91
C GLN A 218 9.14 -25.44 34.60
N VAL A 219 7.83 -25.21 34.42
CA VAL A 219 7.22 -23.89 34.23
C VAL A 219 6.06 -23.77 35.21
N ASN A 220 6.08 -22.73 36.07
CA ASN A 220 5.11 -22.60 37.16
C ASN A 220 5.10 -23.84 38.04
N GLY A 221 6.27 -24.46 38.23
CA GLY A 221 6.40 -25.67 39.00
C GLY A 221 5.95 -26.95 38.33
N GLN A 222 5.50 -26.92 37.07
CA GLN A 222 5.00 -28.12 36.44
C GLN A 222 5.87 -28.50 35.26
N ARG A 223 6.30 -29.77 35.22
CA ARG A 223 6.91 -30.26 34.00
C ARG A 223 5.87 -30.69 32.99
N GLY A 224 4.64 -30.94 33.44
CA GLY A 224 3.58 -31.33 32.53
C GLY A 224 3.09 -30.13 31.73
N ARG A 225 2.19 -30.41 30.79
CA ARG A 225 1.66 -29.36 29.91
C ARG A 225 0.22 -29.67 29.56
N MET A 226 -0.50 -28.62 29.20
CA MET A 226 -1.87 -28.78 28.72
C MET A 226 -1.97 -28.04 27.41
N ASP A 227 -2.39 -28.72 26.39
CA ASP A 227 -2.62 -28.12 25.09
C ASP A 227 -4.11 -27.96 24.92
N PHE A 228 -4.57 -26.73 24.67
CA PHE A 228 -5.99 -26.45 24.51
C PHE A 228 -6.31 -26.20 23.04
N PHE A 229 -7.58 -26.38 22.72
CA PHE A 229 -8.10 -26.32 21.37
C PHE A 229 -9.53 -25.79 21.43
N TRP A 230 -9.97 -25.14 20.36
CA TRP A 230 -11.28 -24.52 20.34
C TRP A 230 -11.93 -24.81 18.99
N THR A 231 -13.25 -24.71 18.94
CA THR A 231 -13.93 -24.70 17.66
C THR A 231 -15.20 -23.88 17.77
N ILE A 232 -15.81 -23.60 16.63
CA ILE A 232 -17.09 -22.89 16.61
C ILE A 232 -18.12 -23.91 16.18
N LEU A 233 -18.98 -24.34 17.11
CA LEU A 233 -20.02 -25.29 16.75
C LEU A 233 -21.21 -24.51 16.21
N LYS A 234 -21.61 -24.82 14.98
CA LYS A 234 -22.65 -24.06 14.30
C LYS A 234 -24.03 -24.40 14.86
N PRO A 235 -25.05 -23.57 14.60
CA PRO A 235 -26.29 -23.64 15.40
C PRO A 235 -27.04 -24.96 15.37
N ASP A 236 -26.76 -25.91 14.48
CA ASP A 236 -27.48 -27.19 14.59
C ASP A 236 -26.55 -28.40 14.50
N ASP A 237 -25.27 -28.21 14.66
CA ASP A 237 -24.25 -29.24 14.54
C ASP A 237 -24.02 -29.90 15.90
N ALA A 238 -23.28 -30.99 15.88
CA ALA A 238 -22.93 -31.72 17.09
C ALA A 238 -21.42 -31.90 17.16
N ILE A 239 -20.90 -31.94 18.37
CA ILE A 239 -19.50 -32.27 18.59
C ILE A 239 -19.46 -33.61 19.31
N HIS A 240 -18.54 -34.47 18.88
CA HIS A 240 -18.39 -35.80 19.44
C HIS A 240 -16.99 -35.95 20.02
N PHE A 241 -16.91 -36.35 21.29
CA PHE A 241 -15.66 -36.61 21.99
C PHE A 241 -15.52 -38.08 22.29
N GLU A 242 -14.29 -38.58 22.19
CA GLU A 242 -13.93 -39.92 22.61
C GLU A 242 -12.53 -39.85 23.20
N SER A 243 -12.33 -40.51 24.34
CA SER A 243 -11.02 -40.50 24.99
C SER A 243 -10.98 -41.63 26.01
N ASN A 244 -9.76 -42.11 26.29
CA ASN A 244 -9.53 -43.05 27.38
C ASN A 244 -8.47 -42.51 28.32
N GLY A 245 -8.33 -41.19 28.36
CA GLY A 245 -7.41 -40.55 29.28
C GLY A 245 -6.85 -39.26 28.72
N ASN A 246 -6.28 -38.49 29.66
CA ASN A 246 -5.59 -37.23 29.40
C ASN A 246 -6.49 -36.13 28.86
N PHE A 247 -7.80 -36.29 29.00
CA PHE A 247 -8.81 -35.42 28.40
C PHE A 247 -9.16 -34.31 29.38
N ILE A 248 -9.17 -33.07 28.91
CA ILE A 248 -9.64 -31.95 29.71
C ILE A 248 -10.94 -31.50 29.06
N ALA A 249 -12.04 -32.00 29.60
CA ALA A 249 -13.33 -31.88 28.93
C ALA A 249 -13.92 -30.48 29.07
N PRO A 250 -14.69 -30.05 28.06
CA PRO A 250 -15.52 -28.83 28.23
C PRO A 250 -16.58 -29.00 29.30
N GLU A 251 -16.84 -27.91 30.03
CA GLU A 251 -17.95 -27.79 30.95
C GLU A 251 -18.85 -26.61 30.58
N TYR A 252 -18.28 -25.40 30.52
CA TYR A 252 -19.00 -24.24 30.02
C TYR A 252 -18.53 -23.91 28.60
N ALA A 253 -19.43 -23.37 27.79
CA ALA A 253 -19.10 -22.88 26.46
C ALA A 253 -19.73 -21.50 26.28
N TYR A 254 -19.30 -20.78 25.25
CA TYR A 254 -19.65 -19.38 25.08
C TYR A 254 -20.53 -19.18 23.85
N LYS A 255 -21.78 -18.83 24.07
CA LYS A 255 -22.70 -18.55 22.97
C LYS A 255 -22.42 -17.14 22.42
N ILE A 256 -22.25 -17.02 21.10
CA ILE A 256 -22.00 -15.69 20.51
C ILE A 256 -23.33 -14.99 20.30
N VAL A 257 -23.64 -14.03 21.18
CA VAL A 257 -24.98 -13.46 21.15
C VAL A 257 -25.03 -12.08 20.50
N LYS A 258 -23.90 -11.37 20.37
CA LYS A 258 -23.88 -10.09 19.66
C LYS A 258 -22.56 -9.96 18.91
N LYS A 259 -22.65 -9.81 17.60
CA LYS A 259 -21.50 -9.55 16.75
C LYS A 259 -21.55 -8.08 16.31
N GLY A 260 -20.40 -7.53 15.98
CA GLY A 260 -20.32 -6.08 15.92
C GLY A 260 -18.88 -5.61 15.84
N ASP A 261 -18.73 -4.29 15.72
CA ASP A 261 -17.41 -3.68 15.74
C ASP A 261 -16.82 -3.72 17.15
N SER A 262 -15.54 -4.04 17.23
CA SER A 262 -14.82 -4.19 18.49
C SER A 262 -13.34 -4.30 18.15
N THR A 263 -12.51 -4.31 19.18
CA THR A 263 -11.08 -4.44 18.97
C THR A 263 -10.48 -4.89 20.28
N ILE A 264 -9.31 -5.49 20.20
CA ILE A 264 -8.53 -5.87 21.36
C ILE A 264 -7.39 -4.88 21.43
N MET A 265 -7.51 -3.93 22.32
CA MET A 265 -6.54 -2.88 22.52
C MET A 265 -5.48 -3.31 23.53
N LYS A 266 -4.24 -2.95 23.26
CA LYS A 266 -3.14 -3.21 24.18
C LYS A 266 -2.82 -1.91 24.92
N SER A 267 -3.10 -1.87 26.22
CA SER A 267 -2.94 -0.63 26.97
C SER A 267 -2.91 -0.90 28.47
N GLY A 268 -2.07 -0.15 29.18
CA GLY A 268 -2.12 -0.08 30.62
C GLY A 268 -2.77 1.18 31.15
N VAL A 269 -3.37 1.98 30.28
CA VAL A 269 -4.00 3.23 30.67
C VAL A 269 -5.28 2.92 31.43
N GLU A 270 -5.55 3.73 32.46
CA GLU A 270 -6.68 3.48 33.34
C GLU A 270 -7.98 3.98 32.71
N TYR A 271 -9.05 3.26 32.99
CA TYR A 271 -10.39 3.77 32.84
C TYR A 271 -10.55 5.05 33.64
N GLY A 272 -11.26 6.02 33.08
CA GLY A 272 -11.35 7.32 33.72
C GLY A 272 -12.76 7.83 33.95
N ASN A 273 -13.76 6.97 33.78
CA ASN A 273 -15.16 7.32 34.03
C ASN A 273 -15.59 8.43 33.06
N CYS A 274 -15.26 8.23 31.80
CA CYS A 274 -15.55 9.16 30.72
C CYS A 274 -16.33 8.42 29.65
N ASN A 275 -16.87 9.18 28.71
CA ASN A 275 -17.49 8.68 27.49
C ASN A 275 -16.88 9.42 26.28
N THR A 276 -16.79 8.70 25.17
CA THR A 276 -16.19 9.24 23.96
C THR A 276 -16.86 8.62 22.75
N LYS A 277 -16.58 9.18 21.57
CA LYS A 277 -16.91 8.56 20.31
C LYS A 277 -15.69 7.96 19.63
N CYS A 278 -14.49 8.24 20.14
CA CYS A 278 -13.25 7.86 19.48
C CYS A 278 -12.19 7.51 20.54
N GLN A 279 -11.76 6.26 20.54
CA GLN A 279 -10.84 5.74 21.54
C GLN A 279 -9.53 5.26 20.89
N THR A 280 -8.44 5.48 21.64
CA THR A 280 -7.06 5.26 21.30
C THR A 280 -6.38 4.58 22.50
N PRO A 281 -5.42 3.68 22.29
CA PRO A 281 -4.79 3.01 23.44
C PRO A 281 -4.01 3.95 24.36
N VAL A 282 -3.73 5.18 23.95
CA VAL A 282 -3.07 6.13 24.85
C VAL A 282 -4.04 7.14 25.48
N GLY A 283 -5.31 7.14 25.08
CA GLY A 283 -6.22 8.21 25.47
C GLY A 283 -7.37 8.34 24.49
N ALA A 284 -8.38 9.12 24.88
CA ALA A 284 -9.55 9.34 24.03
C ALA A 284 -9.48 10.69 23.32
N ILE A 285 -10.19 10.81 22.20
CA ILE A 285 -10.16 12.01 21.37
C ILE A 285 -11.54 12.68 21.39
N ASN A 286 -11.58 13.97 21.68
CA ASN A 286 -12.80 14.77 21.52
C ASN A 286 -12.48 15.91 20.57
N SER A 287 -12.94 15.80 19.32
CA SER A 287 -12.41 16.60 18.24
C SER A 287 -13.33 16.55 17.03
N SER A 288 -13.33 17.65 16.26
CA SER A 288 -13.97 17.69 14.95
C SER A 288 -12.95 17.84 13.82
N MET A 289 -11.66 17.91 14.15
CA MET A 289 -10.63 17.99 13.11
C MET A 289 -10.72 16.76 12.20
N PRO A 290 -10.26 16.88 10.96
CA PRO A 290 -10.29 15.72 10.04
C PRO A 290 -9.12 14.78 10.21
N PHE A 291 -8.03 15.23 10.83
CA PHE A 291 -6.81 14.48 10.99
C PHE A 291 -6.40 14.48 12.45
N HIS A 292 -5.76 13.41 12.88
CA HIS A 292 -5.17 13.39 14.20
C HIS A 292 -3.81 12.73 14.11
N ASN A 293 -2.96 12.99 15.10
CA ASN A 293 -1.65 12.33 15.15
C ASN A 293 -1.44 11.59 16.47
N ILE A 294 -2.52 11.10 17.08
CA ILE A 294 -2.44 10.53 18.43
C ILE A 294 -1.86 9.11 18.41
N HIS A 295 -2.44 8.22 17.60
CA HIS A 295 -2.10 6.80 17.55
C HIS A 295 -2.76 6.17 16.32
N PRO A 296 -2.10 5.26 15.62
CA PRO A 296 -2.72 4.63 14.42
C PRO A 296 -3.92 3.72 14.73
N LEU A 297 -3.98 3.11 15.90
CA LEU A 297 -4.98 2.07 16.17
C LEU A 297 -6.10 2.66 17.00
N THR A 298 -7.22 2.98 16.35
CA THR A 298 -8.36 3.59 17.02
C THR A 298 -9.61 2.78 16.74
N ILE A 299 -10.65 3.06 17.53
CA ILE A 299 -11.97 2.49 17.32
C ILE A 299 -12.99 3.62 17.53
N GLY A 300 -14.06 3.63 16.74
CA GLY A 300 -15.10 4.65 16.81
C GLY A 300 -15.01 5.62 15.62
N GLU A 301 -15.94 6.58 15.61
CA GLU A 301 -15.92 7.67 14.62
C GLU A 301 -14.73 8.58 14.92
N CYS A 302 -13.66 8.44 14.16
CA CYS A 302 -12.36 9.03 14.48
C CYS A 302 -11.85 9.87 13.32
N PRO A 303 -10.94 10.81 13.58
CA PRO A 303 -10.25 11.49 12.47
C PRO A 303 -9.30 10.52 11.79
N LYS A 304 -8.73 10.95 10.68
CA LYS A 304 -7.77 10.12 9.95
C LYS A 304 -6.36 10.35 10.48
N TYR A 305 -5.64 9.27 10.76
CA TYR A 305 -4.36 9.35 11.44
C TYR A 305 -3.22 9.70 10.48
N VAL A 306 -2.38 10.66 10.88
CA VAL A 306 -1.16 10.97 10.14
C VAL A 306 0.00 11.08 11.12
N LYS A 307 1.21 11.03 10.59
CA LYS A 307 2.39 11.21 11.42
C LYS A 307 2.82 12.67 11.55
N SER A 308 2.03 13.61 11.02
CA SER A 308 2.40 15.01 11.00
C SER A 308 2.33 15.66 12.39
N ASN A 309 3.28 16.55 12.63
CA ASN A 309 3.21 17.42 13.81
C ASN A 309 2.43 18.72 13.56
N LYS A 310 2.25 19.14 12.31
CA LYS A 310 1.50 20.35 12.03
C LYS A 310 0.81 20.21 10.67
N LEU A 311 -0.46 20.58 10.61
CA LEU A 311 -1.23 20.65 9.36
C LEU A 311 -2.14 21.86 9.48
N VAL A 312 -1.72 23.00 8.93
CA VAL A 312 -2.48 24.25 9.02
C VAL A 312 -2.76 24.80 7.63
N LEU A 313 -4.04 25.06 7.36
CA LEU A 313 -4.50 25.54 6.07
C LEU A 313 -4.61 27.07 6.09
N ALA A 314 -3.97 27.71 5.11
CA ALA A 314 -4.17 29.14 4.88
C ALA A 314 -5.57 29.38 4.34
N THR A 315 -6.34 30.19 5.03
CA THR A 315 -7.63 30.60 4.50
C THR A 315 -7.66 32.08 4.17
N GLY A 316 -6.82 32.87 4.82
CA GLY A 316 -6.83 34.28 4.57
C GLY A 316 -5.58 34.68 3.82
N LEU A 317 -5.08 35.86 4.16
CA LEU A 317 -4.15 36.61 3.35
C LEU A 317 -2.84 36.77 4.11
N ARG A 318 -1.75 37.03 3.37
CA ARG A 318 -0.47 37.33 4.01
C ARG A 318 -0.59 38.57 4.89
N ASN A 319 -0.07 38.50 6.12
CA ASN A 319 -0.25 39.57 7.07
C ASN A 319 0.91 40.58 7.03
N SER A 320 0.69 41.74 7.62
CA SER A 320 1.71 42.80 7.63
C SER A 320 2.53 42.83 8.91
N LEU A 331 3.27 36.78 -6.78
CA LEU A 331 3.11 36.09 -8.07
C LEU A 331 2.38 37.00 -9.01
N PHE A 332 1.19 37.38 -8.58
CA PHE A 332 0.55 38.59 -9.05
C PHE A 332 1.11 39.74 -8.22
N GLY A 333 1.26 40.90 -8.81
CA GLY A 333 2.18 41.78 -8.14
C GLY A 333 1.56 42.82 -7.22
N ALA A 334 0.45 42.48 -6.57
CA ALA A 334 -0.28 43.47 -5.81
C ALA A 334 0.01 43.40 -4.31
N ILE A 335 -0.32 42.28 -3.66
CA ILE A 335 -0.09 42.16 -2.23
C ILE A 335 1.42 42.12 -1.98
N ALA A 336 1.87 42.98 -1.06
CA ALA A 336 3.27 43.23 -0.77
C ALA A 336 4.06 43.61 -2.04
N GLY A 337 3.36 44.06 -3.07
CA GLY A 337 3.97 44.52 -4.30
C GLY A 337 3.75 46.02 -4.41
N PHE A 338 2.89 46.45 -5.33
CA PHE A 338 2.63 47.87 -5.48
C PHE A 338 1.64 48.40 -4.43
N ILE A 339 0.88 47.52 -3.76
CA ILE A 339 0.04 47.98 -2.65
C ILE A 339 0.86 48.11 -1.38
N GLU A 340 1.69 47.11 -1.08
CA GLU A 340 2.82 47.20 -0.14
C GLU A 340 2.39 47.06 1.32
N GLY A 341 1.13 46.87 1.63
CA GLY A 341 0.73 46.77 3.02
C GLY A 341 -0.76 46.60 3.17
N GLY A 342 -1.14 45.89 4.25
CA GLY A 342 -2.52 45.73 4.63
C GLY A 342 -3.05 46.92 5.41
N TRP A 343 -4.37 46.86 5.65
CA TRP A 343 -5.11 47.91 6.34
C TRP A 343 -5.72 47.32 7.61
N GLN A 344 -5.26 47.82 8.76
CA GLN A 344 -5.92 47.49 10.03
C GLN A 344 -7.29 48.15 10.14
N GLY A 345 -7.43 49.37 9.62
CA GLY A 345 -8.74 50.01 9.66
C GLY A 345 -9.79 49.29 8.86
N MET A 346 -9.41 48.29 8.07
CA MET A 346 -10.34 47.60 7.20
C MET A 346 -10.72 46.24 7.79
N VAL A 347 -11.92 46.19 8.38
CA VAL A 347 -12.29 45.09 9.26
C VAL A 347 -13.42 44.21 8.72
N ASP A 348 -14.28 44.71 7.81
CA ASP A 348 -15.48 44.03 7.36
C ASP A 348 -15.29 43.21 6.09
N GLY A 349 -14.07 43.05 5.61
CA GLY A 349 -13.85 42.26 4.41
C GLY A 349 -12.38 42.03 4.17
N TRP A 350 -12.09 41.23 3.14
CA TRP A 350 -10.70 40.95 2.80
C TRP A 350 -10.12 41.99 1.86
N TYR A 351 -10.96 42.62 1.05
CA TYR A 351 -10.52 43.60 0.06
C TYR A 351 -11.52 44.74 -0.01
N GLY A 352 -11.02 45.90 -0.42
CA GLY A 352 -11.91 47.00 -0.69
C GLY A 352 -11.14 48.30 -0.80
N TYR A 353 -11.81 49.38 -0.39
CA TYR A 353 -11.36 50.72 -0.73
C TYR A 353 -11.27 51.58 0.51
N HIS A 354 -10.31 52.51 0.48
CA HIS A 354 -10.27 53.65 1.39
C HIS A 354 -10.48 54.92 0.57
N HIS A 355 -11.45 55.75 0.96
CA HIS A 355 -11.76 56.98 0.22
C HIS A 355 -11.36 58.21 1.03
N SER A 356 -11.10 59.30 0.31
CA SER A 356 -10.69 60.54 0.96
C SER A 356 -11.20 61.72 0.14
N ASN A 357 -12.17 62.47 0.68
CA ASN A 357 -12.74 63.63 0.00
C ASN A 357 -13.04 64.70 1.04
N GLU A 358 -13.73 65.76 0.61
CA GLU A 358 -13.98 66.87 1.50
C GLU A 358 -15.01 66.53 2.57
N GLN A 359 -15.88 65.55 2.28
CA GLN A 359 -16.85 65.10 3.27
C GLN A 359 -16.19 64.24 4.34
N GLY A 360 -15.05 63.64 4.04
CA GLY A 360 -14.30 62.88 5.02
C GLY A 360 -13.60 61.70 4.35
N SER A 361 -13.12 60.79 5.20
CA SER A 361 -12.42 59.60 4.76
C SER A 361 -13.02 58.39 5.46
N GLY A 362 -12.73 57.20 4.91
CA GLY A 362 -13.20 55.98 5.53
C GLY A 362 -12.94 54.73 4.71
N TYR A 363 -12.85 53.60 5.39
CA TYR A 363 -12.65 52.29 4.76
C TYR A 363 -13.99 51.68 4.41
N ALA A 364 -14.03 50.99 3.27
CA ALA A 364 -15.20 50.23 2.84
C ALA A 364 -14.76 49.00 2.07
N ALA A 365 -15.43 47.88 2.34
CA ALA A 365 -15.07 46.59 1.77
C ALA A 365 -15.89 46.31 0.52
N ASP A 366 -15.26 45.65 -0.45
CA ASP A 366 -16.00 45.17 -1.61
C ASP A 366 -16.60 43.83 -1.25
N LYS A 367 -17.94 43.79 -1.16
CA LYS A 367 -18.63 42.57 -0.73
C LYS A 367 -18.49 41.47 -1.78
N GLU A 368 -18.61 41.82 -3.07
CA GLU A 368 -18.59 40.82 -4.13
C GLU A 368 -17.25 40.10 -4.19
N SER A 369 -16.15 40.86 -4.27
CA SER A 369 -14.85 40.20 -4.36
C SER A 369 -14.50 39.46 -3.07
N THR A 370 -14.90 39.99 -1.92
CA THR A 370 -14.70 39.30 -0.65
C THR A 370 -15.50 38.00 -0.58
N GLN A 371 -16.78 38.03 -0.98
CA GLN A 371 -17.62 36.84 -0.94
C GLN A 371 -17.13 35.79 -1.92
N LYS A 372 -16.69 36.20 -3.11
CA LYS A 372 -16.17 35.23 -4.07
C LYS A 372 -14.95 34.51 -3.51
N ALA A 373 -14.10 35.22 -2.77
CA ALA A 373 -12.94 34.59 -2.17
C ALA A 373 -13.32 33.74 -0.98
N ILE A 374 -14.34 34.14 -0.21
CA ILE A 374 -14.80 33.36 0.93
C ILE A 374 -15.40 32.04 0.45
N ASP A 375 -16.13 32.09 -0.68
CA ASP A 375 -16.75 30.88 -1.20
C ASP A 375 -15.71 29.92 -1.77
N GLY A 376 -14.73 30.45 -2.51
CA GLY A 376 -13.68 29.60 -3.06
C GLY A 376 -12.84 28.93 -1.99
N VAL A 377 -12.42 29.68 -0.98
CA VAL A 377 -11.56 29.14 0.08
C VAL A 377 -12.33 28.11 0.90
N THR A 378 -13.62 28.36 1.17
CA THR A 378 -14.43 27.41 1.92
C THR A 378 -14.62 26.11 1.14
N ASN A 379 -14.89 26.23 -0.17
CA ASN A 379 -14.95 25.03 -1.01
C ASN A 379 -13.61 24.34 -1.09
N LYS A 380 -12.51 25.09 -1.03
CA LYS A 380 -11.21 24.45 -1.05
C LYS A 380 -11.01 23.60 0.19
N VAL A 381 -11.32 24.17 1.37
CA VAL A 381 -11.18 23.44 2.63
C VAL A 381 -12.05 22.19 2.63
N ASN A 382 -13.30 22.32 2.17
CA ASN A 382 -14.22 21.18 2.17
C ASN A 382 -13.77 20.13 1.16
N SER A 383 -13.30 20.54 -0.02
CA SER A 383 -12.83 19.55 -0.98
C SER A 383 -11.62 18.78 -0.46
N ILE A 384 -10.70 19.45 0.25
CA ILE A 384 -9.53 18.78 0.80
C ILE A 384 -9.96 17.76 1.85
N ILE A 385 -10.90 18.15 2.72
CA ILE A 385 -11.39 17.23 3.75
C ILE A 385 -12.15 16.07 3.12
N ASP A 386 -12.96 16.36 2.09
CA ASP A 386 -13.75 15.30 1.45
C ASP A 386 -12.87 14.24 0.81
N LYS A 387 -11.80 14.66 0.14
CA LYS A 387 -10.96 13.71 -0.57
C LYS A 387 -10.22 12.76 0.39
N MET A 388 -10.03 13.20 1.64
CA MET A 388 -9.33 12.41 2.64
C MET A 388 -10.27 11.58 3.52
N ASN A 389 -11.53 11.41 3.10
CA ASN A 389 -12.46 10.60 3.89
C ASN A 389 -12.15 9.11 3.80
N THR A 390 -11.63 8.64 2.66
CA THR A 390 -11.27 7.24 2.50
C THR A 390 -9.76 7.07 2.62
N GLN A 391 -9.27 7.27 3.82
CA GLN A 391 -7.87 7.04 4.13
C GLN A 391 -7.69 5.65 4.72
N PHE A 392 -6.46 5.16 4.74
CA PHE A 392 -6.19 3.85 5.31
C PHE A 392 -6.47 3.83 6.80
N GLU A 393 -7.12 2.77 7.27
CA GLU A 393 -7.43 2.58 8.68
C GLU A 393 -6.71 1.32 9.16
N ALA A 394 -5.73 1.50 10.04
CA ALA A 394 -4.97 0.39 10.58
C ALA A 394 -5.87 -0.49 11.48
N VAL A 395 -5.62 -1.81 11.45
CA VAL A 395 -6.39 -2.83 12.19
C VAL A 395 -5.42 -3.68 13.00
N GLY A 396 -5.74 -3.91 14.27
CA GLY A 396 -4.89 -4.76 15.10
C GLY A 396 -4.89 -6.20 14.62
N ARG A 397 -3.69 -6.74 14.38
CA ARG A 397 -3.47 -8.11 13.92
C ARG A 397 -2.30 -8.68 14.69
N GLU A 398 -2.50 -9.83 15.33
CA GLU A 398 -1.50 -10.49 16.17
C GLU A 398 -0.92 -11.72 15.49
N PHE A 399 0.39 -11.95 15.71
CA PHE A 399 1.12 -13.11 15.14
C PHE A 399 1.97 -13.80 16.20
N ASN A 400 2.16 -15.12 16.06
CA ASN A 400 3.01 -15.82 17.04
C ASN A 400 4.48 -15.80 16.60
N ASN A 401 5.31 -16.53 17.36
CA ASN A 401 6.77 -16.50 17.25
C ASN A 401 7.27 -17.04 15.93
N LEU A 402 6.56 -17.99 15.33
CA LEU A 402 6.93 -18.56 14.05
C LEU A 402 6.11 -17.97 12.90
N GLU A 403 5.61 -16.76 13.10
CA GLU A 403 4.87 -16.05 12.07
C GLU A 403 5.48 -14.66 11.90
N ARG A 404 6.81 -14.56 12.04
CA ARG A 404 7.48 -13.28 11.99
C ARG A 404 7.60 -12.71 10.59
N ARG A 405 7.48 -13.53 9.54
CA ARG A 405 7.51 -12.98 8.18
C ARG A 405 6.24 -12.21 7.89
N ILE A 406 5.07 -12.83 8.16
CA ILE A 406 3.81 -12.16 7.86
C ILE A 406 3.60 -11.02 8.83
N GLU A 407 4.11 -11.16 10.06
CA GLU A 407 4.09 -10.05 10.98
C GLU A 407 4.85 -8.86 10.42
N ASN A 408 5.99 -9.10 9.77
CA ASN A 408 6.76 -8.00 9.18
C ASN A 408 6.07 -7.45 7.94
N LEU A 409 5.54 -8.33 7.10
CA LEU A 409 4.70 -7.92 5.98
C LEU A 409 3.59 -7.01 6.44
N ASN A 410 2.94 -7.36 7.54
CA ASN A 410 1.83 -6.59 8.07
C ASN A 410 2.28 -5.22 8.51
N LYS A 411 3.34 -5.16 9.32
CA LYS A 411 3.84 -3.89 9.81
C LYS A 411 4.21 -2.97 8.65
N LYS A 412 4.87 -3.53 7.63
CA LYS A 412 5.31 -2.75 6.47
C LYS A 412 4.15 -2.24 5.65
N MET A 413 3.08 -3.02 5.54
CA MET A 413 1.90 -2.56 4.81
C MET A 413 1.23 -1.40 5.54
N GLU A 414 0.98 -1.56 6.84
CA GLU A 414 0.28 -0.51 7.58
C GLU A 414 1.14 0.74 7.72
N ASP A 415 2.45 0.56 7.88
CA ASP A 415 3.35 1.69 7.93
C ASP A 415 3.50 2.34 6.56
N GLY A 416 3.39 1.56 5.47
CA GLY A 416 3.56 2.12 4.14
C GLY A 416 2.38 2.94 3.68
N PHE A 417 1.16 2.51 4.02
CA PHE A 417 -0.03 3.32 3.76
C PHE A 417 -0.02 4.57 4.62
N LEU A 418 0.35 4.43 5.89
CA LEU A 418 0.47 5.60 6.75
C LEU A 418 1.42 6.64 6.16
N ASP A 419 2.55 6.22 5.60
CA ASP A 419 3.50 7.17 5.04
C ASP A 419 2.95 7.82 3.77
N VAL A 420 2.22 7.04 2.96
CA VAL A 420 1.62 7.51 1.72
C VAL A 420 0.57 8.58 2.01
N TRP A 421 -0.21 8.39 3.07
CA TRP A 421 -1.30 9.33 3.35
C TRP A 421 -0.82 10.51 4.19
N THR A 422 0.25 10.34 4.95
CA THR A 422 0.91 11.48 5.57
C THR A 422 1.51 12.40 4.51
N TYR A 423 2.16 11.82 3.50
CA TYR A 423 2.73 12.61 2.41
C TYR A 423 1.64 13.35 1.66
N ASN A 424 0.53 12.68 1.38
CA ASN A 424 -0.56 13.30 0.63
C ASN A 424 -1.14 14.49 1.35
N ALA A 425 -1.28 14.39 2.68
CA ALA A 425 -1.83 15.47 3.48
C ALA A 425 -0.88 16.66 3.52
N GLU A 426 0.39 16.42 3.85
CA GLU A 426 1.34 17.52 3.95
C GLU A 426 1.56 18.18 2.60
N LEU A 427 1.59 17.40 1.53
CA LEU A 427 1.85 17.98 0.22
C LEU A 427 0.65 18.79 -0.28
N LEU A 428 -0.57 18.27 -0.11
CA LEU A 428 -1.73 19.01 -0.58
C LEU A 428 -1.93 20.29 0.23
N VAL A 429 -1.61 20.25 1.53
CA VAL A 429 -1.70 21.47 2.31
C VAL A 429 -0.66 22.47 1.83
N LEU A 430 0.56 22.00 1.55
CA LEU A 430 1.61 22.89 1.05
C LEU A 430 1.22 23.52 -0.28
N MET A 431 0.77 22.70 -1.23
CA MET A 431 0.49 23.21 -2.57
C MET A 431 -0.72 24.14 -2.55
N GLU A 432 -1.77 23.77 -1.82
CA GLU A 432 -2.97 24.60 -1.85
C GLU A 432 -2.80 25.88 -1.03
N ASN A 433 -1.92 25.87 -0.04
CA ASN A 433 -1.60 27.10 0.70
C ASN A 433 -0.97 28.14 -0.23
N GLU A 434 0.01 27.71 -1.04
CA GLU A 434 0.66 28.61 -1.98
C GLU A 434 -0.34 29.17 -2.97
N ARG A 435 -1.23 28.31 -3.47
CA ARG A 435 -2.25 28.80 -4.40
C ARG A 435 -3.19 29.78 -3.73
N THR A 436 -3.53 29.53 -2.46
CA THR A 436 -4.46 30.42 -1.78
C THR A 436 -3.90 31.83 -1.60
N LEU A 437 -2.63 31.94 -1.19
CA LEU A 437 -2.01 33.26 -1.08
C LEU A 437 -2.01 33.97 -2.42
N ASP A 438 -1.73 33.23 -3.51
CA ASP A 438 -1.75 33.84 -4.83
C ASP A 438 -3.17 34.22 -5.24
N PHE A 439 -4.15 33.36 -4.89
CA PHE A 439 -5.55 33.65 -5.13
C PHE A 439 -5.95 35.01 -4.57
N HIS A 440 -5.49 35.33 -3.36
CA HIS A 440 -5.76 36.62 -2.75
C HIS A 440 -5.03 37.73 -3.51
N ASP A 441 -3.78 37.50 -3.91
CA ASP A 441 -3.03 38.49 -4.67
C ASP A 441 -3.76 38.85 -5.96
N SER A 442 -4.26 37.82 -6.65
CA SER A 442 -4.97 38.05 -7.91
C SER A 442 -6.29 38.74 -7.68
N ASN A 443 -6.96 38.44 -6.55
CA ASN A 443 -8.24 39.10 -6.30
C ASN A 443 -8.06 40.60 -6.07
N VAL A 444 -6.97 40.95 -5.38
CA VAL A 444 -6.69 42.36 -5.11
C VAL A 444 -6.37 43.09 -6.40
N LYS A 445 -5.54 42.48 -7.26
CA LYS A 445 -5.19 43.07 -8.54
C LYS A 445 -6.42 43.25 -9.43
N ASN A 446 -7.28 42.24 -9.49
CA ASN A 446 -8.46 42.36 -10.34
C ASN A 446 -9.39 43.46 -9.83
N LEU A 447 -9.49 43.59 -8.51
CA LEU A 447 -10.22 44.72 -7.93
C LEU A 447 -9.56 46.06 -8.26
N TYR A 448 -8.23 46.14 -8.14
CA TYR A 448 -7.51 47.35 -8.53
C TYR A 448 -7.76 47.68 -10.01
N ASP A 449 -7.65 46.69 -10.88
CA ASP A 449 -7.88 46.94 -12.30
C ASP A 449 -9.36 47.14 -12.64
N LYS A 450 -10.28 46.79 -11.72
CA LYS A 450 -11.68 47.11 -11.96
C LYS A 450 -11.94 48.60 -11.78
N VAL A 451 -11.35 49.21 -10.75
CA VAL A 451 -11.46 50.65 -10.56
C VAL A 451 -10.72 51.38 -11.67
N ARG A 452 -9.50 50.95 -11.96
CA ARG A 452 -8.88 51.32 -13.22
C ARG A 452 -9.72 50.78 -14.37
N LEU A 453 -9.50 51.31 -15.58
CA LEU A 453 -10.31 50.97 -16.74
C LEU A 453 -11.72 51.51 -16.60
N GLN A 454 -12.11 51.85 -15.37
CA GLN A 454 -13.32 52.63 -15.13
C GLN A 454 -13.07 54.12 -14.93
N LEU A 455 -12.02 54.47 -14.18
CA LEU A 455 -11.69 55.89 -13.99
C LEU A 455 -11.01 56.47 -15.21
N ARG A 456 -10.09 55.70 -15.80
CA ARG A 456 -9.35 56.08 -17.01
C ARG A 456 -8.57 57.36 -16.70
N ASP A 457 -8.59 58.35 -17.58
CA ASP A 457 -7.75 59.53 -17.36
C ASP A 457 -8.41 60.57 -16.46
N ASN A 458 -9.62 60.30 -15.95
CA ASN A 458 -10.23 61.19 -14.97
C ASN A 458 -9.48 61.20 -13.65
N ALA A 459 -8.55 60.27 -13.43
CA ALA A 459 -7.71 60.25 -12.25
C ALA A 459 -6.30 59.82 -12.61
N LYS A 460 -5.35 60.10 -11.71
CA LYS A 460 -3.95 59.73 -11.89
C LYS A 460 -3.66 58.40 -11.16
N GLU A 461 -2.81 57.57 -11.76
CA GLU A 461 -2.44 56.28 -11.18
C GLU A 461 -1.17 56.46 -10.36
N LEU A 462 -1.32 56.52 -9.03
CA LEU A 462 -0.15 56.72 -8.17
C LEU A 462 0.78 55.50 -8.15
N GLY A 463 0.23 54.29 -8.25
CA GLY A 463 1.04 53.10 -8.24
C GLY A 463 1.20 52.46 -6.87
N ASN A 464 0.79 53.15 -5.79
CA ASN A 464 0.76 52.55 -4.47
C ASN A 464 -0.59 51.92 -4.16
N GLY A 465 -1.40 51.69 -5.19
CA GLY A 465 -2.76 51.23 -5.04
C GLY A 465 -3.83 52.31 -5.10
N CYS A 466 -3.45 53.59 -5.17
CA CYS A 466 -4.41 54.68 -5.05
C CYS A 466 -4.56 55.43 -6.37
N PHE A 467 -5.70 56.11 -6.50
CA PHE A 467 -6.04 56.90 -7.69
C PHE A 467 -6.40 58.29 -7.21
N GLU A 468 -5.68 59.30 -7.70
CA GLU A 468 -5.95 60.69 -7.34
C GLU A 468 -6.87 61.28 -8.40
N PHE A 469 -8.10 61.61 -8.01
CA PHE A 469 -9.07 62.15 -8.96
C PHE A 469 -8.68 63.55 -9.40
N TYR A 470 -8.73 63.80 -10.72
CA TYR A 470 -8.61 65.15 -11.28
C TYR A 470 -9.89 65.96 -11.14
N HIS A 471 -10.92 65.41 -10.50
CA HIS A 471 -12.17 66.14 -10.28
C HIS A 471 -12.65 65.96 -8.84
N LYS A 472 -13.89 66.35 -8.57
CA LYS A 472 -14.46 66.27 -7.23
C LYS A 472 -15.36 65.05 -7.18
N CYS A 473 -15.05 64.15 -6.24
CA CYS A 473 -15.79 62.90 -6.09
C CYS A 473 -16.45 62.90 -4.72
N ASP A 474 -17.72 63.33 -4.67
CA ASP A 474 -18.47 63.31 -3.43
C ASP A 474 -18.75 61.87 -2.99
N ASN A 475 -19.43 61.70 -1.86
CA ASN A 475 -19.63 60.37 -1.29
C ASN A 475 -20.38 59.46 -2.25
N GLU A 476 -21.33 60.00 -3.01
CA GLU A 476 -22.05 59.19 -3.98
C GLU A 476 -21.17 58.84 -5.17
N CYS A 477 -20.35 59.80 -5.60
CA CYS A 477 -19.35 59.52 -6.63
C CYS A 477 -18.36 58.46 -6.14
N MET A 478 -17.89 58.59 -4.91
CA MET A 478 -17.07 57.55 -4.29
C MET A 478 -17.79 56.22 -4.30
N GLU A 479 -19.09 56.23 -3.99
CA GLU A 479 -19.83 54.98 -3.94
C GLU A 479 -19.96 54.36 -5.32
N SER A 480 -20.23 55.20 -6.33
CA SER A 480 -20.37 54.69 -7.69
C SER A 480 -19.12 53.96 -8.16
N VAL A 481 -17.95 54.36 -7.66
CA VAL A 481 -16.72 53.65 -8.00
C VAL A 481 -16.74 52.26 -7.38
N ARG A 482 -17.12 52.16 -6.11
CA ARG A 482 -17.27 50.85 -5.47
C ARG A 482 -18.42 50.05 -6.08
N ASN A 483 -19.48 50.74 -6.51
CA ASN A 483 -20.64 50.10 -7.11
C ASN A 483 -20.38 49.60 -8.53
N GLY A 484 -19.38 50.15 -9.22
CA GLY A 484 -19.20 49.88 -10.63
C GLY A 484 -20.09 50.69 -11.55
N THR A 485 -20.59 51.83 -11.10
CA THR A 485 -21.48 52.66 -11.91
C THR A 485 -20.88 54.03 -12.19
N TYR A 486 -19.56 54.14 -12.20
CA TYR A 486 -18.93 55.44 -12.42
C TYR A 486 -19.33 56.01 -13.77
N ASP A 487 -19.75 57.28 -13.75
CA ASP A 487 -20.13 58.00 -14.95
C ASP A 487 -18.90 58.74 -15.48
N TYR A 488 -18.24 58.15 -16.49
CA TYR A 488 -17.07 58.81 -17.08
C TYR A 488 -17.40 60.13 -17.77
N PRO A 489 -18.41 60.23 -18.64
CA PRO A 489 -18.64 61.51 -19.33
C PRO A 489 -18.98 62.68 -18.40
N GLN A 490 -19.57 62.41 -17.23
CA GLN A 490 -20.03 63.51 -16.37
C GLN A 490 -18.88 64.34 -15.84
N TYR A 491 -17.70 63.76 -15.70
CA TYR A 491 -16.56 64.44 -15.08
C TYR A 491 -15.41 64.68 -16.04
N SER A 492 -15.53 64.26 -17.30
CA SER A 492 -14.39 64.27 -18.22
C SER A 492 -13.80 65.66 -18.38
N GLU A 493 -14.65 66.66 -18.59
CA GLU A 493 -14.19 68.03 -18.83
C GLU A 493 -13.53 68.64 -17.59
N GLU A 494 -14.06 68.35 -16.41
CA GLU A 494 -13.45 68.88 -15.19
C GLU A 494 -12.04 68.32 -15.01
N ALA A 495 -11.81 67.07 -15.43
CA ALA A 495 -10.50 66.45 -15.31
C ALA A 495 -9.53 66.95 -16.37
N ARG A 496 -10.01 67.17 -17.60
CA ARG A 496 -9.15 67.76 -18.62
C ARG A 496 -8.79 69.20 -18.26
N LEU A 497 -9.68 69.89 -17.54
CA LEU A 497 -9.37 71.26 -17.09
C LEU A 497 -8.30 71.24 -16.00
N LYS A 498 -8.37 70.27 -15.08
CA LYS A 498 -7.34 70.14 -14.06
C LYS A 498 -6.04 69.62 -14.64
N ARG A 499 -6.11 68.80 -15.70
CA ARG A 499 -4.92 68.37 -16.41
C ARG A 499 -4.17 69.59 -16.95
N GLU A 500 -2.88 69.70 -16.59
CA GLU A 500 -2.05 70.84 -16.98
C GLU A 500 -2.63 72.18 -16.50
N ASP B 1 17.85 57.06 -26.27
CA ASP B 1 18.12 56.66 -24.88
C ASP B 1 17.04 55.72 -24.30
N GLN B 2 17.41 54.49 -23.89
CA GLN B 2 16.41 53.55 -23.38
C GLN B 2 16.96 52.61 -22.31
N ILE B 3 16.05 52.04 -21.51
CA ILE B 3 16.39 50.99 -20.56
C ILE B 3 15.47 49.80 -20.82
N CYS B 4 16.02 48.59 -20.78
CA CYS B 4 15.29 47.36 -21.08
C CYS B 4 15.30 46.42 -19.87
N ILE B 5 14.19 45.70 -19.72
CA ILE B 5 14.06 44.63 -18.73
C ILE B 5 14.25 43.30 -19.42
N GLY B 6 15.05 42.44 -18.82
CA GLY B 6 15.33 41.16 -19.45
C GLY B 6 15.77 40.11 -18.45
N TYR B 7 16.19 38.95 -18.95
CA TYR B 7 16.47 37.80 -18.11
C TYR B 7 17.63 37.00 -18.73
N HIS B 8 18.07 35.96 -18.02
CA HIS B 8 19.32 35.25 -18.27
C HIS B 8 19.21 34.26 -19.43
N ALA B 9 20.36 33.98 -20.03
CA ALA B 9 20.47 32.99 -21.08
C ALA B 9 21.92 32.53 -21.11
N ASN B 10 22.13 31.23 -21.31
CA ASN B 10 23.47 30.66 -21.33
C ASN B 10 23.50 29.53 -22.34
N ASN B 11 24.62 28.79 -22.38
CA ASN B 11 24.78 27.70 -23.32
C ASN B 11 24.31 26.37 -22.76
N SER B 12 23.47 26.40 -21.72
CA SER B 12 22.97 25.17 -21.13
C SER B 12 22.11 24.43 -22.15
N THR B 13 22.15 23.11 -22.08
CA THR B 13 21.35 22.24 -22.91
C THR B 13 20.39 21.39 -22.10
N GLU B 14 20.32 21.62 -20.79
CA GLU B 14 19.51 20.75 -19.94
C GLU B 14 18.03 20.95 -20.23
N GLN B 15 17.32 19.84 -20.21
CA GLN B 15 15.90 19.77 -20.50
C GLN B 15 15.16 19.21 -19.31
N VAL B 16 14.04 19.83 -18.99
CA VAL B 16 13.17 19.39 -17.93
C VAL B 16 11.80 19.18 -18.55
N ASP B 17 10.86 18.72 -17.75
CA ASP B 17 9.56 18.29 -18.23
C ASP B 17 8.48 19.01 -17.43
N THR B 18 7.36 19.27 -18.08
CA THR B 18 6.19 19.83 -17.41
C THR B 18 4.96 19.08 -17.89
N ILE B 19 3.81 19.42 -17.34
CA ILE B 19 2.58 18.72 -17.70
C ILE B 19 2.19 19.04 -19.14
N MET B 20 2.26 20.32 -19.52
CA MET B 20 1.87 20.74 -20.86
C MET B 20 2.99 20.57 -21.89
N GLU B 21 4.25 20.70 -21.51
CA GLU B 21 5.36 20.68 -22.46
C GLU B 21 6.43 19.68 -22.01
N LYS B 22 6.96 18.92 -22.96
CA LYS B 22 8.11 18.06 -22.74
C LYS B 22 9.37 18.77 -23.21
N ASN B 23 10.52 18.39 -22.64
CA ASN B 23 11.83 18.75 -23.20
C ASN B 23 12.02 20.26 -23.28
N VAL B 24 11.79 20.92 -22.14
CA VAL B 24 11.99 22.36 -22.08
C VAL B 24 13.44 22.63 -21.72
N THR B 25 14.10 23.45 -22.53
CA THR B 25 15.48 23.81 -22.26
C THR B 25 15.54 24.96 -21.27
N VAL B 26 16.13 24.70 -20.10
CA VAL B 26 16.27 25.72 -19.06
C VAL B 26 17.75 26.02 -18.84
N THR B 27 18.01 27.16 -18.17
CA THR B 27 19.37 27.61 -17.92
C THR B 27 20.06 26.83 -16.80
N HIS B 28 19.34 26.48 -15.76
CA HIS B 28 19.89 25.71 -14.66
C HIS B 28 18.89 24.62 -14.30
N ALA B 29 19.39 23.44 -13.93
CA ALA B 29 18.51 22.36 -13.50
C ALA B 29 19.23 21.48 -12.47
N GLN B 30 18.44 20.74 -11.70
CA GLN B 30 19.00 19.86 -10.67
C GLN B 30 18.46 18.46 -10.90
N ASP B 31 19.33 17.54 -11.32
CA ASP B 31 18.98 16.12 -11.34
C ASP B 31 18.95 15.56 -9.92
N ILE B 32 17.95 14.71 -9.67
CA ILE B 32 17.73 14.15 -8.34
C ILE B 32 17.67 12.62 -8.39
N LEU B 33 18.12 12.03 -9.49
CA LEU B 33 17.95 10.61 -9.73
C LEU B 33 19.31 10.00 -10.04
N GLU B 34 19.86 9.23 -9.11
CA GLU B 34 21.07 8.48 -9.40
C GLU B 34 20.69 7.27 -10.23
N LYS B 35 21.42 7.06 -11.32
CA LYS B 35 21.16 5.96 -12.25
C LYS B 35 22.35 5.02 -12.42
N THR B 36 23.51 5.33 -11.84
CA THR B 36 24.72 4.53 -12.02
C THR B 36 25.08 3.74 -10.76
N HIS B 37 25.79 2.63 -10.96
CA HIS B 37 26.34 1.82 -9.88
C HIS B 37 27.66 1.20 -10.34
N ASN B 38 28.46 0.76 -9.37
CA ASN B 38 29.78 0.20 -9.70
C ASN B 38 29.71 -1.27 -10.13
N GLY B 39 28.55 -1.93 -10.03
CA GLY B 39 28.44 -3.26 -10.58
C GLY B 39 29.17 -4.32 -9.80
N LYS B 40 29.34 -4.11 -8.50
CA LYS B 40 30.06 -5.01 -7.62
C LYS B 40 29.41 -4.96 -6.23
N LEU B 41 29.64 -6.03 -5.46
CA LEU B 41 29.30 -6.05 -4.04
C LEU B 41 30.51 -5.56 -3.24
N CYS B 42 30.22 -4.82 -2.17
CA CYS B 42 31.26 -4.13 -1.43
C CYS B 42 31.01 -4.28 0.07
N ASP B 43 32.02 -3.88 0.84
CA ASP B 43 31.88 -3.71 2.28
C ASP B 43 30.86 -2.63 2.59
N LEU B 44 30.15 -2.82 3.71
CA LEU B 44 29.18 -1.83 4.18
C LEU B 44 29.77 -1.16 5.41
N ASN B 45 30.16 0.12 5.23
CA ASN B 45 30.73 0.94 6.29
C ASN B 45 31.90 0.22 6.96
N GLY B 46 32.76 -0.36 6.12
CA GLY B 46 33.95 -1.03 6.59
C GLY B 46 33.78 -2.49 6.94
N VAL B 47 32.56 -3.02 6.98
CA VAL B 47 32.33 -4.41 7.34
C VAL B 47 32.06 -5.22 6.08
N LYS B 48 32.83 -6.31 5.90
CA LYS B 48 32.65 -7.16 4.74
C LYS B 48 31.36 -7.96 4.87
N PRO B 49 30.64 -8.19 3.79
CA PRO B 49 29.51 -9.13 3.83
C PRO B 49 30.01 -10.57 3.91
N LEU B 50 29.14 -11.45 4.41
CA LEU B 50 29.40 -12.89 4.40
C LEU B 50 28.94 -13.46 3.06
N ILE B 51 29.89 -13.75 2.17
CA ILE B 51 29.58 -14.33 0.88
C ILE B 51 29.68 -15.85 1.03
N LEU B 52 28.55 -16.52 0.96
CA LEU B 52 28.52 -17.95 1.16
C LEU B 52 28.93 -18.73 -0.10
N LYS B 53 29.36 -18.03 -1.15
CA LYS B 53 29.70 -18.64 -2.43
C LYS B 53 28.56 -19.53 -2.91
N ASP B 54 28.75 -20.84 -2.91
CA ASP B 54 27.72 -21.77 -3.39
C ASP B 54 27.08 -22.56 -2.25
N CYS B 55 27.29 -22.15 -1.01
CA CYS B 55 26.68 -22.79 0.15
C CYS B 55 25.41 -22.05 0.52
N SER B 56 24.38 -22.80 0.88
CA SER B 56 23.15 -22.19 1.36
C SER B 56 23.30 -21.84 2.84
N VAL B 57 22.34 -21.08 3.37
CA VAL B 57 22.30 -20.89 4.82
C VAL B 57 22.18 -22.25 5.53
N ALA B 58 21.29 -23.12 5.02
CA ALA B 58 21.15 -24.48 5.58
C ALA B 58 22.49 -25.20 5.60
N GLY B 59 23.26 -25.08 4.51
CA GLY B 59 24.54 -25.77 4.41
C GLY B 59 25.58 -25.21 5.37
N TRP B 60 25.53 -23.91 5.64
CA TRP B 60 26.47 -23.31 6.57
C TRP B 60 26.16 -23.70 8.01
N LEU B 61 24.88 -23.63 8.40
CA LEU B 61 24.52 -23.80 9.80
C LEU B 61 24.61 -25.26 10.24
N LEU B 62 24.11 -26.18 9.41
CA LEU B 62 24.25 -27.60 9.67
C LEU B 62 25.68 -28.06 9.49
N GLY B 63 26.42 -27.44 8.56
CA GLY B 63 27.82 -27.73 8.34
C GLY B 63 28.08 -28.75 7.26
N ASN B 64 27.48 -28.52 6.09
CA ASN B 64 27.82 -29.28 4.91
C ASN B 64 29.34 -29.32 4.75
N PRO B 65 29.95 -30.51 4.61
CA PRO B 65 31.41 -30.59 4.46
C PRO B 65 31.97 -29.68 3.37
N MET B 66 31.16 -29.34 2.37
CA MET B 66 31.61 -28.43 1.32
C MET B 66 31.65 -26.96 1.77
N CYS B 67 31.25 -26.69 3.01
CA CYS B 67 31.10 -25.33 3.54
C CYS B 67 32.09 -25.05 4.66
N ASP B 68 33.18 -25.83 4.72
CA ASP B 68 34.09 -25.77 5.86
C ASP B 68 34.79 -24.44 6.00
N GLU B 69 34.86 -23.68 4.92
CA GLU B 69 35.39 -22.33 4.99
C GLU B 69 34.59 -21.45 5.95
N PHE B 70 33.30 -21.75 6.11
CA PHE B 70 32.41 -21.02 7.00
C PHE B 70 32.28 -21.66 8.36
N ILE B 71 33.33 -22.33 8.83
CA ILE B 71 33.27 -22.91 10.17
C ILE B 71 33.37 -21.82 11.23
N ARG B 72 34.27 -20.87 11.02
CA ARG B 72 34.40 -19.67 11.85
C ARG B 72 34.20 -18.47 10.96
N VAL B 73 33.09 -17.79 11.12
CA VAL B 73 32.72 -16.65 10.28
C VAL B 73 32.90 -15.37 11.10
N PRO B 74 33.63 -14.37 10.60
CA PRO B 74 33.69 -13.08 11.29
C PRO B 74 32.39 -12.32 11.09
N GLU B 75 32.21 -11.27 11.92
CA GLU B 75 31.07 -10.37 11.85
C GLU B 75 30.82 -9.94 10.41
N TRP B 76 29.54 -9.98 10.00
CA TRP B 76 29.15 -9.57 8.65
C TRP B 76 28.17 -8.39 8.70
N SER B 77 28.04 -7.70 7.56
CA SER B 77 27.09 -6.61 7.44
C SER B 77 25.84 -7.02 6.69
N TYR B 78 25.99 -8.01 5.79
CA TYR B 78 24.88 -8.66 5.12
C TYR B 78 25.41 -9.99 4.59
N ILE B 79 24.50 -10.89 4.30
CA ILE B 79 24.83 -12.21 3.79
C ILE B 79 24.54 -12.24 2.30
N VAL B 80 25.44 -12.87 1.54
CA VAL B 80 25.25 -13.05 0.11
C VAL B 80 25.05 -14.54 -0.18
N GLU B 81 23.90 -14.85 -0.77
CA GLU B 81 23.58 -16.21 -1.18
C GLU B 81 23.30 -16.21 -2.68
N ARG B 82 23.81 -17.21 -3.38
CA ARG B 82 23.38 -17.32 -4.77
C ARG B 82 21.91 -17.75 -4.81
N ALA B 83 21.28 -17.50 -5.96
CA ALA B 83 19.87 -17.84 -6.11
C ALA B 83 19.62 -19.36 -5.93
N ASN B 84 20.53 -20.21 -6.40
CA ASN B 84 20.39 -21.66 -6.28
C ASN B 84 21.70 -22.27 -5.78
N PRO B 85 22.00 -22.15 -4.48
CA PRO B 85 23.28 -22.68 -3.99
C PRO B 85 23.32 -24.19 -4.11
N VAL B 86 24.45 -24.71 -4.62
CA VAL B 86 24.55 -26.15 -4.88
C VAL B 86 24.92 -26.93 -3.63
N ASN B 87 25.58 -26.31 -2.65
CA ASN B 87 25.95 -26.98 -1.40
C ASN B 87 24.88 -26.68 -0.36
N ASP B 88 23.77 -27.42 -0.46
CA ASP B 88 22.65 -27.26 0.45
C ASP B 88 22.09 -28.63 0.83
N LEU B 89 22.26 -29.06 2.07
CA LEU B 89 21.71 -30.35 2.50
C LEU B 89 22.23 -31.50 1.62
N CYS B 90 23.46 -31.92 1.89
CA CYS B 90 24.11 -32.91 1.03
C CYS B 90 23.43 -34.26 1.16
N TYR B 91 22.93 -34.58 2.34
CA TYR B 91 22.01 -35.66 2.58
C TYR B 91 20.57 -35.15 2.45
N PRO B 92 19.76 -35.71 1.58
CA PRO B 92 18.44 -35.11 1.26
C PRO B 92 17.52 -35.12 2.48
N GLY B 93 16.50 -34.30 2.40
CA GLY B 93 15.64 -34.03 3.54
C GLY B 93 15.11 -32.59 3.50
N SER B 94 15.07 -31.96 4.66
CA SER B 94 14.48 -30.65 4.83
C SER B 94 14.98 -30.07 6.14
N LEU B 95 14.86 -28.75 6.23
CA LEU B 95 15.10 -28.01 7.47
C LEU B 95 13.82 -27.26 7.78
N ASN B 96 13.21 -27.62 8.90
CA ASN B 96 11.92 -27.09 9.30
C ASN B 96 11.98 -25.60 9.56
N ASP B 97 10.91 -24.89 9.20
CA ASP B 97 10.80 -23.47 9.42
C ASP B 97 12.04 -22.73 8.89
N TYR B 98 12.50 -23.13 7.70
CA TYR B 98 13.74 -22.57 7.14
C TYR B 98 13.59 -21.07 6.79
N GLU B 99 12.47 -20.68 6.17
CA GLU B 99 12.25 -19.26 5.91
C GLU B 99 12.15 -18.45 7.20
N GLU B 100 11.52 -19.00 8.25
CA GLU B 100 11.46 -18.27 9.52
C GLU B 100 12.86 -18.14 10.12
N LEU B 101 13.68 -19.18 9.97
CA LEU B 101 15.09 -19.11 10.35
C LEU B 101 15.83 -18.04 9.54
N LYS B 102 15.64 -18.02 8.23
CA LYS B 102 16.30 -16.98 7.44
C LYS B 102 15.88 -15.59 7.91
N HIS B 103 14.61 -15.46 8.33
CA HIS B 103 14.11 -14.18 8.84
C HIS B 103 14.84 -13.78 10.12
N LEU B 104 15.10 -14.74 11.00
CA LEU B 104 15.87 -14.43 12.21
C LEU B 104 17.29 -14.01 11.88
N LEU B 105 17.91 -14.67 10.90
CA LEU B 105 19.29 -14.35 10.55
C LEU B 105 19.42 -12.95 9.98
N SER B 106 18.33 -12.41 9.44
CA SER B 106 18.39 -11.07 8.88
C SER B 106 18.56 -10.00 9.94
N ARG B 107 18.26 -10.31 11.20
CA ARG B 107 18.50 -9.41 12.31
C ARG B 107 19.73 -9.82 13.14
N ILE B 108 20.59 -10.68 12.57
CA ILE B 108 21.77 -11.18 13.26
C ILE B 108 23.00 -10.83 12.43
N ASN B 109 24.02 -10.25 13.08
CA ASN B 109 25.26 -9.91 12.42
C ASN B 109 26.44 -10.80 12.79
N HIS B 110 26.34 -11.60 13.85
CA HIS B 110 27.45 -12.47 14.21
C HIS B 110 26.99 -13.61 15.12
N PHE B 111 27.49 -14.81 14.82
CA PHE B 111 27.34 -16.02 15.62
C PHE B 111 28.67 -16.34 16.30
N GLU B 112 28.59 -17.00 17.45
CA GLU B 112 29.75 -17.68 18.04
C GLU B 112 29.40 -19.15 18.24
N LYS B 113 29.98 -20.00 17.39
CA LYS B 113 29.76 -21.45 17.42
C LYS B 113 30.39 -22.04 18.67
N ILE B 114 29.61 -22.82 19.44
CA ILE B 114 30.13 -23.42 20.66
C ILE B 114 29.76 -24.90 20.70
N LEU B 115 30.62 -25.69 21.33
CA LEU B 115 30.44 -27.14 21.43
C LEU B 115 29.57 -27.43 22.64
N ILE B 116 28.35 -27.95 22.41
CA ILE B 116 27.43 -28.08 23.53
C ILE B 116 27.28 -29.53 23.97
N ILE B 117 27.42 -30.48 23.03
CA ILE B 117 27.39 -31.90 23.38
C ILE B 117 28.57 -32.65 22.77
N PRO B 118 29.64 -32.87 23.54
CA PRO B 118 30.83 -33.56 23.00
C PRO B 118 30.54 -35.02 22.67
N LYS B 119 31.34 -35.57 21.75
CA LYS B 119 31.20 -36.98 21.39
C LYS B 119 31.49 -37.93 22.55
N SER B 120 32.32 -37.54 23.51
CA SER B 120 32.49 -38.30 24.74
C SER B 120 31.21 -38.45 25.55
N SER B 121 30.16 -37.72 25.22
CA SER B 121 28.87 -37.89 25.91
C SER B 121 28.09 -39.08 25.40
N TRP B 122 28.60 -39.79 24.40
CA TRP B 122 27.91 -40.94 23.81
C TRP B 122 28.73 -42.21 23.97
N PRO B 123 29.04 -42.62 25.19
CA PRO B 123 29.97 -43.73 25.38
C PRO B 123 29.38 -45.08 25.00
N ASN B 124 28.06 -45.19 24.91
CA ASN B 124 27.36 -46.42 24.58
C ASN B 124 26.68 -46.37 23.21
N HIS B 125 27.02 -45.37 22.41
CA HIS B 125 26.59 -45.31 21.02
C HIS B 125 27.80 -45.10 20.12
N GLU B 126 27.64 -45.49 18.86
CA GLU B 126 28.71 -45.31 17.88
C GLU B 126 28.66 -43.91 17.31
N THR B 127 29.80 -43.23 17.32
CA THR B 127 29.86 -41.83 16.89
C THR B 127 30.67 -41.62 15.61
N SER B 128 31.35 -42.64 15.09
CA SER B 128 32.23 -42.44 13.95
C SER B 128 31.75 -43.12 12.67
N LEU B 129 30.52 -43.63 12.65
CA LEU B 129 29.97 -44.32 11.48
C LEU B 129 28.86 -43.55 10.81
N GLY B 130 28.44 -42.42 11.36
CA GLY B 130 27.34 -41.67 10.78
C GLY B 130 27.78 -40.86 9.57
N VAL B 131 28.26 -41.52 8.53
CA VAL B 131 28.73 -40.85 7.34
C VAL B 131 27.93 -41.37 6.14
N SER B 132 27.93 -40.58 5.08
CA SER B 132 27.31 -40.97 3.81
C SER B 132 28.12 -40.46 2.62
N ALA B 133 27.93 -41.13 1.48
CA ALA B 133 28.62 -40.76 0.24
C ALA B 133 27.92 -39.57 -0.41
N ALA B 134 26.73 -39.23 0.09
CA ALA B 134 25.98 -38.04 -0.27
C ALA B 134 26.62 -36.77 0.30
N CYS B 135 27.50 -36.91 1.30
CA CYS B 135 28.13 -35.78 1.97
C CYS B 135 29.62 -36.04 1.93
N PRO B 136 30.19 -36.13 0.72
CA PRO B 136 31.60 -36.49 0.57
C PRO B 136 32.51 -35.40 1.07
N TYR B 137 33.64 -35.82 1.63
CA TYR B 137 34.75 -34.91 1.95
C TYR B 137 36.04 -35.61 1.57
N GLN B 138 36.79 -34.99 0.65
CA GLN B 138 38.11 -35.48 0.30
C GLN B 138 38.07 -36.94 -0.13
N GLY B 139 37.09 -37.32 -0.94
CA GLY B 139 37.06 -38.58 -1.48
C GLY B 139 36.68 -39.67 -0.51
N ALA B 140 35.97 -39.31 0.55
CA ALA B 140 35.43 -40.32 1.45
C ALA B 140 34.06 -39.88 1.97
N PRO B 141 33.22 -40.84 2.34
CA PRO B 141 31.94 -40.48 2.98
C PRO B 141 32.15 -39.64 4.22
N SER B 142 31.30 -38.64 4.39
CA SER B 142 31.36 -37.74 5.53
C SER B 142 29.93 -37.34 5.88
N PHE B 143 29.79 -36.26 6.63
CA PHE B 143 28.48 -35.83 7.13
C PHE B 143 28.55 -34.37 7.51
N PHE B 144 27.38 -33.78 7.79
CA PHE B 144 27.28 -32.47 8.40
C PHE B 144 28.16 -32.40 9.66
N ARG B 145 28.88 -31.29 9.82
CA ARG B 145 29.85 -31.22 10.91
C ARG B 145 29.26 -30.79 12.25
N ASN B 146 28.14 -30.09 12.27
CA ASN B 146 27.64 -29.53 13.52
C ASN B 146 26.63 -30.41 14.24
N VAL B 147 26.34 -31.59 13.68
CA VAL B 147 25.42 -32.57 14.24
C VAL B 147 26.09 -33.94 14.12
N VAL B 148 25.59 -34.90 14.91
CA VAL B 148 26.16 -36.25 14.92
C VAL B 148 25.07 -37.26 14.58
N TRP B 149 25.34 -38.11 13.58
CA TRP B 149 24.47 -39.22 13.22
C TRP B 149 24.86 -40.42 14.08
N LEU B 150 24.08 -40.68 15.14
CA LEU B 150 24.44 -41.71 16.11
C LEU B 150 23.96 -43.08 15.62
N ILE B 151 24.76 -44.11 15.90
CA ILE B 151 24.52 -45.47 15.42
C ILE B 151 24.55 -46.42 16.61
N LYS B 152 23.99 -47.62 16.41
CA LYS B 152 24.06 -48.64 17.44
C LYS B 152 25.50 -49.06 17.68
N LYS B 153 25.79 -49.50 18.91
CA LYS B 153 27.13 -49.94 19.30
C LYS B 153 27.01 -51.26 20.02
N ASN B 154 27.87 -52.23 19.64
CA ASN B 154 27.73 -53.61 20.10
C ASN B 154 26.31 -54.12 19.87
N ASP B 155 25.76 -53.79 18.69
CA ASP B 155 24.45 -54.24 18.25
C ASP B 155 23.32 -53.77 19.18
N ALA B 156 23.53 -52.64 19.86
CA ALA B 156 22.54 -52.12 20.81
C ALA B 156 22.41 -50.61 20.64
N TYR B 157 21.21 -50.10 20.91
CA TYR B 157 20.97 -48.66 20.92
C TYR B 157 20.15 -48.31 22.17
N PRO B 158 20.82 -48.13 23.30
CA PRO B 158 20.09 -47.83 24.54
C PRO B 158 19.45 -46.46 24.46
N THR B 159 18.33 -46.31 25.16
CA THR B 159 17.61 -45.05 25.13
C THR B 159 18.48 -43.90 25.64
N ILE B 160 18.45 -42.79 24.91
CA ILE B 160 19.22 -41.59 25.22
C ILE B 160 18.37 -40.67 26.09
N LYS B 161 18.97 -40.14 27.16
CA LYS B 161 18.32 -39.14 28.00
C LYS B 161 19.37 -38.08 28.34
N ILE B 162 19.31 -36.93 27.66
CA ILE B 162 20.35 -35.90 27.78
C ILE B 162 19.68 -34.53 27.89
N SER B 163 20.29 -33.65 28.69
CA SER B 163 19.85 -32.29 28.89
C SER B 163 21.03 -31.35 28.67
N TYR B 164 20.83 -30.28 27.94
CA TYR B 164 21.81 -29.19 27.91
C TYR B 164 21.15 -27.93 28.46
N ASN B 165 21.80 -27.28 29.40
CA ASN B 165 21.27 -26.09 30.05
C ASN B 165 22.06 -24.89 29.54
N ASN B 166 21.36 -23.91 28.98
CA ASN B 166 22.02 -22.74 28.44
C ASN B 166 22.51 -21.86 29.57
N THR B 167 23.80 -21.96 29.87
CA THR B 167 24.38 -21.17 30.94
C THR B 167 24.96 -19.86 30.45
N ASN B 168 25.02 -19.66 29.13
CA ASN B 168 25.40 -18.38 28.57
C ASN B 168 24.27 -17.37 28.72
N ARG B 169 24.63 -16.09 28.68
CA ARG B 169 23.65 -15.02 28.70
C ARG B 169 23.09 -14.69 27.32
N GLU B 170 23.64 -15.27 26.27
CA GLU B 170 23.18 -15.07 24.90
C GLU B 170 22.19 -16.16 24.51
N ASP B 171 21.27 -15.82 23.60
CA ASP B 171 20.40 -16.85 23.07
C ASP B 171 21.23 -17.86 22.28
N LEU B 172 20.78 -19.11 22.29
CA LEU B 172 21.46 -20.22 21.65
C LEU B 172 20.58 -20.80 20.57
N LEU B 173 21.10 -20.85 19.34
CA LEU B 173 20.44 -21.57 18.26
C LEU B 173 20.97 -23.00 18.24
N ILE B 174 20.07 -23.97 18.36
CA ILE B 174 20.39 -25.40 18.39
C ILE B 174 19.68 -26.07 17.22
N LEU B 175 20.36 -26.99 16.55
CA LEU B 175 19.79 -27.78 15.46
C LEU B 175 19.94 -29.27 15.75
N TRP B 176 18.92 -30.06 15.38
CA TRP B 176 18.95 -31.52 15.49
C TRP B 176 18.12 -32.08 14.34
N GLY B 177 18.11 -33.41 14.20
CA GLY B 177 17.23 -33.98 13.22
C GLY B 177 16.87 -35.42 13.47
N ILE B 178 16.06 -35.95 12.56
CA ILE B 178 15.69 -37.34 12.55
C ILE B 178 16.06 -37.93 11.20
N HIS B 179 16.47 -39.21 11.21
CA HIS B 179 16.70 -39.97 10.00
C HIS B 179 15.52 -40.88 9.72
N HIS B 180 14.94 -40.75 8.52
CA HIS B 180 13.96 -41.72 8.04
C HIS B 180 14.67 -42.85 7.29
N SER B 181 14.62 -44.05 7.87
CA SER B 181 15.25 -45.21 7.26
C SER B 181 14.40 -45.74 6.10
N ASN B 182 14.98 -46.64 5.29
CA ASN B 182 14.35 -47.07 4.03
C ASN B 182 13.52 -48.34 4.13
N ASN B 183 13.77 -49.18 5.13
CA ASN B 183 13.02 -50.43 5.29
C ASN B 183 13.35 -50.99 6.67
N ALA B 184 12.65 -52.07 7.02
CA ALA B 184 12.80 -52.64 8.36
C ALA B 184 14.20 -53.22 8.58
N GLU B 185 14.82 -53.75 7.53
CA GLU B 185 16.17 -54.29 7.68
C GLU B 185 17.19 -53.19 7.94
N GLU B 186 17.12 -52.10 7.17
CA GLU B 186 18.07 -51.03 7.37
C GLU B 186 17.87 -50.39 8.74
N GLN B 187 16.61 -50.27 9.20
CA GLN B 187 16.33 -49.78 10.54
C GLN B 187 17.06 -50.59 11.61
N ILE B 188 17.01 -51.93 11.51
CA ILE B 188 17.72 -52.79 12.46
C ILE B 188 19.23 -52.63 12.33
N ASN B 189 19.76 -52.72 11.11
CA ASN B 189 21.20 -52.61 10.88
C ASN B 189 21.81 -51.34 11.44
N LEU B 190 21.07 -50.23 11.41
CA LEU B 190 21.55 -48.94 11.87
C LEU B 190 21.29 -48.70 13.36
N TYR B 191 20.06 -48.97 13.79
CA TYR B 191 19.60 -48.77 15.16
C TYR B 191 18.81 -50.01 15.53
N LYS B 192 19.40 -50.93 16.30
CA LYS B 192 18.79 -52.23 16.51
C LYS B 192 17.26 -52.16 16.71
N ASN B 193 16.78 -51.08 17.32
CA ASN B 193 15.37 -50.98 17.73
C ASN B 193 14.47 -50.71 16.51
N PRO B 194 13.44 -51.52 16.28
CA PRO B 194 12.60 -51.33 15.09
C PRO B 194 11.64 -50.16 15.17
N THR B 195 11.17 -49.85 16.37
CA THR B 195 10.17 -48.82 16.64
C THR B 195 10.81 -47.70 17.45
N THR B 196 11.05 -46.57 16.82
CA THR B 196 11.85 -45.53 17.47
C THR B 196 11.09 -44.22 17.54
N TYR B 197 11.61 -43.30 18.35
CA TYR B 197 11.04 -41.97 18.55
C TYR B 197 12.16 -41.02 18.97
N ILE B 198 11.93 -39.72 18.72
CA ILE B 198 12.70 -38.65 19.35
C ILE B 198 11.72 -37.70 20.06
N SER B 199 11.97 -37.47 21.34
CA SER B 199 11.27 -36.46 22.14
C SER B 199 12.23 -35.31 22.38
N VAL B 200 11.73 -34.08 22.28
CA VAL B 200 12.51 -32.87 22.53
C VAL B 200 11.63 -31.93 23.32
N GLY B 201 12.12 -31.48 24.47
CA GLY B 201 11.36 -30.57 25.28
C GLY B 201 12.18 -29.39 25.75
N THR B 202 11.52 -28.23 25.87
CA THR B 202 12.09 -27.09 26.59
C THR B 202 11.06 -26.57 27.57
N SER B 203 11.12 -25.27 27.89
CA SER B 203 10.02 -24.64 28.60
C SER B 203 8.84 -24.34 27.68
N THR B 204 9.07 -24.24 26.37
CA THR B 204 8.02 -24.04 25.40
C THR B 204 7.94 -25.13 24.33
N LEU B 205 8.97 -25.94 24.14
CA LEU B 205 8.95 -26.93 23.09
C LEU B 205 8.47 -28.27 23.67
N ASN B 206 7.58 -28.95 22.91
CA ASN B 206 7.04 -30.25 23.28
C ASN B 206 6.85 -31.03 21.97
N GLN B 207 7.96 -31.52 21.41
CA GLN B 207 7.95 -32.21 20.12
C GLN B 207 8.27 -33.71 20.25
N ARG B 208 7.49 -34.53 19.55
CA ARG B 208 7.77 -35.96 19.35
C ARG B 208 7.90 -36.29 17.86
N LEU B 209 9.03 -36.86 17.47
CA LEU B 209 9.28 -37.30 16.10
C LEU B 209 9.37 -38.84 16.03
N VAL B 210 8.76 -39.40 14.99
CA VAL B 210 8.80 -40.83 14.72
C VAL B 210 9.24 -41.05 13.27
N PRO B 211 10.28 -41.87 12.99
CA PRO B 211 10.72 -42.04 11.60
C PRO B 211 9.63 -42.59 10.71
N LYS B 212 9.74 -42.26 9.44
CA LYS B 212 8.81 -42.66 8.40
C LYS B 212 9.58 -43.61 7.47
N ILE B 213 9.37 -44.91 7.67
CA ILE B 213 10.10 -45.97 6.99
C ILE B 213 9.28 -46.38 5.77
N ALA B 214 9.58 -45.77 4.63
CA ALA B 214 8.85 -46.02 3.41
C ALA B 214 9.80 -45.85 2.25
N THR B 215 9.29 -46.10 1.05
CA THR B 215 10.04 -46.05 -0.19
C THR B 215 9.97 -44.65 -0.80
N ARG B 216 11.13 -44.06 -1.06
CA ARG B 216 11.20 -42.73 -1.66
C ARG B 216 12.17 -42.79 -2.84
N SER B 217 12.07 -41.78 -3.71
CA SER B 217 13.01 -41.65 -4.81
C SER B 217 14.41 -41.33 -4.29
N GLN B 218 15.43 -41.74 -5.05
CA GLN B 218 16.80 -41.44 -4.64
C GLN B 218 17.18 -40.04 -5.08
N VAL B 219 17.80 -39.29 -4.16
CA VAL B 219 18.28 -37.93 -4.41
C VAL B 219 19.70 -37.89 -3.86
N ASN B 220 20.66 -37.45 -4.69
CA ASN B 220 22.07 -37.51 -4.32
C ASN B 220 22.49 -38.93 -3.95
N GLY B 221 21.92 -39.92 -4.64
CA GLY B 221 22.17 -41.34 -4.38
C GLY B 221 21.48 -41.94 -3.16
N GLN B 222 20.72 -41.17 -2.39
CA GLN B 222 20.09 -41.67 -1.16
C GLN B 222 18.58 -41.72 -1.29
N ARG B 223 17.97 -42.82 -0.87
CA ARG B 223 16.52 -42.90 -0.72
C ARG B 223 16.08 -42.57 0.69
N GLY B 224 17.02 -42.49 1.63
CA GLY B 224 16.73 -41.99 2.95
C GLY B 224 16.51 -40.51 2.92
N ARG B 225 16.03 -39.98 4.05
CA ARG B 225 15.85 -38.55 4.25
C ARG B 225 16.28 -38.18 5.65
N MET B 226 16.71 -36.95 5.81
CA MET B 226 16.94 -36.39 7.14
C MET B 226 16.15 -35.09 7.26
N ASP B 227 15.28 -35.05 8.27
CA ASP B 227 14.48 -33.87 8.60
C ASP B 227 15.13 -33.19 9.80
N PHE B 228 15.48 -31.92 9.64
CA PHE B 228 16.12 -31.17 10.70
C PHE B 228 15.16 -30.13 11.28
N PHE B 229 15.45 -29.75 12.53
CA PHE B 229 14.65 -28.81 13.29
C PHE B 229 15.59 -27.91 14.07
N TRP B 230 15.04 -26.82 14.60
CA TRP B 230 15.82 -25.83 15.31
C TRP B 230 14.95 -25.16 16.36
N THR B 231 15.61 -24.50 17.30
CA THR B 231 14.93 -23.71 18.31
C THR B 231 15.94 -22.75 18.89
N ILE B 232 15.41 -21.71 19.50
CA ILE B 232 16.19 -20.73 20.22
C ILE B 232 16.01 -21.05 21.69
N LEU B 233 17.10 -21.37 22.37
CA LEU B 233 17.06 -21.72 23.79
C LEU B 233 17.41 -20.50 24.62
N LYS B 234 16.45 -20.00 25.41
CA LYS B 234 16.62 -18.77 26.17
C LYS B 234 17.75 -18.92 27.19
N PRO B 235 18.24 -17.80 27.72
CA PRO B 235 19.48 -17.84 28.51
C PRO B 235 19.46 -18.69 29.77
N ASP B 236 18.32 -19.09 30.34
CA ASP B 236 18.44 -20.03 31.47
C ASP B 236 17.60 -21.29 31.30
N ASP B 237 17.20 -21.60 30.08
CA ASP B 237 16.36 -22.74 29.82
C ASP B 237 17.24 -23.94 29.48
N ALA B 238 16.62 -25.12 29.42
CA ALA B 238 17.28 -26.37 29.06
C ALA B 238 16.47 -27.08 27.98
N ILE B 239 17.18 -27.77 27.10
CA ILE B 239 16.56 -28.62 26.09
C ILE B 239 16.83 -30.06 26.50
N HIS B 240 15.80 -30.90 26.44
CA HIS B 240 15.88 -32.29 26.88
C HIS B 240 15.59 -33.20 25.70
N PHE B 241 16.50 -34.12 25.43
CA PHE B 241 16.35 -35.08 24.33
C PHE B 241 16.18 -36.49 24.88
N GLU B 242 15.25 -37.22 24.30
CA GLU B 242 15.10 -38.63 24.56
C GLU B 242 14.90 -39.31 23.20
N SER B 243 15.57 -40.44 22.99
CA SER B 243 15.46 -41.16 21.72
C SER B 243 16.03 -42.56 21.85
N ASN B 244 15.37 -43.52 21.22
CA ASN B 244 15.91 -44.87 21.07
C ASN B 244 16.38 -45.16 19.64
N GLY B 245 16.59 -44.13 18.83
CA GLY B 245 17.24 -44.30 17.54
C GLY B 245 16.74 -43.30 16.50
N ASN B 246 17.41 -43.31 15.34
CA ASN B 246 17.13 -42.39 14.22
C ASN B 246 17.39 -40.94 14.59
N PHE B 247 18.26 -40.74 15.57
CA PHE B 247 18.43 -39.43 16.20
C PHE B 247 19.73 -38.82 15.66
N ILE B 248 19.65 -37.59 15.16
CA ILE B 248 20.81 -36.84 14.72
C ILE B 248 21.02 -35.74 15.74
N ALA B 249 21.98 -35.97 16.63
CA ALA B 249 22.18 -35.18 17.82
C ALA B 249 22.92 -33.89 17.48
N PRO B 250 22.70 -32.83 18.23
CA PRO B 250 23.55 -31.66 18.07
C PRO B 250 24.96 -31.95 18.58
N GLU B 251 25.88 -31.11 18.14
CA GLU B 251 27.25 -31.15 18.67
C GLU B 251 27.69 -29.72 18.91
N TYR B 252 27.53 -28.89 17.90
CA TYR B 252 27.83 -27.47 17.94
C TYR B 252 26.53 -26.68 17.81
N ALA B 253 26.51 -25.51 18.44
CA ALA B 253 25.36 -24.63 18.44
C ALA B 253 25.88 -23.21 18.33
N TYR B 254 25.00 -22.27 17.99
CA TYR B 254 25.42 -20.93 17.62
C TYR B 254 24.92 -19.92 18.64
N LYS B 255 25.86 -19.25 19.29
CA LYS B 255 25.52 -18.18 20.23
C LYS B 255 25.28 -16.88 19.47
N ILE B 256 24.06 -16.36 19.53
CA ILE B 256 23.76 -15.08 18.88
C ILE B 256 24.42 -13.97 19.68
N VAL B 257 25.51 -13.41 19.17
CA VAL B 257 26.30 -12.47 19.95
C VAL B 257 26.02 -11.03 19.52
N LYS B 258 25.73 -10.83 18.23
CA LYS B 258 25.52 -9.49 17.67
C LYS B 258 24.22 -9.48 16.90
N LYS B 259 23.28 -8.62 17.34
CA LYS B 259 22.00 -8.42 16.69
C LYS B 259 21.95 -7.01 16.12
N GLY B 260 21.32 -6.86 14.97
CA GLY B 260 21.27 -5.57 14.30
C GLY B 260 20.73 -5.73 12.89
N ASP B 261 21.12 -4.80 12.03
CA ASP B 261 20.58 -4.70 10.67
C ASP B 261 21.46 -5.48 9.70
N SER B 262 20.83 -6.36 8.94
CA SER B 262 21.49 -7.22 7.96
C SER B 262 20.41 -7.71 7.01
N THR B 263 20.82 -8.44 6.00
CA THR B 263 19.90 -8.89 4.96
C THR B 263 20.52 -10.10 4.30
N ILE B 264 19.69 -10.96 3.76
CA ILE B 264 20.14 -12.09 2.97
C ILE B 264 19.94 -11.64 1.53
N MET B 265 21.01 -11.11 0.95
CA MET B 265 20.96 -10.64 -0.41
C MET B 265 21.14 -11.84 -1.35
N LYS B 266 20.39 -11.83 -2.45
CA LYS B 266 20.56 -12.84 -3.48
C LYS B 266 21.24 -12.17 -4.66
N SER B 267 22.44 -12.67 -5.00
CA SER B 267 23.20 -12.10 -6.09
C SER B 267 24.33 -13.07 -6.46
N GLY B 268 24.69 -13.08 -7.74
CA GLY B 268 25.92 -13.66 -8.23
C GLY B 268 26.96 -12.67 -8.71
N VAL B 269 26.78 -11.38 -8.46
CA VAL B 269 27.85 -10.40 -8.71
C VAL B 269 29.02 -10.66 -7.76
N GLU B 270 30.23 -10.33 -8.21
CA GLU B 270 31.47 -10.55 -7.48
C GLU B 270 31.77 -9.43 -6.48
N TYR B 271 32.50 -9.81 -5.43
CA TYR B 271 33.11 -8.87 -4.51
C TYR B 271 34.20 -8.08 -5.21
N GLY B 272 34.19 -6.74 -5.03
CA GLY B 272 35.11 -5.83 -5.72
C GLY B 272 36.14 -5.08 -4.90
N ASN B 273 36.42 -5.53 -3.67
CA ASN B 273 37.41 -4.89 -2.79
C ASN B 273 37.11 -3.40 -2.64
N CYS B 274 35.87 -3.10 -2.24
CA CYS B 274 35.36 -1.74 -2.20
C CYS B 274 34.58 -1.54 -0.90
N ASN B 275 34.28 -0.27 -0.61
CA ASN B 275 33.46 0.11 0.54
C ASN B 275 32.35 1.03 0.07
N THR B 276 31.18 0.90 0.69
CA THR B 276 30.04 1.71 0.29
C THR B 276 29.16 1.95 1.51
N LYS B 277 28.28 2.94 1.38
CA LYS B 277 27.24 3.19 2.37
C LYS B 277 25.90 2.59 1.96
N CYS B 278 25.81 2.14 0.71
CA CYS B 278 24.56 1.70 0.09
C CYS B 278 24.86 0.56 -0.86
N GLN B 279 24.20 -0.58 -0.66
CA GLN B 279 24.45 -1.78 -1.44
C GLN B 279 23.16 -2.38 -1.99
N THR B 280 23.19 -2.74 -3.26
CA THR B 280 22.09 -3.40 -3.96
C THR B 280 22.61 -4.71 -4.54
N PRO B 281 21.72 -5.67 -4.84
CA PRO B 281 22.20 -6.97 -5.35
C PRO B 281 22.92 -6.91 -6.69
N VAL B 282 22.80 -5.80 -7.45
CA VAL B 282 23.50 -5.66 -8.72
C VAL B 282 24.72 -4.74 -8.62
N GLY B 283 24.87 -3.99 -7.55
CA GLY B 283 26.01 -3.09 -7.41
C GLY B 283 25.82 -2.14 -6.25
N ALA B 284 26.91 -1.47 -5.89
CA ALA B 284 26.91 -0.49 -4.81
C ALA B 284 26.68 0.93 -5.37
N ILE B 285 26.16 1.81 -4.50
CA ILE B 285 25.72 3.14 -4.86
C ILE B 285 26.59 4.15 -4.11
N ASN B 286 27.12 5.14 -4.84
CA ASN B 286 27.89 6.24 -4.24
C ASN B 286 27.28 7.55 -4.74
N SER B 287 26.23 8.02 -4.06
CA SER B 287 25.48 9.20 -4.49
C SER B 287 24.88 9.97 -3.31
N SER B 288 24.66 11.25 -3.52
CA SER B 288 23.90 12.08 -2.60
C SER B 288 22.53 12.41 -3.15
N MET B 289 22.16 11.79 -4.28
CA MET B 289 20.86 11.97 -4.88
C MET B 289 19.76 11.50 -3.94
N PRO B 290 18.59 12.13 -3.97
CA PRO B 290 17.47 11.68 -3.15
C PRO B 290 16.77 10.45 -3.70
N PHE B 291 17.00 10.11 -4.97
CA PHE B 291 16.32 9.00 -5.60
C PHE B 291 17.32 8.19 -6.42
N HIS B 292 17.02 6.90 -6.57
CA HIS B 292 17.79 6.02 -7.43
C HIS B 292 16.83 5.05 -8.11
N ASN B 293 17.30 4.44 -9.21
CA ASN B 293 16.53 3.43 -9.91
C ASN B 293 17.35 2.14 -10.10
N ILE B 294 18.31 1.89 -9.21
CA ILE B 294 19.19 0.73 -9.37
C ILE B 294 18.45 -0.57 -9.06
N HIS B 295 17.86 -0.67 -7.86
CA HIS B 295 17.27 -1.93 -7.43
C HIS B 295 16.38 -1.70 -6.21
N PRO B 296 15.21 -2.33 -6.13
CA PRO B 296 14.35 -2.14 -4.95
C PRO B 296 14.99 -2.56 -3.64
N LEU B 297 15.81 -3.59 -3.64
CA LEU B 297 16.33 -4.17 -2.39
C LEU B 297 17.68 -3.54 -2.08
N THR B 298 17.71 -2.67 -1.08
CA THR B 298 18.96 -2.02 -0.70
C THR B 298 19.20 -2.18 0.80
N ILE B 299 20.44 -1.89 1.20
CA ILE B 299 20.83 -1.92 2.60
C ILE B 299 21.86 -0.84 2.83
N GLY B 300 21.77 -0.17 3.98
CA GLY B 300 22.58 1.00 4.29
C GLY B 300 21.81 2.29 4.07
N GLU B 301 22.54 3.41 4.20
CA GLU B 301 21.99 4.75 3.97
C GLU B 301 21.81 4.98 2.48
N CYS B 302 20.60 4.74 1.97
CA CYS B 302 20.37 4.68 0.54
C CYS B 302 19.43 5.77 0.06
N PRO B 303 19.44 6.08 -1.23
CA PRO B 303 18.39 6.92 -1.78
C PRO B 303 17.11 6.10 -1.90
N LYS B 304 16.02 6.81 -2.09
CA LYS B 304 14.71 6.19 -2.23
C LYS B 304 14.59 5.62 -3.63
N TYR B 305 14.06 4.42 -3.73
CA TYR B 305 14.04 3.75 -5.02
C TYR B 305 12.78 4.10 -5.80
N VAL B 306 12.96 4.41 -7.08
CA VAL B 306 11.86 4.69 -8.00
C VAL B 306 12.15 3.98 -9.31
N LYS B 307 11.09 3.70 -10.07
CA LYS B 307 11.20 3.09 -11.39
C LYS B 307 11.53 4.09 -12.50
N SER B 308 11.73 5.36 -12.16
CA SER B 308 11.91 6.41 -13.15
C SER B 308 13.21 6.26 -13.92
N ASN B 309 13.18 6.70 -15.18
CA ASN B 309 14.40 6.84 -15.97
C ASN B 309 15.00 8.24 -15.88
N LYS B 310 14.16 9.26 -15.67
CA LYS B 310 14.59 10.66 -15.63
C LYS B 310 13.83 11.36 -14.52
N LEU B 311 14.57 12.11 -13.69
CA LEU B 311 13.95 12.95 -12.66
C LEU B 311 14.85 14.18 -12.51
N VAL B 312 14.54 15.23 -13.27
CA VAL B 312 15.30 16.48 -13.26
C VAL B 312 14.39 17.65 -12.92
N LEU B 313 14.73 18.39 -11.86
CA LEU B 313 13.97 19.54 -11.41
C LEU B 313 14.47 20.81 -12.11
N ALA B 314 13.53 21.68 -12.48
CA ALA B 314 13.88 23.00 -12.99
C ALA B 314 14.26 23.89 -11.83
N THR B 315 15.41 24.57 -11.95
CA THR B 315 15.77 25.61 -10.99
C THR B 315 15.87 26.98 -11.63
N GLY B 316 16.45 27.08 -12.83
CA GLY B 316 16.50 28.33 -13.58
C GLY B 316 15.33 28.47 -14.54
N LEU B 317 15.51 29.36 -15.50
CA LEU B 317 14.40 29.74 -16.35
C LEU B 317 14.58 29.15 -17.74
N ARG B 318 13.50 29.20 -18.51
CA ARG B 318 13.53 28.71 -19.87
C ARG B 318 14.61 29.41 -20.68
N ASN B 319 15.38 28.64 -21.43
CA ASN B 319 16.53 29.13 -22.18
C ASN B 319 16.12 29.56 -23.60
N SER B 320 17.01 30.31 -24.25
CA SER B 320 16.77 30.84 -25.60
C SER B 320 17.64 30.16 -26.65
N LEU B 331 1.09 31.37 -17.07
CA LEU B 331 1.96 32.22 -17.95
C LEU B 331 1.63 33.69 -17.67
N PHE B 332 2.65 34.49 -17.43
CA PHE B 332 2.42 35.92 -17.07
C PHE B 332 2.64 36.77 -18.32
N GLY B 333 3.37 36.25 -19.31
CA GLY B 333 3.50 36.98 -20.59
C GLY B 333 4.84 37.67 -20.80
N ALA B 334 5.74 37.62 -19.83
CA ALA B 334 7.05 38.23 -20.07
C ALA B 334 8.03 37.30 -20.77
N ILE B 335 8.44 36.23 -20.06
CA ILE B 335 9.45 35.33 -20.59
C ILE B 335 8.91 34.70 -21.87
N ALA B 336 9.72 34.76 -22.93
CA ALA B 336 9.31 34.37 -24.29
C ALA B 336 7.95 34.96 -24.67
N GLY B 337 7.64 36.14 -24.14
CA GLY B 337 6.40 36.83 -24.39
C GLY B 337 6.62 38.15 -25.10
N PHE B 338 6.50 39.29 -24.40
CA PHE B 338 6.90 40.55 -25.03
C PHE B 338 8.42 40.71 -25.02
N ILE B 339 9.12 40.07 -24.10
CA ILE B 339 10.57 39.92 -24.18
C ILE B 339 10.84 38.65 -24.98
N GLU B 340 11.28 38.83 -26.23
CA GLU B 340 11.34 37.69 -27.15
C GLU B 340 12.33 36.63 -26.67
N GLY B 341 13.46 37.04 -26.09
CA GLY B 341 14.40 36.07 -25.55
C GLY B 341 15.27 36.61 -24.44
N GLY B 342 16.06 35.68 -23.85
CA GLY B 342 17.06 36.01 -22.87
C GLY B 342 18.32 36.62 -23.45
N TRP B 343 19.14 37.13 -22.54
CA TRP B 343 20.38 37.83 -22.87
C TRP B 343 21.55 36.96 -22.46
N GLN B 344 22.41 36.62 -23.42
CA GLN B 344 23.66 35.97 -23.04
C GLN B 344 24.57 36.95 -22.30
N GLY B 345 24.49 38.25 -22.61
CA GLY B 345 25.40 39.23 -22.06
C GLY B 345 25.12 39.64 -20.64
N MET B 346 24.04 39.14 -20.04
CA MET B 346 23.77 39.36 -18.60
C MET B 346 24.32 38.15 -17.82
N VAL B 347 25.41 38.32 -17.06
CA VAL B 347 26.08 37.14 -16.46
C VAL B 347 26.00 37.03 -14.93
N ASP B 348 25.64 38.09 -14.20
CA ASP B 348 25.73 37.97 -12.72
C ASP B 348 24.33 37.91 -12.08
N GLY B 349 23.34 37.40 -12.81
CA GLY B 349 21.99 37.27 -12.25
C GLY B 349 20.99 36.72 -13.24
N TRP B 350 19.78 36.43 -12.77
CA TRP B 350 18.74 35.82 -13.63
C TRP B 350 17.87 36.90 -14.22
N TYR B 351 17.72 38.03 -13.53
CA TYR B 351 16.93 39.14 -14.05
C TYR B 351 17.74 40.42 -13.95
N GLY B 352 17.48 41.34 -14.87
CA GLY B 352 18.20 42.59 -14.84
C GLY B 352 17.81 43.55 -15.93
N TYR B 353 18.70 44.52 -16.13
CA TYR B 353 18.47 45.64 -17.01
C TYR B 353 19.59 45.72 -18.05
N HIS B 354 19.24 46.24 -19.23
CA HIS B 354 20.19 46.69 -20.23
C HIS B 354 19.88 48.15 -20.48
N HIS B 355 20.89 49.00 -20.34
CA HIS B 355 20.72 50.42 -20.60
C HIS B 355 21.46 50.81 -21.87
N SER B 356 21.01 51.91 -22.47
CA SER B 356 21.65 52.48 -23.65
C SER B 356 21.51 53.99 -23.55
N ASN B 357 22.64 54.70 -23.45
CA ASN B 357 22.62 56.15 -23.44
C ASN B 357 23.83 56.65 -24.24
N GLU B 358 24.02 57.98 -24.24
CA GLU B 358 25.09 58.56 -25.05
C GLU B 358 26.48 58.21 -24.51
N GLN B 359 26.58 57.77 -23.26
CA GLN B 359 27.86 57.37 -22.72
C GLN B 359 28.17 55.89 -22.95
N GLY B 360 27.24 55.13 -23.50
CA GLY B 360 27.45 53.71 -23.73
C GLY B 360 26.25 52.89 -23.26
N SER B 361 26.47 51.57 -23.21
CA SER B 361 25.46 50.59 -22.85
C SER B 361 26.06 49.58 -21.88
N GLY B 362 25.30 48.55 -21.54
CA GLY B 362 25.76 47.55 -20.60
C GLY B 362 24.63 46.83 -19.92
N TYR B 363 24.96 45.65 -19.35
CA TYR B 363 24.01 44.83 -18.62
C TYR B 363 24.19 44.99 -17.12
N ALA B 364 23.08 44.96 -16.40
CA ALA B 364 23.11 44.97 -14.94
C ALA B 364 22.05 44.02 -14.39
N ALA B 365 22.45 43.14 -13.48
CA ALA B 365 21.50 42.27 -12.80
C ALA B 365 20.84 42.97 -11.62
N ASP B 366 19.57 42.65 -11.40
CA ASP B 366 18.80 43.13 -10.25
C ASP B 366 18.99 42.11 -9.13
N LYS B 367 19.87 42.41 -8.18
CA LYS B 367 20.18 41.43 -7.15
C LYS B 367 18.97 41.14 -6.26
N GLU B 368 18.18 42.16 -5.95
CA GLU B 368 17.02 42.00 -5.09
C GLU B 368 16.07 40.93 -5.64
N SER B 369 15.67 41.07 -6.90
CA SER B 369 14.68 40.12 -7.42
C SER B 369 15.30 38.76 -7.68
N THR B 370 16.59 38.69 -8.01
CA THR B 370 17.19 37.39 -8.28
C THR B 370 17.42 36.63 -6.98
N GLN B 371 17.79 37.34 -5.91
CA GLN B 371 18.00 36.65 -4.64
C GLN B 371 16.68 36.10 -4.08
N LYS B 372 15.58 36.82 -4.26
CA LYS B 372 14.29 36.29 -3.85
C LYS B 372 13.92 35.05 -4.64
N ALA B 373 14.24 35.03 -5.92
CA ALA B 373 13.91 33.86 -6.73
C ALA B 373 14.84 32.70 -6.40
N ILE B 374 16.08 33.00 -5.99
CA ILE B 374 16.98 31.92 -5.62
C ILE B 374 16.48 31.23 -4.34
N ASP B 375 16.11 32.02 -3.34
CA ASP B 375 15.59 31.47 -2.09
C ASP B 375 14.35 30.61 -2.34
N GLY B 376 13.40 31.14 -3.12
CA GLY B 376 12.19 30.39 -3.43
C GLY B 376 12.46 29.11 -4.20
N VAL B 377 13.42 29.14 -5.12
CA VAL B 377 13.71 27.93 -5.88
C VAL B 377 14.47 26.92 -5.03
N THR B 378 15.36 27.40 -4.15
CA THR B 378 16.11 26.51 -3.28
C THR B 378 15.20 25.86 -2.23
N ASN B 379 14.29 26.65 -1.63
CA ASN B 379 13.35 26.08 -0.68
C ASN B 379 12.44 25.06 -1.34
N LYS B 380 12.02 25.30 -2.58
CA LYS B 380 11.18 24.33 -3.27
C LYS B 380 11.92 23.02 -3.48
N VAL B 381 13.21 23.09 -3.82
CA VAL B 381 14.01 21.89 -4.00
C VAL B 381 14.18 21.17 -2.67
N ASN B 382 14.55 21.93 -1.64
CA ASN B 382 14.69 21.35 -0.31
C ASN B 382 13.36 20.79 0.19
N SER B 383 12.26 21.49 -0.04
CA SER B 383 10.96 20.99 0.43
C SER B 383 10.61 19.67 -0.23
N ILE B 384 10.93 19.50 -1.51
CA ILE B 384 10.57 18.28 -2.20
C ILE B 384 11.41 17.10 -1.71
N ILE B 385 12.71 17.30 -1.51
CA ILE B 385 13.54 16.23 -0.97
C ILE B 385 13.05 15.83 0.42
N ASP B 386 12.67 16.81 1.26
CA ASP B 386 12.24 16.50 2.61
C ASP B 386 10.89 15.78 2.61
N LYS B 387 10.01 16.10 1.66
CA LYS B 387 8.73 15.39 1.63
C LYS B 387 8.91 13.93 1.24
N MET B 388 10.04 13.58 0.64
CA MET B 388 10.34 12.23 0.21
C MET B 388 11.23 11.47 1.20
N ASN B 389 11.35 11.96 2.45
CA ASN B 389 12.18 11.28 3.45
C ASN B 389 11.61 9.93 3.83
N THR B 390 10.29 9.84 3.98
CA THR B 390 9.63 8.62 4.43
C THR B 390 8.96 7.98 3.21
N GLN B 391 9.56 6.92 2.70
CA GLN B 391 9.08 6.23 1.52
C GLN B 391 9.10 4.73 1.79
N PHE B 392 8.46 3.97 0.90
CA PHE B 392 8.46 2.53 1.08
C PHE B 392 9.83 1.96 0.75
N GLU B 393 10.33 1.11 1.66
CA GLU B 393 11.59 0.41 1.51
C GLU B 393 11.30 -1.06 1.39
N ALA B 394 11.57 -1.61 0.21
CA ALA B 394 11.39 -3.05 -0.02
C ALA B 394 12.30 -3.85 0.91
N VAL B 395 11.85 -5.05 1.29
CA VAL B 395 12.55 -5.90 2.25
C VAL B 395 12.52 -7.34 1.75
N GLY B 396 13.66 -8.02 1.83
CA GLY B 396 13.76 -9.40 1.40
C GLY B 396 12.97 -10.30 2.34
N ARG B 397 11.94 -10.98 1.81
CA ARG B 397 11.15 -11.94 2.56
C ARG B 397 11.01 -13.20 1.70
N GLU B 398 11.21 -14.37 2.32
CA GLU B 398 11.31 -15.66 1.64
C GLU B 398 10.11 -16.55 1.93
N PHE B 399 9.71 -17.34 0.94
CA PHE B 399 8.54 -18.20 1.07
C PHE B 399 8.81 -19.54 0.41
N ASN B 400 8.14 -20.61 0.89
CA ASN B 400 8.39 -21.92 0.31
C ASN B 400 7.32 -22.25 -0.74
N ASN B 401 7.40 -23.46 -1.29
CA ASN B 401 6.64 -23.86 -2.47
C ASN B 401 5.15 -23.93 -2.20
N LEU B 402 4.74 -24.10 -0.94
CA LEU B 402 3.33 -24.07 -0.57
C LEU B 402 2.95 -22.79 0.18
N GLU B 403 3.73 -21.71 0.03
CA GLU B 403 3.37 -20.38 0.52
C GLU B 403 3.30 -19.37 -0.64
N ARG B 404 2.72 -19.79 -1.76
CA ARG B 404 2.73 -18.94 -2.94
C ARG B 404 1.67 -17.87 -2.88
N ARG B 405 0.57 -18.10 -2.14
CA ARG B 405 -0.42 -17.05 -1.96
C ARG B 405 0.18 -15.88 -1.19
N ILE B 406 0.87 -16.18 -0.09
CA ILE B 406 1.46 -15.12 0.69
C ILE B 406 2.64 -14.51 -0.05
N GLU B 407 3.40 -15.30 -0.80
CA GLU B 407 4.47 -14.74 -1.62
C GLU B 407 3.92 -13.78 -2.66
N ASN B 408 2.81 -14.16 -3.29
CA ASN B 408 2.21 -13.30 -4.28
C ASN B 408 1.63 -12.04 -3.64
N LEU B 409 1.06 -12.18 -2.44
CA LEU B 409 0.66 -11.02 -1.64
C LEU B 409 1.85 -10.10 -1.38
N ASN B 410 2.96 -10.66 -0.91
CA ASN B 410 4.14 -9.85 -0.62
C ASN B 410 4.60 -9.08 -1.85
N LYS B 411 4.61 -9.75 -3.01
CA LYS B 411 5.11 -9.12 -4.23
C LYS B 411 4.26 -7.93 -4.63
N LYS B 412 2.94 -8.11 -4.60
CA LYS B 412 2.02 -7.07 -5.05
C LYS B 412 2.05 -5.87 -4.12
N MET B 413 2.30 -6.10 -2.83
CA MET B 413 2.42 -5.00 -1.89
C MET B 413 3.67 -4.19 -2.16
N GLU B 414 4.79 -4.85 -2.37
CA GLU B 414 6.04 -4.12 -2.58
C GLU B 414 6.07 -3.46 -3.96
N ASP B 415 5.52 -4.12 -4.98
CA ASP B 415 5.41 -3.47 -6.28
C ASP B 415 4.37 -2.37 -6.26
N GLY B 416 3.34 -2.51 -5.42
CA GLY B 416 2.26 -1.55 -5.42
C GLY B 416 2.66 -0.25 -4.76
N PHE B 417 3.42 -0.33 -3.66
CA PHE B 417 3.98 0.87 -3.04
C PHE B 417 5.00 1.51 -3.95
N LEU B 418 5.73 0.70 -4.71
CA LEU B 418 6.73 1.23 -5.62
C LEU B 418 6.07 2.04 -6.73
N ASP B 419 4.97 1.54 -7.29
CA ASP B 419 4.25 2.29 -8.31
C ASP B 419 3.63 3.57 -7.73
N VAL B 420 3.15 3.53 -6.49
CA VAL B 420 2.55 4.71 -5.87
C VAL B 420 3.60 5.81 -5.70
N TRP B 421 4.77 5.46 -5.18
CA TRP B 421 5.80 6.45 -4.91
C TRP B 421 6.53 6.88 -6.17
N THR B 422 6.54 6.05 -7.21
CA THR B 422 7.08 6.45 -8.50
C THR B 422 6.19 7.50 -9.16
N TYR B 423 4.87 7.31 -9.08
CA TYR B 423 3.94 8.30 -9.61
C TYR B 423 4.06 9.61 -8.84
N ASN B 424 4.18 9.51 -7.50
CA ASN B 424 4.30 10.70 -6.68
C ASN B 424 5.54 11.51 -7.06
N ALA B 425 6.69 10.85 -7.17
CA ALA B 425 7.93 11.54 -7.52
C ALA B 425 7.81 12.20 -8.88
N GLU B 426 7.25 11.48 -9.86
CA GLU B 426 7.28 11.99 -11.22
C GLU B 426 6.28 13.13 -11.41
N LEU B 427 5.07 12.96 -10.89
CA LEU B 427 4.05 14.00 -10.99
C LEU B 427 4.43 15.25 -10.19
N LEU B 428 5.10 15.09 -9.04
CA LEU B 428 5.49 16.28 -8.28
C LEU B 428 6.52 17.08 -9.05
N VAL B 429 7.46 16.40 -9.73
CA VAL B 429 8.49 17.09 -10.50
C VAL B 429 7.87 17.81 -11.68
N LEU B 430 6.89 17.18 -12.33
CA LEU B 430 6.17 17.81 -13.43
C LEU B 430 5.46 19.09 -12.99
N MET B 431 4.65 19.00 -11.91
CA MET B 431 3.86 20.16 -11.47
C MET B 431 4.75 21.26 -10.94
N GLU B 432 5.80 20.91 -10.20
CA GLU B 432 6.64 21.95 -9.62
C GLU B 432 7.56 22.59 -10.66
N ASN B 433 7.95 21.84 -11.70
CA ASN B 433 8.71 22.42 -12.81
C ASN B 433 7.87 23.45 -13.55
N GLU B 434 6.59 23.14 -13.77
CA GLU B 434 5.70 24.11 -14.40
C GLU B 434 5.61 25.36 -13.56
N ARG B 435 5.37 25.21 -12.25
CA ARG B 435 5.29 26.34 -11.35
C ARG B 435 6.60 27.12 -11.34
N THR B 436 7.74 26.43 -11.42
CA THR B 436 9.01 27.13 -11.37
C THR B 436 9.18 28.05 -12.58
N LEU B 437 8.84 27.58 -13.78
CA LEU B 437 8.96 28.42 -14.96
C LEU B 437 8.00 29.59 -14.90
N ASP B 438 6.75 29.34 -14.52
CA ASP B 438 5.80 30.44 -14.38
C ASP B 438 6.24 31.40 -13.27
N PHE B 439 6.94 30.89 -12.26
CA PHE B 439 7.48 31.74 -11.22
C PHE B 439 8.54 32.70 -11.77
N HIS B 440 9.40 32.22 -12.67
CA HIS B 440 10.42 33.09 -13.26
C HIS B 440 9.78 34.14 -14.15
N ASP B 441 8.80 33.72 -14.93
CA ASP B 441 8.07 34.63 -15.80
C ASP B 441 7.33 35.70 -15.00
N SER B 442 6.75 35.34 -13.84
CA SER B 442 6.07 36.33 -13.02
C SER B 442 7.05 37.32 -12.43
N ASN B 443 8.19 36.83 -11.97
CA ASN B 443 9.23 37.73 -11.43
C ASN B 443 9.60 38.81 -12.43
N VAL B 444 9.78 38.43 -13.69
CA VAL B 444 10.22 39.38 -14.70
C VAL B 444 9.14 40.42 -14.97
N LYS B 445 7.87 40.00 -14.97
CA LYS B 445 6.78 40.93 -15.15
C LYS B 445 6.70 41.93 -14.01
N ASN B 446 6.81 41.44 -12.76
CA ASN B 446 6.78 42.35 -11.62
C ASN B 446 7.94 43.35 -11.65
N LEU B 447 9.10 42.96 -12.20
CA LEU B 447 10.24 43.88 -12.32
C LEU B 447 10.02 44.87 -13.46
N TYR B 448 9.44 44.39 -14.57
CA TYR B 448 9.03 45.30 -15.63
C TYR B 448 8.05 46.35 -15.12
N ASP B 449 7.04 45.94 -14.34
CA ASP B 449 6.07 46.91 -13.84
C ASP B 449 6.72 47.86 -12.84
N LYS B 450 7.64 47.33 -12.03
CA LYS B 450 8.34 48.17 -11.06
C LYS B 450 9.04 49.35 -11.74
N VAL B 451 9.71 49.10 -12.86
CA VAL B 451 10.35 50.16 -13.64
C VAL B 451 9.29 51.01 -14.32
N ARG B 452 8.26 50.37 -14.91
CA ARG B 452 7.19 51.15 -15.50
C ARG B 452 6.53 52.08 -14.49
N LEU B 453 6.55 51.70 -13.20
CA LEU B 453 5.93 52.53 -12.16
C LEU B 453 6.72 53.80 -11.93
N GLN B 454 8.04 53.70 -11.86
CA GLN B 454 8.85 54.89 -11.64
C GLN B 454 8.80 55.85 -12.83
N LEU B 455 8.76 55.35 -14.05
CA LEU B 455 9.03 56.20 -15.20
C LEU B 455 7.81 56.99 -15.65
N ARG B 456 6.64 56.38 -15.62
CA ARG B 456 5.34 56.98 -15.98
C ARG B 456 5.44 57.52 -17.42
N ASP B 457 4.97 58.73 -17.68
CA ASP B 457 4.99 59.26 -19.04
C ASP B 457 6.30 59.94 -19.40
N ASN B 458 7.28 59.96 -18.49
CA ASN B 458 8.62 60.41 -18.83
C ASN B 458 9.34 59.47 -19.80
N ALA B 459 8.81 58.27 -20.02
CA ALA B 459 9.38 57.34 -20.98
C ALA B 459 8.27 56.73 -21.81
N LYS B 460 8.67 55.94 -22.80
CA LYS B 460 7.75 55.32 -23.74
C LYS B 460 7.87 53.79 -23.67
N GLU B 461 6.72 53.11 -23.70
CA GLU B 461 6.65 51.66 -23.67
C GLU B 461 6.73 51.10 -25.09
N LEU B 462 7.90 50.57 -25.46
CA LEU B 462 8.08 50.06 -26.83
C LEU B 462 7.28 48.78 -27.09
N GLY B 463 7.15 47.90 -26.09
CA GLY B 463 6.43 46.66 -26.24
C GLY B 463 7.31 45.42 -26.20
N ASN B 464 8.63 45.61 -26.20
CA ASN B 464 9.60 44.52 -26.17
C ASN B 464 10.34 44.45 -24.85
N GLY B 465 9.85 45.15 -23.84
CA GLY B 465 10.52 45.22 -22.56
C GLY B 465 11.39 46.43 -22.36
N CYS B 466 11.48 47.32 -23.35
CA CYS B 466 12.34 48.48 -23.25
C CYS B 466 11.49 49.73 -23.06
N PHE B 467 12.07 50.73 -22.42
CA PHE B 467 11.45 52.04 -22.19
C PHE B 467 12.32 53.06 -22.90
N GLU B 468 11.79 53.73 -23.92
CA GLU B 468 12.49 54.82 -24.59
C GLU B 468 12.27 56.09 -23.79
N PHE B 469 13.33 56.63 -23.18
CA PHE B 469 13.21 57.82 -22.34
C PHE B 469 12.90 59.05 -23.18
N TYR B 470 11.91 59.84 -22.73
CA TYR B 470 11.64 61.12 -23.37
C TYR B 470 12.65 62.18 -22.97
N HIS B 471 13.32 62.02 -21.84
CA HIS B 471 14.37 62.93 -21.39
C HIS B 471 15.72 62.24 -21.50
N LYS B 472 16.78 63.03 -21.35
CA LYS B 472 18.13 62.47 -21.38
C LYS B 472 18.44 61.81 -20.04
N CYS B 473 18.86 60.55 -20.07
CA CYS B 473 19.21 59.81 -18.87
C CYS B 473 20.68 59.40 -18.94
N ASP B 474 21.50 60.01 -18.12
CA ASP B 474 22.92 59.70 -18.09
C ASP B 474 23.13 58.48 -17.19
N ASN B 475 24.39 58.20 -16.85
CA ASN B 475 24.70 56.99 -16.11
C ASN B 475 24.12 57.02 -14.70
N GLU B 476 24.13 58.19 -14.06
CA GLU B 476 23.59 58.31 -12.70
C GLU B 476 22.08 58.19 -12.70
N CYS B 477 21.42 58.69 -13.74
CA CYS B 477 19.97 58.54 -13.86
C CYS B 477 19.59 57.10 -14.19
N MET B 478 20.33 56.44 -15.10
CA MET B 478 20.13 55.01 -15.33
C MET B 478 20.22 54.21 -14.03
N GLU B 479 21.21 54.53 -13.18
CA GLU B 479 21.37 53.76 -11.97
C GLU B 479 20.18 53.96 -11.02
N SER B 480 19.67 55.20 -10.96
CA SER B 480 18.53 55.48 -10.08
C SER B 480 17.32 54.63 -10.43
N VAL B 481 17.11 54.33 -11.71
CA VAL B 481 16.01 53.46 -12.10
C VAL B 481 16.26 52.04 -11.60
N ARG B 482 17.53 51.61 -11.61
CA ARG B 482 17.88 50.31 -11.06
C ARG B 482 17.84 50.33 -9.53
N ASN B 483 18.27 51.44 -8.92
CA ASN B 483 18.28 51.66 -7.48
C ASN B 483 16.87 51.80 -6.91
N GLY B 484 15.86 51.99 -7.76
CA GLY B 484 14.53 52.27 -7.30
C GLY B 484 14.34 53.68 -6.75
N THR B 485 15.24 54.60 -7.07
CA THR B 485 15.18 55.97 -6.58
C THR B 485 15.06 56.99 -7.72
N TYR B 486 14.43 56.61 -8.82
CA TYR B 486 14.30 57.51 -9.97
C TYR B 486 13.44 58.72 -9.59
N ASP B 487 14.00 59.92 -9.73
CA ASP B 487 13.26 61.15 -9.38
C ASP B 487 12.47 61.60 -10.60
N TYR B 488 11.16 61.28 -10.59
CA TYR B 488 10.29 61.74 -11.68
C TYR B 488 10.20 63.26 -11.79
N PRO B 489 9.93 64.03 -10.72
CA PRO B 489 9.76 65.49 -10.92
C PRO B 489 10.98 66.19 -11.50
N GLN B 490 12.18 65.62 -11.37
CA GLN B 490 13.38 66.27 -11.89
C GLN B 490 13.44 66.28 -13.42
N TYR B 491 12.72 65.39 -14.09
CA TYR B 491 12.75 65.30 -15.55
C TYR B 491 11.39 65.55 -16.18
N SER B 492 10.40 65.98 -15.39
CA SER B 492 9.04 66.16 -15.87
C SER B 492 8.99 67.04 -17.11
N GLU B 493 9.61 68.22 -17.05
CA GLU B 493 9.34 69.18 -18.11
C GLU B 493 10.07 68.81 -19.39
N GLU B 494 11.31 68.28 -19.28
CA GLU B 494 12.02 67.90 -20.51
C GLU B 494 11.24 66.84 -21.27
N ALA B 495 10.71 65.84 -20.56
CA ALA B 495 9.93 64.79 -21.20
C ALA B 495 8.65 65.35 -21.82
N ARG B 496 7.99 66.28 -21.13
CA ARG B 496 6.80 66.91 -21.70
C ARG B 496 7.15 67.71 -22.96
N LEU B 497 8.31 68.37 -23.01
CA LEU B 497 8.71 69.07 -24.24
C LEU B 497 8.97 68.09 -25.37
N LYS B 498 9.58 66.94 -25.07
CA LYS B 498 9.88 65.95 -26.11
C LYS B 498 8.63 65.29 -26.64
N ARG B 499 7.56 65.22 -25.84
CA ARG B 499 6.24 64.85 -26.35
C ARG B 499 5.66 66.00 -27.17
N GLU B 500 5.47 65.77 -28.47
CA GLU B 500 5.01 66.85 -29.37
C GLU B 500 4.21 66.32 -30.56
N ASP C 1 -15.58 52.66 -34.96
CA ASP C 1 -14.55 51.73 -35.39
C ASP C 1 -13.80 51.16 -34.18
N GLN C 2 -13.89 49.85 -33.99
CA GLN C 2 -13.32 49.24 -32.81
C GLN C 2 -12.89 47.82 -33.11
N ILE C 3 -11.83 47.39 -32.44
CA ILE C 3 -11.37 46.01 -32.46
C ILE C 3 -11.59 45.43 -31.08
N CYS C 4 -12.01 44.16 -31.02
CA CYS C 4 -12.35 43.51 -29.76
C CYS C 4 -11.55 42.23 -29.59
N ILE C 5 -11.31 41.86 -28.34
CA ILE C 5 -10.65 40.61 -27.98
C ILE C 5 -11.62 39.81 -27.13
N GLY C 6 -11.82 38.54 -27.49
CA GLY C 6 -12.75 37.67 -26.79
C GLY C 6 -12.38 36.21 -26.85
N TYR C 7 -13.29 35.33 -26.41
CA TYR C 7 -13.03 33.90 -26.30
C TYR C 7 -14.24 33.12 -26.79
N HIS C 8 -14.05 31.81 -26.95
CA HIS C 8 -15.07 30.93 -27.48
C HIS C 8 -16.22 30.77 -26.49
N ALA C 9 -17.44 30.64 -27.01
CA ALA C 9 -18.59 30.17 -26.27
C ALA C 9 -19.45 29.30 -27.16
N ASN C 10 -20.14 28.33 -26.57
CA ASN C 10 -21.02 27.44 -27.32
C ASN C 10 -22.20 27.06 -26.43
N ASN C 11 -22.87 25.96 -26.78
CA ASN C 11 -24.03 25.48 -26.04
C ASN C 11 -23.72 24.17 -25.33
N SER C 12 -22.46 23.98 -24.95
CA SER C 12 -22.04 22.76 -24.26
C SER C 12 -22.42 22.86 -22.78
N THR C 13 -23.16 21.88 -22.29
CA THR C 13 -23.58 21.84 -20.89
C THR C 13 -22.72 20.88 -20.05
N GLU C 14 -21.63 20.37 -20.61
CA GLU C 14 -20.72 19.50 -19.86
C GLU C 14 -20.06 20.27 -18.71
N GLN C 15 -20.01 19.64 -17.55
CA GLN C 15 -19.51 20.26 -16.33
C GLN C 15 -18.25 19.55 -15.85
N VAL C 16 -17.35 20.32 -15.23
CA VAL C 16 -16.17 19.79 -14.58
C VAL C 16 -16.09 20.40 -13.19
N ASP C 17 -15.26 19.77 -12.35
CA ASP C 17 -15.07 20.17 -10.97
C ASP C 17 -13.66 20.68 -10.77
N THR C 18 -13.49 21.62 -9.84
CA THR C 18 -12.19 22.12 -9.42
C THR C 18 -12.15 22.11 -7.90
N ILE C 19 -10.99 22.48 -7.34
CA ILE C 19 -10.87 22.56 -5.89
C ILE C 19 -11.79 23.66 -5.33
N MET C 20 -11.87 24.78 -6.02
CA MET C 20 -12.63 25.91 -5.51
C MET C 20 -14.06 25.98 -6.03
N GLU C 21 -14.38 25.29 -7.12
CA GLU C 21 -15.69 25.40 -7.73
C GLU C 21 -16.13 24.05 -8.28
N LYS C 22 -17.38 23.69 -8.03
CA LYS C 22 -17.97 22.48 -8.54
C LYS C 22 -18.93 22.80 -9.67
N ASN C 23 -19.09 21.85 -10.60
CA ASN C 23 -20.07 21.96 -11.68
C ASN C 23 -19.86 23.24 -12.49
N VAL C 24 -18.62 23.40 -12.97
CA VAL C 24 -18.28 24.51 -13.86
C VAL C 24 -18.51 24.08 -15.30
N THR C 25 -19.44 24.75 -15.97
CA THR C 25 -19.75 24.42 -17.35
C THR C 25 -18.64 24.89 -18.28
N VAL C 26 -18.13 23.96 -19.09
CA VAL C 26 -17.02 24.25 -20.00
C VAL C 26 -17.45 24.00 -21.44
N THR C 27 -16.75 24.67 -22.36
CA THR C 27 -17.04 24.50 -23.78
C THR C 27 -16.62 23.11 -24.27
N HIS C 28 -15.49 22.61 -23.79
CA HIS C 28 -14.99 21.30 -24.21
C HIS C 28 -14.45 20.54 -23.01
N ALA C 29 -14.83 19.26 -22.92
CA ALA C 29 -14.39 18.40 -21.84
C ALA C 29 -14.21 17.00 -22.39
N GLN C 30 -13.47 16.18 -21.63
CA GLN C 30 -13.21 14.80 -22.02
C GLN C 30 -13.42 13.89 -20.83
N ASP C 31 -14.33 12.93 -20.98
CA ASP C 31 -14.52 11.91 -19.95
C ASP C 31 -13.38 10.91 -19.99
N ILE C 32 -12.84 10.58 -18.82
CA ILE C 32 -11.76 9.62 -18.71
C ILE C 32 -12.15 8.42 -17.83
N LEU C 33 -13.46 8.21 -17.64
CA LEU C 33 -13.96 7.13 -16.80
C LEU C 33 -14.94 6.27 -17.58
N GLU C 34 -14.66 4.96 -17.65
CA GLU C 34 -15.58 4.02 -18.30
C GLU C 34 -16.53 3.48 -17.24
N LYS C 35 -17.82 3.47 -17.57
CA LYS C 35 -18.84 3.15 -16.59
C LYS C 35 -19.84 2.14 -17.13
N THR C 36 -19.49 1.44 -18.21
CA THR C 36 -20.44 0.57 -18.88
C THR C 36 -19.77 -0.77 -19.18
N HIS C 37 -20.60 -1.81 -19.25
CA HIS C 37 -20.15 -3.17 -19.49
C HIS C 37 -21.27 -3.94 -20.18
N ASN C 38 -20.91 -4.95 -20.98
CA ASN C 38 -21.91 -5.67 -21.78
C ASN C 38 -22.70 -6.69 -20.96
N GLY C 39 -22.41 -6.81 -19.66
CA GLY C 39 -23.18 -7.70 -18.81
C GLY C 39 -23.11 -9.18 -19.14
N LYS C 40 -22.00 -9.65 -19.72
CA LYS C 40 -21.90 -11.05 -20.09
C LYS C 40 -20.45 -11.53 -20.03
N LEU C 41 -20.28 -12.84 -19.87
CA LEU C 41 -18.97 -13.45 -19.90
C LEU C 41 -18.58 -13.76 -21.35
N CYS C 42 -17.36 -13.44 -21.72
CA CYS C 42 -16.93 -13.54 -23.11
C CYS C 42 -15.56 -14.21 -23.19
N ASP C 43 -15.24 -14.65 -24.41
CA ASP C 43 -13.89 -15.09 -24.72
C ASP C 43 -12.90 -13.95 -24.54
N LEU C 44 -11.71 -14.30 -24.13
CA LEU C 44 -10.64 -13.33 -23.94
C LEU C 44 -9.64 -13.52 -25.09
N ASN C 45 -9.69 -12.59 -26.07
CA ASN C 45 -8.85 -12.64 -27.28
C ASN C 45 -8.98 -13.98 -28.00
N GLY C 46 -10.23 -14.43 -28.20
CA GLY C 46 -10.49 -15.62 -28.97
C GLY C 46 -10.59 -16.92 -28.20
N VAL C 47 -10.18 -16.95 -26.94
CA VAL C 47 -10.13 -18.19 -26.17
C VAL C 47 -11.26 -18.20 -25.14
N LYS C 48 -12.10 -19.25 -25.18
CA LYS C 48 -13.29 -19.37 -24.34
C LYS C 48 -12.88 -19.68 -22.91
N PRO C 49 -13.55 -19.10 -21.93
CA PRO C 49 -13.27 -19.47 -20.53
C PRO C 49 -13.75 -20.88 -20.25
N LEU C 50 -13.36 -21.38 -19.09
CA LEU C 50 -13.90 -22.62 -18.57
C LEU C 50 -14.95 -22.26 -17.52
N ILE C 51 -16.20 -22.57 -17.80
CA ILE C 51 -17.33 -22.30 -16.92
C ILE C 51 -17.72 -23.61 -16.25
N LEU C 52 -17.45 -23.74 -14.96
CA LEU C 52 -17.71 -25.00 -14.25
C LEU C 52 -19.16 -25.14 -13.80
N LYS C 53 -20.03 -24.18 -14.14
CA LYS C 53 -21.44 -24.24 -13.78
C LYS C 53 -21.64 -24.46 -12.29
N ASP C 54 -22.30 -25.56 -11.94
CA ASP C 54 -22.59 -25.89 -10.56
C ASP C 54 -21.50 -26.73 -9.91
N CYS C 55 -20.34 -26.89 -10.55
CA CYS C 55 -19.25 -27.71 -10.04
C CYS C 55 -18.10 -26.85 -9.54
N SER C 56 -17.48 -27.27 -8.44
CA SER C 56 -16.35 -26.55 -7.90
C SER C 56 -15.05 -27.04 -8.53
N VAL C 57 -13.94 -26.38 -8.18
CA VAL C 57 -12.66 -26.81 -8.72
C VAL C 57 -12.31 -28.19 -8.19
N ALA C 58 -12.68 -28.48 -6.94
CA ALA C 58 -12.39 -29.78 -6.37
C ALA C 58 -13.23 -30.86 -7.03
N GLY C 59 -14.49 -30.56 -7.32
CA GLY C 59 -15.33 -31.54 -8.00
C GLY C 59 -14.88 -31.81 -9.43
N TRP C 60 -14.33 -30.79 -10.09
CA TRP C 60 -13.78 -31.01 -11.41
C TRP C 60 -12.48 -31.82 -11.35
N LEU C 61 -11.58 -31.45 -10.45
CA LEU C 61 -10.27 -32.10 -10.44
C LEU C 61 -10.36 -33.56 -10.02
N LEU C 62 -11.19 -33.85 -9.01
CA LEU C 62 -11.32 -35.20 -8.48
C LEU C 62 -12.31 -36.04 -9.30
N GLY C 63 -13.21 -35.38 -10.04
CA GLY C 63 -14.10 -36.09 -10.94
C GLY C 63 -15.42 -36.46 -10.32
N ASN C 64 -16.04 -35.50 -9.65
CA ASN C 64 -17.38 -35.69 -9.08
C ASN C 64 -18.32 -36.15 -10.18
N PRO C 65 -18.98 -37.31 -10.01
CA PRO C 65 -19.76 -37.87 -11.12
C PRO C 65 -20.82 -36.94 -11.69
N MET C 66 -21.18 -35.85 -10.98
CA MET C 66 -22.06 -34.81 -11.51
C MET C 66 -21.34 -33.79 -12.38
N CYS C 67 -20.03 -33.96 -12.59
CA CYS C 67 -19.24 -32.98 -13.32
C CYS C 67 -18.64 -33.58 -14.60
N ASP C 68 -19.33 -34.54 -15.23
CA ASP C 68 -18.74 -35.28 -16.35
C ASP C 68 -18.44 -34.37 -17.53
N GLU C 69 -19.19 -33.27 -17.66
CA GLU C 69 -18.99 -32.29 -18.72
C GLU C 69 -17.54 -31.89 -18.85
N PHE C 70 -16.81 -31.85 -17.75
CA PHE C 70 -15.42 -31.45 -17.77
C PHE C 70 -14.47 -32.62 -17.61
N ILE C 71 -14.84 -33.85 -18.03
CA ILE C 71 -13.85 -34.93 -17.94
C ILE C 71 -12.66 -34.58 -18.80
N ARG C 72 -12.90 -33.87 -19.90
CA ARG C 72 -11.86 -33.39 -20.80
C ARG C 72 -12.22 -31.97 -21.18
N VAL C 73 -11.35 -31.03 -20.82
CA VAL C 73 -11.57 -29.60 -21.06
C VAL C 73 -10.60 -29.13 -22.13
N PRO C 74 -11.05 -28.38 -23.12
CA PRO C 74 -10.11 -27.64 -23.98
C PRO C 74 -9.48 -26.48 -23.22
N GLU C 75 -8.42 -25.94 -23.82
CA GLU C 75 -7.67 -24.87 -23.18
C GLU C 75 -8.59 -23.68 -22.88
N TRP C 76 -8.39 -23.07 -21.72
CA TRP C 76 -9.23 -21.98 -21.26
C TRP C 76 -8.43 -20.69 -21.14
N SER C 77 -9.15 -19.57 -21.21
CA SER C 77 -8.62 -18.22 -21.00
C SER C 77 -8.63 -17.83 -19.53
N TYR C 78 -9.70 -18.22 -18.83
CA TYR C 78 -9.87 -18.05 -17.39
C TYR C 78 -10.91 -19.07 -16.96
N ILE C 79 -11.06 -19.23 -15.65
CA ILE C 79 -12.00 -20.18 -15.07
C ILE C 79 -13.07 -19.38 -14.33
N VAL C 80 -14.34 -19.75 -14.56
CA VAL C 80 -15.49 -19.16 -13.88
C VAL C 80 -16.08 -20.18 -12.91
N GLU C 81 -16.13 -19.81 -11.64
CA GLU C 81 -16.73 -20.59 -10.57
C GLU C 81 -17.89 -19.81 -9.96
N ARG C 82 -19.07 -20.41 -9.91
CA ARG C 82 -20.14 -19.83 -9.13
C ARG C 82 -19.72 -19.81 -7.65
N ALA C 83 -20.32 -18.90 -6.88
CA ALA C 83 -19.80 -18.61 -5.55
C ALA C 83 -19.95 -19.80 -4.60
N ASN C 84 -21.07 -20.52 -4.67
CA ASN C 84 -21.32 -21.64 -3.78
C ASN C 84 -21.69 -22.87 -4.61
N PRO C 85 -20.71 -23.54 -5.20
CA PRO C 85 -21.02 -24.62 -6.16
C PRO C 85 -21.62 -25.83 -5.47
N VAL C 86 -22.69 -26.35 -6.06
CA VAL C 86 -23.44 -27.46 -5.47
C VAL C 86 -22.63 -28.75 -5.49
N ASN C 87 -21.91 -29.01 -6.58
CA ASN C 87 -21.15 -30.25 -6.75
C ASN C 87 -19.70 -29.96 -6.40
N ASP C 88 -19.37 -30.12 -5.11
CA ASP C 88 -18.02 -29.86 -4.63
C ASP C 88 -17.32 -31.14 -4.18
N LEU C 89 -17.83 -31.81 -3.16
CA LEU C 89 -17.18 -32.98 -2.57
C LEU C 89 -18.33 -33.91 -2.20
N CYS C 90 -18.79 -34.69 -3.18
CA CYS C 90 -19.97 -35.50 -2.94
C CYS C 90 -19.79 -36.36 -1.69
N TYR C 91 -18.58 -36.95 -1.50
CA TYR C 91 -18.25 -37.64 -0.26
C TYR C 91 -17.58 -36.67 0.71
N PRO C 92 -18.15 -36.46 1.89
CA PRO C 92 -17.61 -35.43 2.80
C PRO C 92 -16.14 -35.67 3.11
N GLY C 93 -15.43 -34.58 3.37
CA GLY C 93 -14.02 -34.72 3.65
C GLY C 93 -13.27 -33.43 3.43
N SER C 94 -12.13 -33.49 2.76
CA SER C 94 -11.38 -32.27 2.47
C SER C 94 -10.39 -32.54 1.35
N LEU C 95 -9.88 -31.46 0.76
CA LEU C 95 -8.76 -31.47 -0.17
C LEU C 95 -7.67 -30.58 0.42
N ASN C 96 -6.57 -31.19 0.83
CA ASN C 96 -5.51 -30.49 1.53
C ASN C 96 -4.89 -29.41 0.64
N ASP C 97 -4.54 -28.29 1.24
CA ASP C 97 -3.87 -27.20 0.54
C ASP C 97 -4.70 -26.72 -0.64
N TYR C 98 -6.03 -26.72 -0.46
CA TYR C 98 -6.94 -26.42 -1.56
C TYR C 98 -6.72 -25.02 -2.13
N GLU C 99 -6.40 -24.04 -1.27
CA GLU C 99 -6.21 -22.68 -1.77
C GLU C 99 -4.87 -22.52 -2.48
N GLU C 100 -3.85 -23.27 -2.06
CA GLU C 100 -2.59 -23.25 -2.78
C GLU C 100 -2.73 -23.92 -4.14
N LEU C 101 -3.65 -24.88 -4.26
CA LEU C 101 -3.90 -25.53 -5.54
C LEU C 101 -4.60 -24.58 -6.49
N LYS C 102 -5.65 -23.90 -6.00
CA LYS C 102 -6.33 -22.88 -6.79
C LYS C 102 -5.37 -21.79 -7.24
N HIS C 103 -4.51 -21.30 -6.35
CA HIS C 103 -3.48 -20.36 -6.79
C HIS C 103 -2.65 -20.95 -7.93
N LEU C 104 -2.35 -22.25 -7.88
CA LEU C 104 -1.56 -22.86 -8.93
C LEU C 104 -2.35 -22.97 -10.23
N LEU C 105 -3.64 -23.29 -10.12
CA LEU C 105 -4.52 -23.31 -11.29
C LEU C 105 -4.56 -21.95 -11.98
N SER C 106 -4.46 -20.87 -11.20
CA SER C 106 -4.57 -19.51 -11.75
C SER C 106 -3.44 -19.20 -12.73
N ARG C 107 -2.38 -20.00 -12.75
CA ARG C 107 -1.25 -19.83 -13.67
C ARG C 107 -1.18 -20.97 -14.69
N ILE C 108 -2.30 -21.65 -14.94
CA ILE C 108 -2.32 -22.81 -15.84
C ILE C 108 -3.45 -22.59 -16.84
N ASN C 109 -3.18 -22.89 -18.10
CA ASN C 109 -4.20 -22.68 -19.12
C ASN C 109 -4.71 -23.97 -19.74
N HIS C 110 -4.03 -25.10 -19.53
CA HIS C 110 -4.52 -26.34 -20.11
C HIS C 110 -3.98 -27.55 -19.35
N PHE C 111 -4.87 -28.48 -19.04
CA PHE C 111 -4.58 -29.79 -18.49
C PHE C 111 -4.80 -30.83 -19.56
N GLU C 112 -4.09 -31.95 -19.43
CA GLU C 112 -4.36 -33.16 -20.21
C GLU C 112 -4.49 -34.33 -19.25
N LYS C 113 -5.72 -34.81 -19.08
CA LYS C 113 -5.99 -35.94 -18.19
C LYS C 113 -5.41 -37.23 -18.80
N ILE C 114 -4.48 -37.84 -18.09
CA ILE C 114 -3.89 -39.11 -18.51
C ILE C 114 -4.18 -40.16 -17.44
N LEU C 115 -4.51 -41.36 -17.89
CA LEU C 115 -4.55 -42.53 -17.04
C LEU C 115 -3.11 -42.91 -16.67
N ILE C 116 -2.80 -42.95 -15.39
CA ILE C 116 -1.47 -43.36 -14.94
C ILE C 116 -1.47 -44.67 -14.17
N ILE C 117 -2.58 -45.06 -13.58
CA ILE C 117 -2.66 -46.35 -12.91
C ILE C 117 -3.92 -47.08 -13.36
N PRO C 118 -3.81 -48.02 -14.29
CA PRO C 118 -4.98 -48.81 -14.70
C PRO C 118 -5.59 -49.56 -13.51
N LYS C 119 -6.90 -49.79 -13.59
CA LYS C 119 -7.55 -50.61 -12.58
C LYS C 119 -7.06 -52.05 -12.63
N SER C 120 -6.48 -52.45 -13.76
CA SER C 120 -5.89 -53.78 -13.89
C SER C 120 -4.68 -53.95 -12.98
N SER C 121 -4.11 -52.85 -12.46
CA SER C 121 -2.93 -52.89 -11.62
C SER C 121 -3.22 -53.39 -10.22
N TRP C 122 -4.46 -53.73 -9.92
CA TRP C 122 -4.86 -54.21 -8.59
C TRP C 122 -5.50 -55.60 -8.71
N PRO C 123 -4.72 -56.61 -9.09
CA PRO C 123 -5.28 -57.96 -9.21
C PRO C 123 -5.81 -58.54 -7.90
N ASN C 124 -5.26 -58.14 -6.74
CA ASN C 124 -5.59 -58.75 -5.46
C ASN C 124 -6.44 -57.87 -4.55
N HIS C 125 -6.99 -56.77 -5.08
CA HIS C 125 -7.95 -55.95 -4.35
C HIS C 125 -9.21 -55.83 -5.19
N GLU C 126 -10.30 -55.41 -4.55
CA GLU C 126 -11.53 -55.15 -5.27
C GLU C 126 -11.54 -53.71 -5.79
N THR C 127 -11.88 -53.53 -7.07
CA THR C 127 -11.89 -52.23 -7.71
C THR C 127 -13.27 -51.81 -8.20
N SER C 128 -14.32 -52.57 -7.90
CA SER C 128 -15.65 -52.25 -8.41
C SER C 128 -16.71 -51.90 -7.36
N LEU C 129 -16.40 -51.99 -6.07
CA LEU C 129 -17.40 -51.73 -5.04
C LEU C 129 -17.18 -50.42 -4.31
N GLY C 130 -16.22 -49.61 -4.76
CA GLY C 130 -15.90 -48.36 -4.09
C GLY C 130 -16.84 -47.25 -4.50
N VAL C 131 -18.10 -47.38 -4.10
CA VAL C 131 -19.13 -46.39 -4.44
C VAL C 131 -19.83 -45.93 -3.16
N SER C 132 -20.56 -44.83 -3.28
CA SER C 132 -21.35 -44.29 -2.18
C SER C 132 -22.59 -43.61 -2.71
N ALA C 133 -23.66 -43.63 -1.90
CA ALA C 133 -24.86 -42.87 -2.22
C ALA C 133 -24.64 -41.37 -2.11
N ALA C 134 -23.59 -40.94 -1.39
CA ALA C 134 -23.22 -39.53 -1.36
C ALA C 134 -22.70 -39.04 -2.70
N CYS C 135 -22.24 -39.94 -3.55
CA CYS C 135 -21.74 -39.62 -4.88
C CYS C 135 -22.63 -40.25 -5.95
N PRO C 136 -23.87 -39.78 -6.10
CA PRO C 136 -24.80 -40.44 -7.02
C PRO C 136 -24.56 -40.06 -8.48
N TYR C 137 -24.68 -41.06 -9.35
CA TYR C 137 -24.71 -40.87 -10.79
C TYR C 137 -25.93 -41.58 -11.34
N GLN C 138 -26.86 -40.83 -11.92
CA GLN C 138 -28.09 -41.39 -12.49
C GLN C 138 -28.83 -42.20 -11.43
N GLY C 139 -28.97 -41.59 -10.25
CA GLY C 139 -29.67 -42.18 -9.13
C GLY C 139 -29.02 -43.36 -8.46
N ALA C 140 -27.84 -43.83 -8.95
CA ALA C 140 -27.20 -45.00 -8.35
C ALA C 140 -25.89 -44.60 -7.68
N PRO C 141 -25.48 -45.33 -6.65
CA PRO C 141 -24.23 -44.99 -5.97
C PRO C 141 -23.05 -45.03 -6.94
N SER C 142 -22.13 -44.11 -6.75
CA SER C 142 -20.97 -43.94 -7.61
C SER C 142 -19.87 -43.32 -6.79
N PHE C 143 -18.87 -42.73 -7.46
CA PHE C 143 -17.73 -42.16 -6.74
C PHE C 143 -17.02 -41.19 -7.69
N PHE C 144 -16.03 -40.50 -7.14
CA PHE C 144 -15.15 -39.69 -7.96
C PHE C 144 -14.49 -40.59 -9.00
N ARG C 145 -14.32 -40.05 -10.19
CA ARG C 145 -13.91 -40.88 -11.31
C ARG C 145 -12.40 -40.91 -11.51
N ASN C 146 -11.65 -39.95 -10.98
CA ASN C 146 -10.23 -39.90 -11.24
C ASN C 146 -9.41 -40.67 -10.23
N VAL C 147 -10.05 -41.10 -9.14
CA VAL C 147 -9.44 -41.89 -8.10
C VAL C 147 -10.28 -43.16 -7.95
N VAL C 148 -9.68 -44.18 -7.32
CA VAL C 148 -10.36 -45.46 -7.11
C VAL C 148 -10.34 -45.78 -5.63
N TRP C 149 -11.50 -46.14 -5.09
CA TRP C 149 -11.69 -46.52 -3.68
C TRP C 149 -11.53 -48.03 -3.60
N LEU C 150 -10.32 -48.48 -3.25
CA LEU C 150 -10.03 -49.91 -3.19
C LEU C 150 -10.58 -50.52 -1.90
N ILE C 151 -11.16 -51.71 -2.02
CA ILE C 151 -11.61 -52.45 -0.84
C ILE C 151 -11.08 -53.89 -0.93
N LYS C 152 -11.35 -54.66 0.14
CA LYS C 152 -10.81 -56.00 0.26
C LYS C 152 -11.42 -56.97 -0.74
N LYS C 153 -10.64 -58.00 -1.04
CA LYS C 153 -11.01 -59.06 -1.97
C LYS C 153 -10.71 -60.40 -1.30
N ASN C 154 -11.71 -61.29 -1.30
CA ASN C 154 -11.68 -62.56 -0.57
C ASN C 154 -11.29 -62.36 0.89
N ASP C 155 -11.89 -61.36 1.53
CA ASP C 155 -11.61 -61.07 2.93
C ASP C 155 -10.12 -60.81 3.17
N ALA C 156 -9.43 -60.28 2.16
CA ALA C 156 -8.04 -59.89 2.36
C ALA C 156 -7.73 -58.60 1.60
N TYR C 157 -6.90 -57.77 2.22
CA TYR C 157 -6.36 -56.55 1.60
C TYR C 157 -4.86 -56.66 1.74
N PRO C 158 -4.18 -57.23 0.75
CA PRO C 158 -2.71 -57.31 0.79
C PRO C 158 -2.10 -55.92 0.78
N THR C 159 -0.86 -55.84 1.23
CA THR C 159 -0.17 -54.57 1.27
C THR C 159 0.22 -54.14 -0.13
N ILE C 160 -0.24 -52.96 -0.53
CA ILE C 160 0.02 -52.40 -1.85
C ILE C 160 1.40 -51.75 -1.87
N LYS C 161 2.14 -51.98 -2.95
CA LYS C 161 3.41 -51.31 -3.24
C LYS C 161 3.44 -51.04 -4.73
N ILE C 162 3.35 -49.77 -5.12
CA ILE C 162 3.30 -49.38 -6.52
C ILE C 162 4.02 -48.05 -6.69
N SER C 163 4.63 -47.88 -7.87
CA SER C 163 5.38 -46.70 -8.24
C SER C 163 4.98 -46.27 -9.64
N TYR C 164 4.75 -44.98 -9.81
CA TYR C 164 4.60 -44.39 -11.13
C TYR C 164 5.76 -43.44 -11.40
N ASN C 165 6.52 -43.72 -12.45
CA ASN C 165 7.60 -42.87 -12.93
C ASN C 165 7.00 -41.96 -13.98
N ASN C 166 7.09 -40.65 -13.77
CA ASN C 166 6.59 -39.68 -14.75
C ASN C 166 7.46 -39.67 -16.00
N THR C 167 6.93 -40.22 -17.11
CA THR C 167 7.69 -40.34 -18.35
C THR C 167 7.43 -39.20 -19.32
N ASN C 168 6.38 -38.42 -19.09
CA ASN C 168 6.14 -37.19 -19.81
C ASN C 168 7.18 -36.14 -19.42
N ARG C 169 7.32 -35.13 -20.29
CA ARG C 169 8.26 -34.04 -20.05
C ARG C 169 7.57 -32.85 -19.40
N GLU C 170 6.30 -32.97 -19.06
CA GLU C 170 5.55 -31.96 -18.34
C GLU C 170 5.27 -32.43 -16.92
N ASP C 171 5.08 -31.46 -16.01
CA ASP C 171 4.71 -31.79 -14.64
C ASP C 171 3.33 -32.43 -14.60
N LEU C 172 3.14 -33.30 -13.62
CA LEU C 172 1.88 -33.99 -13.42
C LEU C 172 1.31 -33.54 -12.09
N LEU C 173 0.03 -33.15 -12.08
CA LEU C 173 -0.72 -33.02 -10.84
C LEU C 173 -1.42 -34.36 -10.57
N ILE C 174 -1.21 -34.91 -9.38
CA ILE C 174 -1.71 -36.23 -8.97
C ILE C 174 -2.46 -36.06 -7.65
N LEU C 175 -3.63 -36.68 -7.55
CA LEU C 175 -4.45 -36.65 -6.33
C LEU C 175 -4.65 -38.08 -5.80
N TRP C 176 -4.60 -38.23 -4.48
CA TRP C 176 -4.95 -39.48 -3.82
C TRP C 176 -5.70 -39.13 -2.54
N GLY C 177 -6.25 -40.15 -1.88
CA GLY C 177 -6.89 -39.88 -0.60
C GLY C 177 -6.86 -41.02 0.40
N ILE C 178 -7.37 -40.69 1.59
CA ILE C 178 -7.51 -41.63 2.70
C ILE C 178 -8.95 -41.57 3.17
N HIS C 179 -9.52 -42.73 3.43
CA HIS C 179 -10.86 -42.87 3.98
C HIS C 179 -10.76 -43.08 5.48
N HIS C 180 -11.54 -42.28 6.21
CA HIS C 180 -11.66 -42.37 7.65
C HIS C 180 -12.92 -43.17 7.96
N SER C 181 -12.72 -44.43 8.37
CA SER C 181 -13.84 -45.31 8.69
C SER C 181 -14.54 -44.89 9.99
N ASN C 182 -15.74 -45.41 10.16
CA ASN C 182 -16.61 -44.93 11.21
C ASN C 182 -16.46 -45.70 12.52
N ASN C 183 -15.99 -46.95 12.45
CA ASN C 183 -15.89 -47.82 13.62
C ASN C 183 -15.07 -49.05 13.25
N ALA C 184 -14.67 -49.78 14.29
CA ALA C 184 -13.77 -50.91 14.13
C ALA C 184 -14.39 -52.04 13.32
N GLU C 185 -15.72 -52.18 13.37
CA GLU C 185 -16.36 -53.19 12.54
C GLU C 185 -16.31 -52.78 11.07
N GLU C 186 -16.70 -51.53 10.76
CA GLU C 186 -16.67 -51.07 9.38
C GLU C 186 -15.25 -51.13 8.83
N GLN C 187 -14.27 -50.79 9.65
CA GLN C 187 -12.88 -50.88 9.23
C GLN C 187 -12.53 -52.29 8.75
N ILE C 188 -13.04 -53.32 9.44
CA ILE C 188 -12.75 -54.71 9.06
C ILE C 188 -13.57 -55.13 7.85
N ASN C 189 -14.85 -54.73 7.80
CA ASN C 189 -15.73 -55.10 6.69
C ASN C 189 -15.23 -54.57 5.35
N LEU C 190 -14.51 -53.45 5.37
CA LEU C 190 -14.02 -52.83 4.14
C LEU C 190 -12.61 -53.25 3.79
N TYR C 191 -11.69 -53.30 4.77
CA TYR C 191 -10.27 -53.50 4.50
C TYR C 191 -9.65 -54.68 5.26
N LYS C 192 -10.42 -55.38 6.11
CA LYS C 192 -9.94 -56.53 6.87
C LYS C 192 -8.91 -56.12 7.91
N ASN C 193 -7.78 -55.57 7.48
CA ASN C 193 -6.72 -55.12 8.38
C ASN C 193 -7.22 -54.00 9.27
N PRO C 194 -7.07 -54.10 10.58
CA PRO C 194 -7.66 -53.07 11.47
C PRO C 194 -6.77 -51.86 11.72
N THR C 195 -5.45 -52.03 11.63
CA THR C 195 -4.45 -50.98 11.79
C THR C 195 -3.80 -50.70 10.43
N THR C 196 -4.11 -49.54 9.86
CA THR C 196 -3.71 -49.26 8.48
C THR C 196 -2.92 -47.95 8.42
N TYR C 197 -2.31 -47.75 7.27
CA TYR C 197 -1.47 -46.59 6.96
C TYR C 197 -1.46 -46.40 5.45
N ILE C 198 -1.01 -45.22 5.03
CA ILE C 198 -0.70 -44.97 3.63
C ILE C 198 0.60 -44.18 3.61
N SER C 199 1.58 -44.68 2.89
CA SER C 199 2.84 -43.98 2.71
C SER C 199 2.94 -43.48 1.28
N VAL C 200 3.46 -42.28 1.09
CA VAL C 200 3.62 -41.65 -0.22
C VAL C 200 4.98 -40.99 -0.22
N GLY C 201 5.82 -41.33 -1.17
CA GLY C 201 7.12 -40.70 -1.29
C GLY C 201 7.44 -40.28 -2.71
N THR C 202 8.09 -39.12 -2.83
CA THR C 202 8.74 -38.72 -4.06
C THR C 202 10.18 -38.33 -3.70
N SER C 203 10.83 -37.57 -4.59
CA SER C 203 12.12 -36.96 -4.24
C SER C 203 11.97 -35.85 -3.19
N THR C 204 10.75 -35.37 -2.95
CA THR C 204 10.50 -34.32 -1.97
C THR C 204 9.37 -34.66 -1.01
N LEU C 205 8.43 -35.50 -1.40
CA LEU C 205 7.35 -35.88 -0.51
C LEU C 205 7.78 -37.05 0.39
N ASN C 206 7.36 -36.99 1.66
CA ASN C 206 7.59 -38.02 2.65
C ASN C 206 6.37 -38.06 3.56
N GLN C 207 5.25 -38.50 3.04
CA GLN C 207 3.98 -38.46 3.73
C GLN C 207 3.62 -39.81 4.37
N ARG C 208 3.04 -39.79 5.57
CA ARG C 208 2.38 -40.95 6.15
C ARG C 208 1.01 -40.51 6.66
N LEU C 209 -0.02 -41.18 6.19
CA LEU C 209 -1.38 -40.95 6.60
C LEU C 209 -1.89 -42.18 7.34
N VAL C 210 -2.59 -41.93 8.45
CA VAL C 210 -3.19 -42.98 9.27
C VAL C 210 -4.67 -42.66 9.45
N PRO C 211 -5.58 -43.63 9.24
CA PRO C 211 -7.01 -43.34 9.38
C PRO C 211 -7.36 -42.91 10.80
N LYS C 212 -8.34 -42.02 10.89
CA LYS C 212 -8.89 -41.57 12.16
C LYS C 212 -10.28 -42.19 12.28
N ILE C 213 -10.41 -43.20 13.12
CA ILE C 213 -11.67 -43.93 13.26
C ILE C 213 -12.37 -43.35 14.47
N ALA C 214 -13.43 -42.57 14.22
CA ALA C 214 -14.10 -41.81 15.25
C ALA C 214 -15.54 -41.55 14.86
N THR C 215 -16.33 -41.08 15.83
CA THR C 215 -17.70 -40.68 15.56
C THR C 215 -17.72 -39.25 15.04
N ARG C 216 -18.51 -39.02 13.99
CA ARG C 216 -18.62 -37.71 13.37
C ARG C 216 -20.07 -37.44 13.00
N SER C 217 -20.36 -36.18 12.72
CA SER C 217 -21.70 -35.81 12.25
C SER C 217 -21.89 -36.16 10.78
N GLN C 218 -23.09 -36.59 10.43
CA GLN C 218 -23.43 -36.89 9.05
C GLN C 218 -23.40 -35.63 8.19
N VAL C 219 -22.63 -35.70 7.09
CA VAL C 219 -22.72 -34.74 5.99
C VAL C 219 -23.02 -35.52 4.73
N ASN C 220 -24.01 -35.05 3.96
CA ASN C 220 -24.50 -35.77 2.77
C ASN C 220 -24.83 -37.23 3.11
N GLY C 221 -25.33 -37.43 4.33
CA GLY C 221 -25.75 -38.74 4.79
C GLY C 221 -24.62 -39.67 5.20
N GLN C 222 -23.39 -39.17 5.35
CA GLN C 222 -22.24 -40.02 5.63
C GLN C 222 -21.51 -39.50 6.85
N ARG C 223 -21.14 -40.41 7.75
CA ARG C 223 -20.32 -40.04 8.89
C ARG C 223 -18.84 -40.21 8.60
N GLY C 224 -18.50 -41.01 7.58
CA GLY C 224 -17.12 -41.10 7.16
C GLY C 224 -16.65 -39.83 6.48
N ARG C 225 -15.32 -39.76 6.32
CA ARG C 225 -14.69 -38.65 5.63
C ARG C 225 -13.63 -39.19 4.68
N MET C 226 -13.30 -38.38 3.69
CA MET C 226 -12.19 -38.69 2.80
C MET C 226 -11.30 -37.47 2.71
N ASP C 227 -10.04 -37.64 3.06
CA ASP C 227 -9.04 -36.58 2.99
C ASP C 227 -8.19 -36.80 1.76
N PHE C 228 -8.23 -35.85 0.82
CA PHE C 228 -7.44 -35.95 -0.40
C PHE C 228 -6.21 -35.06 -0.34
N PHE C 229 -5.14 -35.53 -0.97
CA PHE C 229 -3.88 -34.83 -1.04
C PHE C 229 -3.44 -34.76 -2.49
N TRP C 230 -2.52 -33.83 -2.78
CA TRP C 230 -2.06 -33.68 -4.15
C TRP C 230 -0.59 -33.37 -4.14
N THR C 231 0.07 -33.60 -5.27
CA THR C 231 1.45 -33.20 -5.41
C THR C 231 1.70 -32.88 -6.87
N ILE C 232 2.80 -32.19 -7.12
CA ILE C 232 3.26 -31.97 -8.49
C ILE C 232 4.45 -32.89 -8.65
N LEU C 233 4.35 -33.82 -9.60
CA LEU C 233 5.41 -34.78 -9.90
C LEU C 233 6.23 -34.25 -11.08
N LYS C 234 7.50 -33.98 -10.82
CA LYS C 234 8.35 -33.34 -11.79
C LYS C 234 8.76 -34.36 -12.88
N PRO C 235 9.19 -33.85 -14.05
CA PRO C 235 9.35 -34.72 -15.23
C PRO C 235 10.05 -36.05 -15.01
N ASP C 236 11.18 -36.15 -14.32
CA ASP C 236 11.83 -37.47 -14.31
C ASP C 236 11.78 -38.13 -12.94
N ASP C 237 10.87 -37.70 -12.08
CA ASP C 237 10.68 -38.23 -10.74
C ASP C 237 9.63 -39.34 -10.77
N ALA C 238 9.51 -40.04 -9.64
CA ALA C 238 8.48 -41.06 -9.49
C ALA C 238 7.80 -40.89 -8.14
N ILE C 239 6.56 -41.34 -8.06
CA ILE C 239 5.79 -41.36 -6.83
C ILE C 239 5.61 -42.81 -6.42
N HIS C 240 5.77 -43.08 -5.14
CA HIS C 240 5.75 -44.43 -4.58
C HIS C 240 4.65 -44.46 -3.53
N PHE C 241 3.72 -45.41 -3.66
CA PHE C 241 2.63 -45.58 -2.73
C PHE C 241 2.77 -46.94 -2.03
N GLU C 242 2.46 -46.95 -0.74
CA GLU C 242 2.39 -48.17 0.04
C GLU C 242 1.20 -48.08 0.97
N SER C 243 0.33 -49.09 0.97
CA SER C 243 -0.81 -49.04 1.87
C SER C 243 -1.30 -50.45 2.20
N ASN C 244 -1.80 -50.62 3.41
CA ASN C 244 -2.53 -51.82 3.79
C ASN C 244 -4.01 -51.55 4.07
N GLY C 245 -4.52 -50.39 3.67
CA GLY C 245 -5.95 -50.14 3.69
C GLY C 245 -6.27 -48.66 3.61
N ASN C 246 -7.57 -48.38 3.40
CA ASN C 246 -8.12 -47.04 3.47
C ASN C 246 -7.59 -46.12 2.38
N PHE C 247 -7.05 -46.71 1.32
CA PHE C 247 -6.33 -46.02 0.27
C PHE C 247 -7.31 -45.70 -0.85
N ILE C 248 -7.44 -44.42 -1.17
CA ILE C 248 -8.15 -43.99 -2.38
C ILE C 248 -7.07 -43.65 -3.39
N ALA C 249 -6.88 -44.54 -4.36
CA ALA C 249 -5.67 -44.49 -5.15
C ALA C 249 -5.88 -43.69 -6.44
N PRO C 250 -4.81 -43.09 -6.96
CA PRO C 250 -4.92 -42.40 -8.25
C PRO C 250 -5.21 -43.36 -9.39
N GLU C 251 -6.11 -42.95 -10.27
CA GLU C 251 -6.30 -43.58 -11.56
C GLU C 251 -5.85 -42.66 -12.69
N TYR C 252 -6.37 -41.45 -12.72
CA TYR C 252 -6.03 -40.44 -13.69
C TYR C 252 -5.26 -39.31 -13.01
N ALA C 253 -4.37 -38.66 -13.75
CA ALA C 253 -3.67 -37.49 -13.27
C ALA C 253 -3.74 -36.42 -14.37
N TYR C 254 -3.22 -35.22 -14.10
CA TYR C 254 -3.36 -34.10 -15.03
C TYR C 254 -2.00 -33.60 -15.49
N LYS C 255 -1.70 -33.80 -16.76
CA LYS C 255 -0.48 -33.27 -17.36
C LYS C 255 -0.65 -31.77 -17.64
N ILE C 256 0.15 -30.95 -16.96
CA ILE C 256 0.09 -29.49 -17.07
C ILE C 256 0.83 -29.11 -18.35
N VAL C 257 0.10 -28.87 -19.43
CA VAL C 257 0.69 -28.69 -20.76
C VAL C 257 0.84 -27.22 -21.13
N LYS C 258 -0.08 -26.35 -20.70
CA LYS C 258 -0.01 -24.93 -21.07
C LYS C 258 -0.15 -24.08 -19.82
N LYS C 259 0.86 -23.27 -19.55
CA LYS C 259 0.87 -22.36 -18.42
C LYS C 259 0.80 -20.93 -18.93
N GLY C 260 0.08 -20.08 -18.21
CA GLY C 260 -0.03 -18.69 -18.60
C GLY C 260 -0.97 -17.98 -17.65
N ASP C 261 -1.19 -16.71 -17.95
CA ASP C 261 -2.00 -15.90 -17.05
C ASP C 261 -3.46 -16.30 -17.13
N SER C 262 -4.09 -16.39 -15.97
CA SER C 262 -5.48 -16.79 -15.85
C SER C 262 -5.98 -16.29 -14.50
N THR C 263 -7.24 -16.59 -14.23
CA THR C 263 -7.84 -16.27 -12.95
C THR C 263 -9.04 -17.17 -12.75
N ILE C 264 -9.38 -17.38 -11.49
CA ILE C 264 -10.61 -18.05 -11.12
C ILE C 264 -11.59 -16.98 -10.69
N MET C 265 -12.58 -16.77 -11.52
CA MET C 265 -13.53 -15.67 -11.41
C MET C 265 -14.76 -16.20 -10.70
N LYS C 266 -15.25 -15.45 -9.73
CA LYS C 266 -16.51 -15.78 -9.09
C LYS C 266 -17.59 -14.96 -9.78
N SER C 267 -18.35 -15.61 -10.67
CA SER C 267 -19.41 -14.96 -11.41
C SER C 267 -20.51 -15.98 -11.68
N GLY C 268 -21.74 -15.49 -11.76
CA GLY C 268 -22.86 -16.30 -12.19
C GLY C 268 -23.55 -15.76 -13.43
N VAL C 269 -22.97 -14.74 -14.10
CA VAL C 269 -23.60 -14.22 -15.30
C VAL C 269 -23.20 -15.08 -16.49
N GLU C 270 -24.07 -15.14 -17.49
CA GLU C 270 -24.01 -16.19 -18.50
C GLU C 270 -23.00 -15.87 -19.60
N TYR C 271 -22.46 -16.93 -20.18
CA TYR C 271 -21.64 -16.81 -21.38
C TYR C 271 -22.47 -16.21 -22.50
N GLY C 272 -21.86 -15.33 -23.29
CA GLY C 272 -22.63 -14.65 -24.32
C GLY C 272 -22.08 -14.73 -25.73
N ASN C 273 -21.26 -15.75 -26.02
CA ASN C 273 -20.69 -15.99 -27.34
C ASN C 273 -20.07 -14.71 -27.93
N CYS C 274 -19.30 -14.01 -27.11
CA CYS C 274 -18.63 -12.76 -27.47
C CYS C 274 -17.12 -12.87 -27.27
N ASN C 275 -16.41 -11.91 -27.85
CA ASN C 275 -14.98 -11.74 -27.62
C ASN C 275 -14.73 -10.39 -26.96
N THR C 276 -13.70 -10.34 -26.13
CA THR C 276 -13.33 -9.13 -25.44
C THR C 276 -11.82 -9.15 -25.19
N LYS C 277 -11.28 -7.99 -24.86
CA LYS C 277 -9.91 -7.89 -24.39
C LYS C 277 -9.83 -7.67 -22.89
N CYS C 278 -10.98 -7.54 -22.22
CA CYS C 278 -11.08 -7.19 -20.81
C CYS C 278 -12.38 -7.77 -20.24
N GLN C 279 -12.27 -8.56 -19.17
CA GLN C 279 -13.41 -9.23 -18.57
C GLN C 279 -13.44 -8.95 -17.08
N THR C 280 -14.64 -8.69 -16.57
CA THR C 280 -14.93 -8.53 -15.15
C THR C 280 -16.01 -9.53 -14.78
N PRO C 281 -16.18 -9.83 -13.49
CA PRO C 281 -17.22 -10.82 -13.11
C PRO C 281 -18.64 -10.34 -13.35
N VAL C 282 -18.85 -9.04 -13.58
CA VAL C 282 -20.18 -8.53 -13.92
C VAL C 282 -20.39 -8.36 -15.42
N GLY C 283 -19.34 -8.38 -16.22
CA GLY C 283 -19.49 -8.16 -17.65
C GLY C 283 -18.19 -7.66 -18.27
N ALA C 284 -18.17 -7.70 -19.60
CA ALA C 284 -16.97 -7.32 -20.34
C ALA C 284 -16.95 -5.82 -20.61
N ILE C 285 -15.74 -5.30 -20.85
CA ILE C 285 -15.51 -3.88 -21.08
C ILE C 285 -14.93 -3.70 -22.49
N ASN C 286 -15.50 -2.77 -23.26
CA ASN C 286 -14.96 -2.37 -24.56
C ASN C 286 -14.70 -0.86 -24.50
N SER C 287 -13.45 -0.47 -24.25
CA SER C 287 -13.22 0.93 -23.92
C SER C 287 -11.77 1.29 -24.21
N SER C 288 -11.57 2.50 -24.70
CA SER C 288 -10.25 3.12 -24.73
C SER C 288 -10.02 4.05 -23.54
N MET C 289 -10.98 4.12 -22.62
CA MET C 289 -10.88 5.03 -21.49
C MET C 289 -9.77 4.58 -20.54
N PRO C 290 -9.03 5.51 -19.94
CA PRO C 290 -7.96 5.13 -19.01
C PRO C 290 -8.43 4.66 -17.64
N PHE C 291 -9.71 4.85 -17.31
CA PHE C 291 -10.26 4.48 -16.01
C PHE C 291 -11.60 3.80 -16.19
N HIS C 292 -11.93 2.92 -15.24
CA HIS C 292 -13.24 2.30 -15.20
C HIS C 292 -13.62 2.10 -13.74
N ASN C 293 -14.92 2.02 -13.50
CA ASN C 293 -15.44 1.78 -12.14
C ASN C 293 -16.31 0.54 -12.10
N ILE C 294 -16.06 -0.41 -12.99
CA ILE C 294 -16.95 -1.58 -13.09
C ILE C 294 -16.69 -2.55 -11.94
N HIS C 295 -15.49 -3.09 -11.85
CA HIS C 295 -15.16 -4.10 -10.83
C HIS C 295 -13.66 -4.07 -10.58
N PRO C 296 -13.23 -4.35 -9.33
CA PRO C 296 -11.78 -4.49 -9.08
C PRO C 296 -11.12 -5.67 -9.78
N LEU C 297 -11.76 -6.84 -9.82
CA LEU C 297 -11.09 -8.06 -10.28
C LEU C 297 -11.33 -8.20 -11.78
N THR C 298 -10.31 -7.89 -12.56
CA THR C 298 -10.37 -7.97 -14.01
C THR C 298 -9.22 -8.83 -14.51
N ILE C 299 -9.34 -9.23 -15.77
CA ILE C 299 -8.28 -9.97 -16.46
C ILE C 299 -8.19 -9.42 -17.87
N GLY C 300 -6.95 -9.21 -18.35
CA GLY C 300 -6.69 -8.74 -19.70
C GLY C 300 -6.18 -7.31 -19.71
N GLU C 301 -6.21 -6.70 -20.89
CA GLU C 301 -5.84 -5.30 -21.01
C GLU C 301 -7.07 -4.46 -20.68
N CYS C 302 -7.03 -3.79 -19.53
CA CYS C 302 -8.18 -3.15 -18.91
C CYS C 302 -7.85 -1.71 -18.54
N PRO C 303 -8.88 -0.88 -18.36
CA PRO C 303 -8.65 0.42 -17.72
C PRO C 303 -8.31 0.24 -16.25
N LYS C 304 -7.76 1.29 -15.66
CA LYS C 304 -7.42 1.24 -14.25
C LYS C 304 -8.68 1.49 -13.42
N TYR C 305 -8.90 0.64 -12.44
CA TYR C 305 -10.13 0.68 -11.66
C TYR C 305 -10.06 1.80 -10.62
N VAL C 306 -11.18 2.48 -10.44
CA VAL C 306 -11.31 3.52 -9.44
C VAL C 306 -12.74 3.47 -8.95
N LYS C 307 -12.94 3.90 -7.70
CA LYS C 307 -14.28 3.97 -7.13
C LYS C 307 -15.03 5.23 -7.56
N SER C 308 -14.41 6.08 -8.37
CA SER C 308 -15.04 7.31 -8.83
C SER C 308 -16.32 7.04 -9.58
N ASN C 309 -17.29 7.94 -9.42
CA ASN C 309 -18.46 7.95 -10.29
C ASN C 309 -18.33 8.94 -11.45
N LYS C 310 -17.43 9.91 -11.35
CA LYS C 310 -17.22 10.90 -12.38
C LYS C 310 -15.73 11.16 -12.50
N LEU C 311 -15.22 11.23 -13.72
CA LEU C 311 -13.85 11.67 -13.98
C LEU C 311 -13.87 12.36 -15.34
N VAL C 312 -13.98 13.69 -15.32
CA VAL C 312 -14.12 14.50 -16.54
C VAL C 312 -13.05 15.60 -16.53
N LEU C 313 -12.21 15.62 -17.55
CA LEU C 313 -11.13 16.58 -17.66
C LEU C 313 -11.55 17.76 -18.52
N ALA C 314 -11.34 18.97 -17.99
CA ALA C 314 -11.70 20.17 -18.73
C ALA C 314 -10.67 20.44 -19.80
N THR C 315 -11.09 20.48 -21.06
CA THR C 315 -10.20 20.87 -22.14
C THR C 315 -10.49 22.26 -22.66
N GLY C 316 -11.76 22.69 -22.63
CA GLY C 316 -12.15 23.98 -23.14
C GLY C 316 -12.31 25.03 -22.04
N LEU C 317 -12.83 26.18 -22.45
CA LEU C 317 -12.96 27.34 -21.58
C LEU C 317 -14.24 27.27 -20.76
N ARG C 318 -14.36 28.19 -19.80
CA ARG C 318 -15.63 28.36 -19.10
C ARG C 318 -16.68 28.90 -20.06
N ASN C 319 -17.83 28.24 -20.13
CA ASN C 319 -18.89 28.61 -21.06
C ASN C 319 -19.70 29.80 -20.55
N SER C 320 -20.21 30.59 -21.49
CA SER C 320 -20.98 31.79 -21.15
C SER C 320 -22.49 31.60 -21.36
N LEU C 331 -6.30 33.12 -10.86
CA LEU C 331 -7.04 33.68 -12.00
C LEU C 331 -6.49 34.97 -12.55
N PHE C 332 -6.51 35.07 -13.87
CA PHE C 332 -6.17 36.27 -14.61
C PHE C 332 -7.45 37.01 -14.95
N GLY C 333 -7.34 38.32 -15.11
CA GLY C 333 -8.57 39.08 -15.05
C GLY C 333 -9.37 39.18 -16.33
N ALA C 334 -9.23 38.21 -17.26
CA ALA C 334 -9.81 38.33 -18.60
C ALA C 334 -11.15 37.61 -18.72
N ILE C 335 -11.13 36.28 -18.76
CA ILE C 335 -12.34 35.50 -18.91
C ILE C 335 -13.24 35.74 -17.71
N ALA C 336 -14.50 36.11 -17.99
CA ALA C 336 -15.46 36.52 -16.96
C ALA C 336 -14.87 37.61 -16.07
N GLY C 337 -14.06 38.48 -16.67
CA GLY C 337 -13.40 39.60 -16.03
C GLY C 337 -13.77 40.89 -16.74
N PHE C 338 -12.80 41.53 -17.40
CA PHE C 338 -13.15 42.74 -18.18
C PHE C 338 -13.80 42.38 -19.51
N ILE C 339 -13.51 41.21 -20.06
CA ILE C 339 -14.30 40.62 -21.13
C ILE C 339 -15.37 39.77 -20.45
N GLU C 340 -16.61 40.25 -20.48
CA GLU C 340 -17.63 39.71 -19.58
C GLU C 340 -18.24 38.41 -20.09
N GLY C 341 -18.29 38.21 -21.41
CA GLY C 341 -18.96 37.05 -21.96
C GLY C 341 -18.26 36.51 -23.18
N GLY C 342 -18.61 35.25 -23.53
CA GLY C 342 -18.09 34.60 -24.71
C GLY C 342 -18.87 34.96 -25.94
N TRP C 343 -18.27 34.66 -27.10
CA TRP C 343 -18.81 34.98 -28.42
C TRP C 343 -19.29 33.69 -29.06
N GLN C 344 -20.62 33.53 -29.14
CA GLN C 344 -21.19 32.37 -29.82
C GLN C 344 -20.96 32.41 -31.32
N GLY C 345 -20.91 33.61 -31.89
CA GLY C 345 -20.63 33.73 -33.31
C GLY C 345 -19.22 33.36 -33.71
N MET C 346 -18.37 33.01 -32.76
CA MET C 346 -16.99 32.61 -33.04
C MET C 346 -16.89 31.09 -32.96
N VAL C 347 -16.75 30.45 -34.11
CA VAL C 347 -16.81 28.99 -34.19
C VAL C 347 -15.42 28.37 -34.25
N ASP C 348 -14.52 28.95 -35.04
CA ASP C 348 -13.17 28.41 -35.19
C ASP C 348 -12.23 29.07 -34.19
N GLY C 349 -11.38 28.25 -33.58
CA GLY C 349 -10.39 28.73 -32.63
C GLY C 349 -10.95 29.00 -31.25
N TRP C 350 -10.06 29.01 -30.27
CA TRP C 350 -10.47 29.23 -28.89
C TRP C 350 -10.40 30.70 -28.49
N TYR C 351 -9.50 31.46 -29.10
CA TYR C 351 -9.41 32.91 -28.87
C TYR C 351 -9.29 33.62 -30.21
N GLY C 352 -9.62 34.91 -30.20
CA GLY C 352 -9.47 35.69 -31.42
C GLY C 352 -10.04 37.09 -31.24
N TYR C 353 -10.42 37.68 -32.36
CA TYR C 353 -10.83 39.08 -32.40
C TYR C 353 -12.16 39.22 -33.12
N HIS C 354 -12.94 40.23 -32.71
CA HIS C 354 -14.10 40.69 -33.44
C HIS C 354 -13.83 42.10 -33.93
N HIS C 355 -13.95 42.32 -35.24
CA HIS C 355 -13.61 43.59 -35.87
C HIS C 355 -14.88 44.30 -36.31
N SER C 356 -14.85 45.63 -36.24
CA SER C 356 -16.02 46.47 -36.54
C SER C 356 -15.54 47.77 -37.18
N ASN C 357 -15.95 48.00 -38.43
CA ASN C 357 -15.67 49.26 -39.12
C ASN C 357 -16.72 49.46 -40.20
N GLU C 358 -16.56 50.56 -40.97
CA GLU C 358 -17.51 50.84 -42.05
C GLU C 358 -17.38 49.85 -43.19
N GLN C 359 -16.19 49.27 -43.39
CA GLN C 359 -15.99 48.31 -44.47
C GLN C 359 -16.66 46.98 -44.19
N GLY C 360 -16.80 46.59 -42.93
CA GLY C 360 -17.45 45.32 -42.63
C GLY C 360 -17.31 44.96 -41.16
N SER C 361 -17.78 43.76 -40.85
CA SER C 361 -17.74 43.25 -39.49
C SER C 361 -17.61 41.73 -39.53
N GLY C 362 -16.99 41.17 -38.49
CA GLY C 362 -16.79 39.73 -38.45
C GLY C 362 -15.89 39.24 -37.34
N TYR C 363 -15.96 37.94 -37.05
CA TYR C 363 -15.12 37.29 -36.06
C TYR C 363 -13.93 36.64 -36.76
N ALA C 364 -12.73 36.86 -36.23
CA ALA C 364 -11.51 36.28 -36.77
C ALA C 364 -10.72 35.61 -35.66
N ALA C 365 -10.34 34.36 -35.88
CA ALA C 365 -9.63 33.60 -34.84
C ALA C 365 -8.15 33.88 -34.89
N ASP C 366 -7.49 33.73 -33.73
CA ASP C 366 -6.05 33.86 -33.62
C ASP C 366 -5.50 32.44 -33.59
N LYS C 367 -5.15 31.94 -34.78
CA LYS C 367 -4.71 30.56 -34.89
C LYS C 367 -3.43 30.31 -34.10
N GLU C 368 -2.57 31.32 -33.95
CA GLU C 368 -1.30 31.15 -33.25
C GLU C 368 -1.53 30.86 -31.78
N SER C 369 -2.26 31.75 -31.10
CA SER C 369 -2.54 31.53 -29.68
C SER C 369 -3.38 30.29 -29.46
N THR C 370 -4.28 29.96 -30.41
CA THR C 370 -5.17 28.82 -30.24
C THR C 370 -4.41 27.50 -30.29
N GLN C 371 -3.56 27.32 -31.30
CA GLN C 371 -2.80 26.08 -31.40
C GLN C 371 -1.89 25.87 -30.19
N LYS C 372 -1.32 26.96 -29.66
CA LYS C 372 -0.53 26.87 -28.43
C LYS C 372 -1.36 26.27 -27.30
N ALA C 373 -2.62 26.70 -27.21
CA ALA C 373 -3.50 26.21 -26.16
C ALA C 373 -3.93 24.78 -26.42
N ILE C 374 -4.25 24.44 -27.68
CA ILE C 374 -4.66 23.09 -28.00
C ILE C 374 -3.53 22.11 -27.73
N ASP C 375 -2.30 22.47 -28.17
CA ASP C 375 -1.15 21.61 -27.93
C ASP C 375 -0.94 21.36 -26.44
N GLY C 376 -0.95 22.44 -25.65
CA GLY C 376 -0.76 22.28 -24.21
C GLY C 376 -1.87 21.48 -23.55
N VAL C 377 -3.12 21.78 -23.92
CA VAL C 377 -4.24 21.07 -23.29
C VAL C 377 -4.21 19.60 -23.66
N THR C 378 -3.88 19.30 -24.92
CA THR C 378 -3.82 17.91 -25.36
C THR C 378 -2.67 17.17 -24.70
N ASN C 379 -1.49 17.79 -24.61
CA ASN C 379 -0.37 17.13 -23.95
C ASN C 379 -0.65 16.88 -22.48
N LYS C 380 -1.41 17.77 -21.82
CA LYS C 380 -1.76 17.53 -20.43
C LYS C 380 -2.63 16.28 -20.27
N VAL C 381 -3.60 16.11 -21.15
CA VAL C 381 -4.43 14.91 -21.13
C VAL C 381 -3.58 13.66 -21.37
N ASN C 382 -2.64 13.74 -22.31
CA ASN C 382 -1.77 12.59 -22.58
C ASN C 382 -0.86 12.30 -21.39
N SER C 383 -0.25 13.34 -20.80
CA SER C 383 0.61 13.13 -19.64
C SER C 383 -0.18 12.51 -18.49
N ILE C 384 -1.44 12.91 -18.33
CA ILE C 384 -2.22 12.38 -17.23
C ILE C 384 -2.53 10.92 -17.45
N ILE C 385 -2.91 10.56 -18.68
CA ILE C 385 -3.17 9.15 -19.02
C ILE C 385 -1.91 8.32 -18.82
N ASP C 386 -0.75 8.87 -19.20
CA ASP C 386 0.50 8.10 -19.16
C ASP C 386 0.92 7.79 -17.73
N LYS C 387 0.71 8.72 -16.80
CA LYS C 387 1.17 8.51 -15.44
C LYS C 387 0.38 7.43 -14.71
N MET C 388 -0.81 7.09 -15.20
CA MET C 388 -1.66 6.10 -14.57
C MET C 388 -1.55 4.72 -15.23
N ASN C 389 -0.52 4.49 -16.06
CA ASN C 389 -0.32 3.16 -16.65
C ASN C 389 0.00 2.11 -15.59
N THR C 390 0.79 2.49 -14.58
CA THR C 390 1.24 1.56 -13.54
C THR C 390 0.43 1.81 -12.29
N GLN C 391 -0.63 1.01 -12.11
CA GLN C 391 -1.47 1.08 -10.92
C GLN C 391 -1.58 -0.30 -10.31
N PHE C 392 -2.05 -0.34 -9.07
CA PHE C 392 -2.25 -1.61 -8.39
C PHE C 392 -3.40 -2.36 -9.05
N GLU C 393 -3.21 -3.66 -9.31
CA GLU C 393 -4.25 -4.51 -9.86
C GLU C 393 -4.52 -5.67 -8.91
N ALA C 394 -5.78 -5.83 -8.50
CA ALA C 394 -6.12 -6.89 -7.56
C ALA C 394 -6.00 -8.27 -8.22
N VAL C 395 -5.60 -9.27 -7.42
CA VAL C 395 -5.42 -10.64 -7.87
C VAL C 395 -6.17 -11.57 -6.92
N GLY C 396 -6.84 -12.57 -7.47
CA GLY C 396 -7.66 -13.47 -6.70
C GLY C 396 -6.89 -14.35 -5.73
N ARG C 397 -6.98 -14.05 -4.43
CA ARG C 397 -6.33 -14.87 -3.42
C ARG C 397 -7.37 -15.41 -2.45
N GLU C 398 -7.45 -16.74 -2.36
CA GLU C 398 -8.39 -17.44 -1.47
C GLU C 398 -7.73 -17.93 -0.18
N PHE C 399 -8.46 -17.80 0.93
CA PHE C 399 -8.02 -18.24 2.25
C PHE C 399 -9.06 -19.13 2.91
N ASN C 400 -8.61 -19.99 3.83
CA ASN C 400 -9.56 -20.88 4.51
C ASN C 400 -10.01 -20.22 5.83
N ASN C 401 -10.79 -20.96 6.62
CA ASN C 401 -11.51 -20.42 7.76
C ASN C 401 -10.61 -20.16 8.97
N LEU C 402 -9.47 -20.83 9.07
CA LEU C 402 -8.48 -20.55 10.11
C LEU C 402 -7.29 -19.75 9.56
N GLU C 403 -7.55 -18.93 8.54
CA GLU C 403 -6.58 -18.10 7.86
C GLU C 403 -7.16 -16.71 7.70
N ARG C 404 -7.93 -16.30 8.72
CA ARG C 404 -8.71 -15.07 8.65
C ARG C 404 -7.86 -13.84 8.88
N ARG C 405 -6.70 -13.95 9.53
CA ARG C 405 -5.88 -12.76 9.68
C ARG C 405 -5.25 -12.39 8.34
N ILE C 406 -4.54 -13.34 7.70
CA ILE C 406 -3.96 -13.02 6.41
C ILE C 406 -5.03 -12.69 5.39
N GLU C 407 -6.23 -13.25 5.51
CA GLU C 407 -7.29 -12.84 4.60
C GLU C 407 -7.64 -11.37 4.78
N ASN C 408 -7.73 -10.93 6.04
CA ASN C 408 -8.06 -9.55 6.33
C ASN C 408 -6.94 -8.61 5.94
N LEU C 409 -5.69 -9.02 6.18
CA LEU C 409 -4.55 -8.27 5.66
C LEU C 409 -4.62 -8.11 4.14
N ASN C 410 -4.84 -9.22 3.42
CA ASN C 410 -5.09 -9.12 1.98
C ASN C 410 -6.13 -8.06 1.65
N LYS C 411 -7.30 -8.16 2.27
CA LYS C 411 -8.40 -7.25 1.93
C LYS C 411 -8.00 -5.80 2.16
N LYS C 412 -7.36 -5.54 3.29
CA LYS C 412 -6.98 -4.18 3.63
C LYS C 412 -5.91 -3.66 2.69
N MET C 413 -5.01 -4.51 2.25
CA MET C 413 -4.01 -4.10 1.29
C MET C 413 -4.65 -3.73 -0.05
N GLU C 414 -5.41 -4.66 -0.66
CA GLU C 414 -6.03 -4.40 -1.96
C GLU C 414 -6.95 -3.19 -1.90
N ASP C 415 -7.74 -3.06 -0.83
CA ASP C 415 -8.60 -1.90 -0.67
C ASP C 415 -7.80 -0.63 -0.36
N GLY C 416 -6.66 -0.78 0.31
CA GLY C 416 -5.80 0.36 0.55
C GLY C 416 -5.27 0.98 -0.72
N PHE C 417 -4.67 0.17 -1.58
CA PHE C 417 -4.12 0.69 -2.83
C PHE C 417 -5.22 1.30 -3.69
N LEU C 418 -6.37 0.61 -3.78
CA LEU C 418 -7.47 1.13 -4.56
C LEU C 418 -7.90 2.52 -4.07
N ASP C 419 -7.93 2.76 -2.76
CA ASP C 419 -8.22 4.09 -2.24
C ASP C 419 -7.13 5.10 -2.60
N VAL C 420 -5.86 4.67 -2.57
CA VAL C 420 -4.78 5.58 -2.87
C VAL C 420 -4.91 6.11 -4.30
N TRP C 421 -5.16 5.21 -5.25
CA TRP C 421 -5.29 5.57 -6.64
C TRP C 421 -6.62 6.27 -6.93
N THR C 422 -7.68 5.99 -6.17
CA THR C 422 -8.91 6.75 -6.37
C THR C 422 -8.70 8.20 -5.98
N TYR C 423 -8.05 8.44 -4.84
CA TYR C 423 -7.69 9.81 -4.47
C TYR C 423 -6.75 10.43 -5.50
N ASN C 424 -5.80 9.66 -6.02
CA ASN C 424 -4.82 10.24 -6.93
C ASN C 424 -5.48 10.71 -8.22
N ALA C 425 -6.45 9.94 -8.70
CA ALA C 425 -7.13 10.26 -9.95
C ALA C 425 -8.08 11.44 -9.79
N GLU C 426 -8.80 11.50 -8.66
CA GLU C 426 -9.78 12.56 -8.48
C GLU C 426 -9.11 13.89 -8.15
N LEU C 427 -8.05 13.85 -7.35
CA LEU C 427 -7.32 15.06 -7.00
C LEU C 427 -6.58 15.63 -8.20
N LEU C 428 -6.00 14.76 -9.02
CA LEU C 428 -5.27 15.23 -10.19
C LEU C 428 -6.20 15.92 -11.18
N VAL C 429 -7.41 15.37 -11.35
CA VAL C 429 -8.37 15.98 -12.26
C VAL C 429 -8.82 17.35 -11.74
N LEU C 430 -9.03 17.46 -10.44
CA LEU C 430 -9.46 18.73 -9.85
C LEU C 430 -8.38 19.80 -9.99
N MET C 431 -7.15 19.48 -9.58
CA MET C 431 -6.07 20.46 -9.65
C MET C 431 -5.77 20.88 -11.09
N GLU C 432 -5.75 19.92 -12.01
CA GLU C 432 -5.42 20.27 -13.37
C GLU C 432 -6.58 20.91 -14.12
N ASN C 433 -7.83 20.68 -13.68
CA ASN C 433 -8.95 21.42 -14.24
C ASN C 433 -8.84 22.89 -13.87
N GLU C 434 -8.57 23.18 -12.57
CA GLU C 434 -8.28 24.54 -12.15
C GLU C 434 -7.16 25.15 -12.97
N ARG C 435 -6.07 24.40 -13.16
CA ARG C 435 -4.93 24.93 -13.90
C ARG C 435 -5.29 25.19 -15.36
N THR C 436 -6.17 24.36 -15.94
CA THR C 436 -6.54 24.52 -17.34
C THR C 436 -7.41 25.75 -17.56
N LEU C 437 -8.38 25.99 -16.68
CA LEU C 437 -9.20 27.20 -16.79
C LEU C 437 -8.34 28.44 -16.63
N ASP C 438 -7.42 28.43 -15.67
CA ASP C 438 -6.50 29.56 -15.52
C ASP C 438 -5.57 29.72 -16.71
N PHE C 439 -5.31 28.63 -17.43
CA PHE C 439 -4.47 28.70 -18.63
C PHE C 439 -5.19 29.44 -19.78
N HIS C 440 -6.49 29.19 -19.96
CA HIS C 440 -7.27 29.91 -20.96
C HIS C 440 -7.41 31.39 -20.58
N ASP C 441 -7.59 31.68 -19.29
CA ASP C 441 -7.66 33.06 -18.85
C ASP C 441 -6.36 33.80 -19.14
N SER C 442 -5.22 33.13 -18.95
CA SER C 442 -3.92 33.75 -19.21
C SER C 442 -3.67 33.93 -20.70
N ASN C 443 -4.17 33.02 -21.54
CA ASN C 443 -3.94 33.14 -22.98
C ASN C 443 -4.75 34.31 -23.55
N VAL C 444 -5.95 34.55 -23.02
CA VAL C 444 -6.77 35.67 -23.48
C VAL C 444 -6.12 37.00 -23.09
N LYS C 445 -5.63 37.13 -21.87
CA LYS C 445 -5.04 38.40 -21.45
C LYS C 445 -3.75 38.69 -22.20
N ASN C 446 -2.98 37.63 -22.52
CA ASN C 446 -1.74 37.83 -23.26
C ASN C 446 -2.01 38.26 -24.69
N LEU C 447 -3.17 37.87 -25.23
CA LEU C 447 -3.59 38.37 -26.53
C LEU C 447 -4.14 39.78 -26.44
N TYR C 448 -4.85 40.11 -25.36
CA TYR C 448 -5.32 41.48 -25.15
C TYR C 448 -4.14 42.43 -24.97
N ASP C 449 -3.07 41.96 -24.32
CA ASP C 449 -1.88 42.78 -24.20
C ASP C 449 -1.05 42.78 -25.48
N LYS C 450 -1.27 41.80 -26.37
CA LYS C 450 -0.62 41.80 -27.68
C LYS C 450 -1.15 42.94 -28.55
N VAL C 451 -2.47 43.12 -28.55
CA VAL C 451 -3.08 44.20 -29.32
C VAL C 451 -2.73 45.55 -28.69
N ARG C 452 -2.94 45.67 -27.38
CA ARG C 452 -2.43 46.80 -26.62
C ARG C 452 -0.89 46.83 -26.73
N LEU C 453 -0.28 47.94 -26.32
CA LEU C 453 1.17 48.15 -26.45
C LEU C 453 1.60 48.06 -27.90
N GLN C 454 0.64 48.16 -28.80
CA GLN C 454 0.85 48.13 -30.24
C GLN C 454 -0.07 49.18 -30.84
N LEU C 455 -1.30 49.27 -30.31
CA LEU C 455 -2.22 50.34 -30.70
C LEU C 455 -1.91 51.63 -29.94
N ARG C 456 -1.74 51.54 -28.63
CA ARG C 456 -1.40 52.67 -27.74
C ARG C 456 -2.52 53.70 -27.82
N ASP C 457 -2.20 54.99 -27.85
CA ASP C 457 -3.20 56.05 -27.79
C ASP C 457 -3.90 56.28 -29.12
N ASN C 458 -3.63 55.46 -30.13
CA ASN C 458 -4.44 55.46 -31.35
C ASN C 458 -5.86 54.97 -31.09
N ALA C 459 -6.12 54.34 -29.95
CA ALA C 459 -7.46 53.96 -29.56
C ALA C 459 -7.61 54.12 -28.06
N LYS C 460 -8.85 54.33 -27.62
CA LYS C 460 -9.17 54.32 -26.20
C LYS C 460 -9.63 52.92 -25.83
N GLU C 461 -9.03 52.34 -24.80
CA GLU C 461 -9.43 51.01 -24.38
C GLU C 461 -10.64 51.12 -23.47
N LEU C 462 -11.78 50.60 -23.93
CA LEU C 462 -13.03 50.73 -23.21
C LEU C 462 -13.08 49.88 -21.96
N GLY C 463 -12.23 48.86 -21.85
CA GLY C 463 -12.23 47.97 -20.71
C GLY C 463 -13.16 46.79 -20.83
N ASN C 464 -13.97 46.71 -21.89
CA ASN C 464 -14.81 45.55 -22.12
C ASN C 464 -14.13 44.50 -22.99
N GLY C 465 -12.84 44.69 -23.30
CA GLY C 465 -12.13 43.88 -24.25
C GLY C 465 -12.00 44.51 -25.63
N CYS C 466 -12.65 45.64 -25.89
CA CYS C 466 -12.60 46.31 -27.17
C CYS C 466 -11.75 47.57 -27.09
N PHE C 467 -11.08 47.89 -28.19
CA PHE C 467 -10.32 49.13 -28.34
C PHE C 467 -11.05 50.03 -29.33
N GLU C 468 -11.67 51.11 -28.84
CA GLU C 468 -12.40 52.02 -29.71
C GLU C 468 -11.41 52.92 -30.44
N PHE C 469 -11.19 52.64 -31.74
CA PHE C 469 -10.19 53.37 -32.51
C PHE C 469 -10.55 54.85 -32.64
N TYR C 470 -9.65 55.73 -32.15
CA TYR C 470 -9.83 57.15 -32.39
C TYR C 470 -9.80 57.47 -33.87
N HIS C 471 -9.00 56.74 -34.63
CA HIS C 471 -8.97 56.85 -36.09
C HIS C 471 -9.85 55.75 -36.69
N LYS C 472 -9.78 55.62 -38.01
CA LYS C 472 -10.58 54.64 -38.75
C LYS C 472 -9.66 53.58 -39.33
N CYS C 473 -10.13 52.33 -39.34
CA CYS C 473 -9.36 51.20 -39.85
C CYS C 473 -10.04 50.60 -41.07
N ASP C 474 -9.27 50.44 -42.15
CA ASP C 474 -9.61 49.53 -43.24
C ASP C 474 -9.82 48.13 -42.69
N ASN C 475 -10.53 47.29 -43.46
CA ASN C 475 -10.63 45.88 -43.06
C ASN C 475 -9.25 45.22 -43.06
N GLU C 476 -8.36 45.67 -43.94
CA GLU C 476 -6.97 45.24 -43.87
C GLU C 476 -6.25 45.84 -42.67
N CYS C 477 -6.71 47.00 -42.20
CA CYS C 477 -6.12 47.61 -41.01
C CYS C 477 -6.30 46.70 -39.80
N MET C 478 -7.49 46.11 -39.65
CA MET C 478 -7.69 45.18 -38.55
C MET C 478 -6.86 43.93 -38.74
N GLU C 479 -6.58 43.55 -39.99
CA GLU C 479 -5.79 42.34 -40.23
C GLU C 479 -4.36 42.50 -39.75
N SER C 480 -3.77 43.68 -39.95
CA SER C 480 -2.36 43.89 -39.62
C SER C 480 -2.10 43.66 -38.14
N VAL C 481 -3.01 44.10 -37.27
CA VAL C 481 -2.84 43.89 -35.84
C VAL C 481 -2.99 42.41 -35.49
N ARG C 482 -3.95 41.73 -36.12
CA ARG C 482 -4.09 40.29 -35.95
C ARG C 482 -2.86 39.54 -36.41
N ASN C 483 -2.20 40.02 -37.46
CA ASN C 483 -0.93 39.45 -37.87
C ASN C 483 0.18 39.71 -36.84
N GLY C 484 0.05 40.78 -36.04
CA GLY C 484 1.07 41.14 -35.09
C GLY C 484 1.95 42.31 -35.48
N THR C 485 1.72 42.92 -36.66
CA THR C 485 2.52 44.03 -37.14
C THR C 485 1.60 45.18 -37.52
N TYR C 486 1.76 46.32 -36.86
CA TYR C 486 0.88 47.46 -37.03
C TYR C 486 1.68 48.74 -36.82
N ASP C 487 1.44 49.73 -37.69
CA ASP C 487 2.21 50.98 -37.70
C ASP C 487 1.51 52.06 -36.90
N TYR C 488 2.09 52.43 -35.75
CA TYR C 488 1.54 53.44 -34.85
C TYR C 488 1.70 54.85 -35.43
N PRO C 489 2.86 55.25 -35.95
CA PRO C 489 2.99 56.61 -36.51
C PRO C 489 2.10 56.89 -37.72
N GLN C 490 1.68 55.86 -38.46
CA GLN C 490 0.92 56.11 -39.69
C GLN C 490 -0.42 56.78 -39.41
N TYR C 491 -1.05 56.45 -38.28
CA TYR C 491 -2.38 56.96 -37.94
C TYR C 491 -2.36 57.88 -36.71
N SER C 492 -1.17 58.25 -36.24
CA SER C 492 -1.06 59.06 -35.03
C SER C 492 -1.73 60.43 -35.18
N GLU C 493 -1.83 60.95 -36.40
CA GLU C 493 -2.31 62.30 -36.65
C GLU C 493 -3.83 62.41 -36.53
N GLU C 494 -4.58 61.43 -37.05
CA GLU C 494 -6.03 61.50 -37.00
C GLU C 494 -6.56 61.45 -35.56
N ALA C 495 -5.86 60.74 -34.65
CA ALA C 495 -6.35 60.58 -33.28
C ALA C 495 -6.28 61.86 -32.46
N ARG C 496 -5.27 62.70 -32.69
CA ARG C 496 -5.14 63.94 -31.92
C ARG C 496 -6.30 64.88 -32.19
N LEU C 497 -6.76 64.95 -33.45
CA LEU C 497 -7.89 65.80 -33.80
C LEU C 497 -9.19 65.25 -33.23
N LYS C 498 -9.35 63.92 -33.23
CA LYS C 498 -10.54 63.29 -32.66
C LYS C 498 -10.61 63.48 -31.15
N ARG C 499 -9.45 63.58 -30.49
CA ARG C 499 -9.42 63.99 -29.10
C ARG C 499 -9.90 65.43 -28.96
N GLU C 500 -10.86 65.64 -28.06
CA GLU C 500 -11.52 66.93 -27.89
C GLU C 500 -12.13 67.43 -29.20
#